data_1PIP
# 
_entry.id   1PIP 
# 
_audit_conform.dict_name       mmcif_pdbx.dic 
_audit_conform.dict_version    5.398 
_audit_conform.dict_location   http://mmcif.pdb.org/dictionaries/ascii/mmcif_pdbx.dic 
# 
loop_
_database_2.database_id 
_database_2.database_code 
_database_2.pdbx_database_accession 
_database_2.pdbx_DOI 
PDB   1PIP         pdb_00001pip 10.2210/pdb1pip/pdb 
WWPDB D_1000175702 ?            ?                   
# 
loop_
_pdbx_audit_revision_history.ordinal 
_pdbx_audit_revision_history.data_content_type 
_pdbx_audit_revision_history.major_revision 
_pdbx_audit_revision_history.minor_revision 
_pdbx_audit_revision_history.revision_date 
1 'Structure model' 1 0 1993-10-31 
2 'Structure model' 1 1 2008-03-24 
3 'Structure model' 1 2 2011-07-13 
4 'Structure model' 1 3 2012-12-12 
5 'Structure model' 1 4 2017-11-29 
6 'Structure model' 2 0 2024-04-24 
7 'Structure model' 2 1 2024-11-13 
# 
_pdbx_audit_revision_details.ordinal             1 
_pdbx_audit_revision_details.revision_ordinal    1 
_pdbx_audit_revision_details.data_content_type   'Structure model' 
_pdbx_audit_revision_details.provider            repository 
_pdbx_audit_revision_details.type                'Initial release' 
_pdbx_audit_revision_details.description         ? 
_pdbx_audit_revision_details.details             ? 
# 
loop_
_pdbx_audit_revision_group.ordinal 
_pdbx_audit_revision_group.revision_ordinal 
_pdbx_audit_revision_group.data_content_type 
_pdbx_audit_revision_group.group 
1  2 'Structure model' 'Version format compliance' 
2  3 'Structure model' 'Atomic model'              
3  3 'Structure model' 'Database references'       
4  3 'Structure model' 'Derived calculations'      
5  3 'Structure model' 'Non-polymer description'   
6  3 'Structure model' 'Structure summary'         
7  3 'Structure model' 'Version format compliance' 
8  4 'Structure model' Other                       
9  5 'Structure model' 'Derived calculations'      
10 5 'Structure model' Other                       
11 6 'Structure model' Advisory                    
12 6 'Structure model' 'Atomic model'              
13 6 'Structure model' 'Data collection'           
14 6 'Structure model' 'Database references'       
15 6 'Structure model' 'Derived calculations'      
16 6 'Structure model' 'Non-polymer description'   
17 6 'Structure model' 'Polymer sequence'          
18 6 'Structure model' 'Source and taxonomy'       
19 6 'Structure model' 'Structure summary'         
20 7 'Structure model' 'Structure summary'         
# 
loop_
_pdbx_audit_revision_category.ordinal 
_pdbx_audit_revision_category.revision_ordinal 
_pdbx_audit_revision_category.data_content_type 
_pdbx_audit_revision_category.category 
1  5 'Structure model' pdbx_database_status       
2  5 'Structure model' struct_conf                
3  5 'Structure model' struct_conf_type           
4  6 'Structure model' atom_site                  
5  6 'Structure model' chem_comp                  
6  6 'Structure model' chem_comp_atom             
7  6 'Structure model' chem_comp_bond             
8  6 'Structure model' database_2                 
9  6 'Structure model' entity                     
10 6 'Structure model' entity_name_com            
11 6 'Structure model' entity_poly                
12 6 'Structure model' entity_poly_seq            
13 6 'Structure model' entity_src_gen             
14 6 'Structure model' pdbx_entity_src_syn        
15 6 'Structure model' pdbx_poly_seq_scheme       
16 6 'Structure model' pdbx_validate_symm_contact 
17 6 'Structure model' struct_conn                
18 6 'Structure model' struct_ref                 
19 6 'Structure model' struct_ref_seq             
20 6 'Structure model' struct_ref_seq_dif         
21 7 'Structure model' pdbx_entry_details         
22 7 'Structure model' pdbx_modification_feature  
# 
loop_
_pdbx_audit_revision_item.ordinal 
_pdbx_audit_revision_item.revision_ordinal 
_pdbx_audit_revision_item.data_content_type 
_pdbx_audit_revision_item.item 
1  5 'Structure model' '_pdbx_database_status.process_site'           
2  6 'Structure model' '_atom_site.Cartn_x'                           
3  6 'Structure model' '_atom_site.Cartn_y'                           
4  6 'Structure model' '_atom_site.Cartn_z'                           
5  6 'Structure model' '_atom_site.auth_atom_id'                      
6  6 'Structure model' '_atom_site.auth_comp_id'                      
7  6 'Structure model' '_atom_site.auth_seq_id'                       
8  6 'Structure model' '_atom_site.group_PDB'                         
9  6 'Structure model' '_atom_site.label_atom_id'                     
10 6 'Structure model' '_atom_site.label_comp_id'                     
11 6 'Structure model' '_atom_site.label_seq_id'                      
12 6 'Structure model' '_atom_site.type_symbol'                       
13 6 'Structure model' '_chem_comp.formula'                           
14 6 'Structure model' '_chem_comp.formula_weight'                    
15 6 'Structure model' '_chem_comp.id'                                
16 6 'Structure model' '_chem_comp.mon_nstd_flag'                     
17 6 'Structure model' '_chem_comp.name'                              
18 6 'Structure model' '_chem_comp.pdbx_synonyms'                     
19 6 'Structure model' '_chem_comp.type'                              
20 6 'Structure model' '_database_2.pdbx_DOI'                         
21 6 'Structure model' '_database_2.pdbx_database_accession'          
22 6 'Structure model' '_entity.pdbx_description'                     
23 6 'Structure model' '_entity_poly.pdbx_seq_one_letter_code'        
24 6 'Structure model' '_entity_poly.pdbx_seq_one_letter_code_can'    
25 6 'Structure model' '_entity_src_gen.pdbx_beg_seq_num'             
26 6 'Structure model' '_entity_src_gen.pdbx_end_seq_num'             
27 6 'Structure model' '_entity_src_gen.pdbx_seq_type'                
28 6 'Structure model' '_struct_ref.pdbx_align_begin'                 
29 6 'Structure model' '_struct_ref.pdbx_seq_one_letter_code'         
30 6 'Structure model' '_struct_ref_seq.db_align_beg'                 
31 6 'Structure model' '_struct_ref_seq.pdbx_auth_seq_align_beg'      
32 6 'Structure model' '_struct_ref_seq.seq_align_end'                
33 6 'Structure model' '_struct_ref_seq_dif.details'                  
34 7 'Structure model' '_pdbx_entry_details.has_protein_modification' 
# 
_pdbx_database_status.status_code                     REL 
_pdbx_database_status.entry_id                        1PIP 
_pdbx_database_status.recvd_initial_deposition_date   1992-10-03 
_pdbx_database_status.deposit_site                    ? 
_pdbx_database_status.process_site                    BNL 
_pdbx_database_status.SG_entry                        . 
_pdbx_database_status.status_code_sf                  ? 
_pdbx_database_status.status_code_mr                  ? 
_pdbx_database_status.status_code_cs                  ? 
_pdbx_database_status.pdb_format_compatible           Y 
_pdbx_database_status.methods_development_category    ? 
_pdbx_database_status.status_code_nmr_data            ? 
# 
loop_
_audit_author.name 
_audit_author.pdbx_ordinal 
'Yamamoto, A.' 1  
'Tomoo, K.'    2  
'Doi, M.'      3  
'Ohishi, H.'   4  
'Inoue, M.'    5  
'Ishida, T.'   6  
'Yamamoto, D.' 7  
'Tsuboi, S.'   8  
'Okamoto, H.'  9  
'Okada, Y.'    10 
# 
_citation.id                        primary 
_citation.title                     
;Crystal structure of papain-succinyl-Gln-Val-Val-Ala-Ala-p-nitroanilide complex at 1.7-A resolution: noncovalent binding mode of a common sequence of endogenous thiol protease inhibitors.
;
_citation.journal_abbrev            Biochemistry 
_citation.journal_volume            31 
_citation.page_first                11305 
_citation.page_last                 11309 
_citation.year                      1992 
_citation.journal_id_ASTM           BICHAW 
_citation.country                   US 
_citation.journal_id_ISSN           0006-2960 
_citation.journal_id_CSD            0033 
_citation.book_publisher            ? 
_citation.pdbx_database_id_PubMed   1445868 
_citation.pdbx_database_id_DOI      10.1021/bi00161a007 
# 
loop_
_citation_author.citation_id 
_citation_author.name 
_citation_author.ordinal 
_citation_author.identifier_ORCID 
primary 'Yamamoto, A.' 1  ? 
primary 'Tomoo, K.'    2  ? 
primary 'Doi, M.'      3  ? 
primary 'Ohishi, H.'   4  ? 
primary 'Inoue, M.'    5  ? 
primary 'Ishida, T.'   6  ? 
primary 'Yamamoto, D.' 7  ? 
primary 'Tsuboi, S.'   8  ? 
primary 'Okamoto, H.'  9  ? 
primary 'Okada, Y.'    10 ? 
# 
loop_
_entity.id 
_entity.type 
_entity.src_method 
_entity.pdbx_description 
_entity.formula_weight 
_entity.pdbx_number_of_molecules 
_entity.pdbx_ec 
_entity.pdbx_mutation 
_entity.pdbx_fragment 
_entity.details 
1 polymer man Papain                                      23449.346 1 3.4.22.2 ? ? ? 
2 polymer syn SUCCINYL-GLN-VAL-VAL-ALA-ALA-P-NITROANILIDE 706.743   1 ?        ? ? ? 
# 
_entity_name_com.entity_id   1 
_entity_name_com.name        'Papaya proteinase I,PPI' 
# 
loop_
_entity_poly.entity_id 
_entity_poly.type 
_entity_poly.nstd_linkage 
_entity_poly.nstd_monomer 
_entity_poly.pdbx_seq_one_letter_code 
_entity_poly.pdbx_seq_one_letter_code_can 
_entity_poly.pdbx_strand_id 
_entity_poly.pdbx_target_identifier 
1 'polypeptide(L)' no no  
;IPEYVDWRQKGAVTPVKNQGSCGSCWAFSAVVTIEGIIKIRTGNLNQYSEQELLDCDRRSYGCNGGYPWSALQLVAQYGI
HYRNTYPYEGVQRYCRSREKGPYAAKTDGVRQVQPYNQGALLYSIANQPVSVVLQAAGKDFQLYRGGIFVGPCGNKVDHA
VAAVGYGPNYILIKNSWGTGWGENGYIRIKRGTGNSYGVCGLYTSSFYPVKN
;
;IPEYVDWRQKGAVTPVKNQGSCGSCWAFSAVVTIEGIIKIRTGNLNQYSEQELLDCDRRSYGCNGGYPWSALQLVAQYGI
HYRNTYPYEGVQRYCRSREKGPYAAKTDGVRQVQPYNQGALLYSIANQPVSVVLQAAGKDFQLYRGGIFVGPCGNKVDHA
VAAVGYGPNYILIKNSWGTGWGENGYIRIKRGTGNSYGVCGLYTSSFYPVKN
;
A ? 
2 'polypeptide(L)' no yes '(ZKO)VVAA(NIT)' QVVAAX B ? 
# 
loop_
_entity_poly_seq.entity_id 
_entity_poly_seq.num 
_entity_poly_seq.mon_id 
_entity_poly_seq.hetero 
1 1   ILE n 
1 2   PRO n 
1 3   GLU n 
1 4   TYR n 
1 5   VAL n 
1 6   ASP n 
1 7   TRP n 
1 8   ARG n 
1 9   GLN n 
1 10  LYS n 
1 11  GLY n 
1 12  ALA n 
1 13  VAL n 
1 14  THR n 
1 15  PRO n 
1 16  VAL n 
1 17  LYS n 
1 18  ASN n 
1 19  GLN n 
1 20  GLY n 
1 21  SER n 
1 22  CYS n 
1 23  GLY n 
1 24  SER n 
1 25  CYS n 
1 26  TRP n 
1 27  ALA n 
1 28  PHE n 
1 29  SER n 
1 30  ALA n 
1 31  VAL n 
1 32  VAL n 
1 33  THR n 
1 34  ILE n 
1 35  GLU n 
1 36  GLY n 
1 37  ILE n 
1 38  ILE n 
1 39  LYS n 
1 40  ILE n 
1 41  ARG n 
1 42  THR n 
1 43  GLY n 
1 44  ASN n 
1 45  LEU n 
1 46  ASN n 
1 47  GLN n 
1 48  TYR n 
1 49  SER n 
1 50  GLU n 
1 51  GLN n 
1 52  GLU n 
1 53  LEU n 
1 54  LEU n 
1 55  ASP n 
1 56  CYS n 
1 57  ASP n 
1 58  ARG n 
1 59  ARG n 
1 60  SER n 
1 61  TYR n 
1 62  GLY n 
1 63  CYS n 
1 64  ASN n 
1 65  GLY n 
1 66  GLY n 
1 67  TYR n 
1 68  PRO n 
1 69  TRP n 
1 70  SER n 
1 71  ALA n 
1 72  LEU n 
1 73  GLN n 
1 74  LEU n 
1 75  VAL n 
1 76  ALA n 
1 77  GLN n 
1 78  TYR n 
1 79  GLY n 
1 80  ILE n 
1 81  HIS n 
1 82  TYR n 
1 83  ARG n 
1 84  ASN n 
1 85  THR n 
1 86  TYR n 
1 87  PRO n 
1 88  TYR n 
1 89  GLU n 
1 90  GLY n 
1 91  VAL n 
1 92  GLN n 
1 93  ARG n 
1 94  TYR n 
1 95  CYS n 
1 96  ARG n 
1 97  SER n 
1 98  ARG n 
1 99  GLU n 
1 100 LYS n 
1 101 GLY n 
1 102 PRO n 
1 103 TYR n 
1 104 ALA n 
1 105 ALA n 
1 106 LYS n 
1 107 THR n 
1 108 ASP n 
1 109 GLY n 
1 110 VAL n 
1 111 ARG n 
1 112 GLN n 
1 113 VAL n 
1 114 GLN n 
1 115 PRO n 
1 116 TYR n 
1 117 ASN n 
1 118 GLN n 
1 119 GLY n 
1 120 ALA n 
1 121 LEU n 
1 122 LEU n 
1 123 TYR n 
1 124 SER n 
1 125 ILE n 
1 126 ALA n 
1 127 ASN n 
1 128 GLN n 
1 129 PRO n 
1 130 VAL n 
1 131 SER n 
1 132 VAL n 
1 133 VAL n 
1 134 LEU n 
1 135 GLN n 
1 136 ALA n 
1 137 ALA n 
1 138 GLY n 
1 139 LYS n 
1 140 ASP n 
1 141 PHE n 
1 142 GLN n 
1 143 LEU n 
1 144 TYR n 
1 145 ARG n 
1 146 GLY n 
1 147 GLY n 
1 148 ILE n 
1 149 PHE n 
1 150 VAL n 
1 151 GLY n 
1 152 PRO n 
1 153 CYS n 
1 154 GLY n 
1 155 ASN n 
1 156 LYS n 
1 157 VAL n 
1 158 ASP n 
1 159 HIS n 
1 160 ALA n 
1 161 VAL n 
1 162 ALA n 
1 163 ALA n 
1 164 VAL n 
1 165 GLY n 
1 166 TYR n 
1 167 GLY n 
1 168 PRO n 
1 169 ASN n 
1 170 TYR n 
1 171 ILE n 
1 172 LEU n 
1 173 ILE n 
1 174 LYS n 
1 175 ASN n 
1 176 SER n 
1 177 TRP n 
1 178 GLY n 
1 179 THR n 
1 180 GLY n 
1 181 TRP n 
1 182 GLY n 
1 183 GLU n 
1 184 ASN n 
1 185 GLY n 
1 186 TYR n 
1 187 ILE n 
1 188 ARG n 
1 189 ILE n 
1 190 LYS n 
1 191 ARG n 
1 192 GLY n 
1 193 THR n 
1 194 GLY n 
1 195 ASN n 
1 196 SER n 
1 197 TYR n 
1 198 GLY n 
1 199 VAL n 
1 200 CYS n 
1 201 GLY n 
1 202 LEU n 
1 203 TYR n 
1 204 THR n 
1 205 SER n 
1 206 SER n 
1 207 PHE n 
1 208 TYR n 
1 209 PRO n 
1 210 VAL n 
1 211 LYS n 
1 212 ASN n 
2 1   ZKO n 
2 2   VAL n 
2 3   VAL n 
2 4   ALA n 
2 5   ALA n 
2 6   NIT n 
# 
_entity_src_gen.entity_id                          1 
_entity_src_gen.pdbx_src_id                        1 
_entity_src_gen.pdbx_alt_source_flag               sample 
_entity_src_gen.pdbx_seq_type                      'Biological sequence' 
_entity_src_gen.pdbx_beg_seq_num                   1 
_entity_src_gen.pdbx_end_seq_num                   212 
_entity_src_gen.gene_src_common_name               papaya 
_entity_src_gen.gene_src_genus                     Carica 
_entity_src_gen.pdbx_gene_src_gene                 ? 
_entity_src_gen.gene_src_species                   ? 
_entity_src_gen.gene_src_strain                    ? 
_entity_src_gen.gene_src_tissue                    ? 
_entity_src_gen.gene_src_tissue_fraction           ? 
_entity_src_gen.gene_src_details                   ? 
_entity_src_gen.pdbx_gene_src_fragment             ? 
_entity_src_gen.pdbx_gene_src_scientific_name      'Carica papaya' 
_entity_src_gen.pdbx_gene_src_ncbi_taxonomy_id     3649 
_entity_src_gen.pdbx_gene_src_variant              ? 
_entity_src_gen.pdbx_gene_src_cell_line            ? 
_entity_src_gen.pdbx_gene_src_atcc                 ? 
_entity_src_gen.pdbx_gene_src_organ                ? 
_entity_src_gen.pdbx_gene_src_organelle            ? 
_entity_src_gen.pdbx_gene_src_cell                 ? 
_entity_src_gen.pdbx_gene_src_cellular_location    ? 
_entity_src_gen.host_org_common_name               ? 
_entity_src_gen.pdbx_host_org_scientific_name      ? 
_entity_src_gen.pdbx_host_org_ncbi_taxonomy_id     ? 
_entity_src_gen.host_org_genus                     ? 
_entity_src_gen.pdbx_host_org_gene                 ? 
_entity_src_gen.pdbx_host_org_organ                ? 
_entity_src_gen.host_org_species                   ? 
_entity_src_gen.pdbx_host_org_tissue               ? 
_entity_src_gen.pdbx_host_org_tissue_fraction      ? 
_entity_src_gen.pdbx_host_org_strain               ? 
_entity_src_gen.pdbx_host_org_variant              ? 
_entity_src_gen.pdbx_host_org_cell_line            ? 
_entity_src_gen.pdbx_host_org_atcc                 ? 
_entity_src_gen.pdbx_host_org_culture_collection   ? 
_entity_src_gen.pdbx_host_org_cell                 ? 
_entity_src_gen.pdbx_host_org_organelle            ? 
_entity_src_gen.pdbx_host_org_cellular_location    ? 
_entity_src_gen.pdbx_host_org_vector_type          ? 
_entity_src_gen.pdbx_host_org_vector               ? 
_entity_src_gen.host_org_details                   ? 
_entity_src_gen.expression_system_id               ? 
_entity_src_gen.plasmid_name                       ? 
_entity_src_gen.plasmid_details                    ? 
_entity_src_gen.pdbx_description                   ? 
# 
_pdbx_entity_src_syn.entity_id              2 
_pdbx_entity_src_syn.pdbx_src_id            1 
_pdbx_entity_src_syn.pdbx_alt_source_flag   sample 
_pdbx_entity_src_syn.pdbx_beg_seq_num       1 
_pdbx_entity_src_syn.pdbx_end_seq_num       6 
_pdbx_entity_src_syn.organism_scientific    ? 
_pdbx_entity_src_syn.organism_common_name   ? 
_pdbx_entity_src_syn.ncbi_taxonomy_id       ? 
_pdbx_entity_src_syn.details                ? 
# 
loop_
_chem_comp.id 
_chem_comp.type 
_chem_comp.mon_nstd_flag 
_chem_comp.name 
_chem_comp.pdbx_synonyms 
_chem_comp.formula 
_chem_comp.formula_weight 
ALA 'L-peptide linking' y ALANINE              ? 'C3 H7 N O2'     89.093  
ARG 'L-peptide linking' y ARGININE             ? 'C6 H15 N4 O2 1' 175.209 
ASN 'L-peptide linking' y ASPARAGINE           ? 'C4 H8 N2 O3'    132.118 
ASP 'L-peptide linking' y 'ASPARTIC ACID'      ? 'C4 H7 N O4'     133.103 
CYS 'L-peptide linking' y CYSTEINE             ? 'C3 H7 N O2 S'   121.158 
GLN 'L-peptide linking' y GLUTAMINE            ? 'C5 H10 N2 O3'   146.144 
GLU 'L-peptide linking' y 'GLUTAMIC ACID'      ? 'C5 H9 N O4'     147.129 
GLY 'peptide linking'   y GLYCINE              ? 'C2 H5 N O2'     75.067  
HIS 'L-peptide linking' y HISTIDINE            ? 'C6 H10 N3 O2 1' 156.162 
ILE 'L-peptide linking' y ISOLEUCINE           ? 'C6 H13 N O2'    131.173 
LEU 'L-peptide linking' y LEUCINE              ? 'C6 H13 N O2'    131.173 
LYS 'L-peptide linking' y LYSINE               ? 'C6 H15 N2 O2 1' 147.195 
NIT non-polymer         . 4-NITROANILINE       PARANITROANILINE 'C6 H6 N2 O2'    138.124 
PHE 'L-peptide linking' y PHENYLALANINE        ? 'C9 H11 N O2'    165.189 
PRO 'L-peptide linking' y PROLINE              ? 'C5 H9 N O2'     115.130 
SER 'L-peptide linking' y SERINE               ? 'C3 H7 N O3'     105.093 
THR 'L-peptide linking' y THREONINE            ? 'C4 H9 N O3'     119.119 
TRP 'L-peptide linking' y TRYPTOPHAN           ? 'C11 H12 N2 O2'  204.225 
TYR 'L-peptide linking' y TYROSINE             ? 'C9 H11 N O3'    181.189 
VAL 'L-peptide linking' y VALINE               ? 'C5 H11 N O2'    117.146 
ZKO 'L-peptide linking' n N-SUCCINYL-GLUTAMINE 
'5-azanyl-5-oxidanylidene-2-[(4-oxidanyl-4-oxidanylidene-butanoyl)amino]pentanoic acid' 'C9 H14 N2 O6'   246.217 
# 
loop_
_pdbx_poly_seq_scheme.asym_id 
_pdbx_poly_seq_scheme.entity_id 
_pdbx_poly_seq_scheme.seq_id 
_pdbx_poly_seq_scheme.mon_id 
_pdbx_poly_seq_scheme.ndb_seq_num 
_pdbx_poly_seq_scheme.pdb_seq_num 
_pdbx_poly_seq_scheme.auth_seq_num 
_pdbx_poly_seq_scheme.pdb_mon_id 
_pdbx_poly_seq_scheme.auth_mon_id 
_pdbx_poly_seq_scheme.pdb_strand_id 
_pdbx_poly_seq_scheme.pdb_ins_code 
_pdbx_poly_seq_scheme.hetero 
A 1 1   ILE 1   1   1   ILE ILE A . n 
A 1 2   PRO 2   2   2   PRO PRO A . n 
A 1 3   GLU 3   3   3   GLU GLU A . n 
A 1 4   TYR 4   4   4   TYR TYR A . n 
A 1 5   VAL 5   5   5   VAL VAL A . n 
A 1 6   ASP 6   6   6   ASP ASP A . n 
A 1 7   TRP 7   7   7   TRP TRP A . n 
A 1 8   ARG 8   8   8   ARG ARG A . n 
A 1 9   GLN 9   9   9   GLN GLN A . n 
A 1 10  LYS 10  10  10  LYS LYS A . n 
A 1 11  GLY 11  11  11  GLY GLY A . n 
A 1 12  ALA 12  12  12  ALA ALA A . n 
A 1 13  VAL 13  13  13  VAL VAL A . n 
A 1 14  THR 14  14  14  THR THR A . n 
A 1 15  PRO 15  15  15  PRO PRO A . n 
A 1 16  VAL 16  16  16  VAL VAL A . n 
A 1 17  LYS 17  17  17  LYS LYS A . n 
A 1 18  ASN 18  18  18  ASN ASN A . n 
A 1 19  GLN 19  19  19  GLN GLN A . n 
A 1 20  GLY 20  20  20  GLY GLY A . n 
A 1 21  SER 21  21  21  SER SER A . n 
A 1 22  CYS 22  22  22  CYS CYS A . n 
A 1 23  GLY 23  23  23  GLY GLY A . n 
A 1 24  SER 24  24  24  SER SER A . n 
A 1 25  CYS 25  25  25  CYS CYS A . n 
A 1 26  TRP 26  26  26  TRP TRP A . n 
A 1 27  ALA 27  27  27  ALA ALA A . n 
A 1 28  PHE 28  28  28  PHE PHE A . n 
A 1 29  SER 29  29  29  SER SER A . n 
A 1 30  ALA 30  30  30  ALA ALA A . n 
A 1 31  VAL 31  31  31  VAL VAL A . n 
A 1 32  VAL 32  32  32  VAL VAL A . n 
A 1 33  THR 33  33  33  THR THR A . n 
A 1 34  ILE 34  34  34  ILE ILE A . n 
A 1 35  GLU 35  35  35  GLU GLU A . n 
A 1 36  GLY 36  36  36  GLY GLY A . n 
A 1 37  ILE 37  37  37  ILE ILE A . n 
A 1 38  ILE 38  38  38  ILE ILE A . n 
A 1 39  LYS 39  39  39  LYS LYS A . n 
A 1 40  ILE 40  40  40  ILE ILE A . n 
A 1 41  ARG 41  41  41  ARG ARG A . n 
A 1 42  THR 42  42  42  THR THR A . n 
A 1 43  GLY 43  43  43  GLY GLY A . n 
A 1 44  ASN 44  44  44  ASN ASN A . n 
A 1 45  LEU 45  45  45  LEU LEU A . n 
A 1 46  ASN 46  46  46  ASN ASN A . n 
A 1 47  GLN 47  47  47  GLN GLN A . n 
A 1 48  TYR 48  48  48  TYR TYR A . n 
A 1 49  SER 49  49  49  SER SER A . n 
A 1 50  GLU 50  50  50  GLU GLU A . n 
A 1 51  GLN 51  51  51  GLN GLN A . n 
A 1 52  GLU 52  52  52  GLU GLU A . n 
A 1 53  LEU 53  53  53  LEU LEU A . n 
A 1 54  LEU 54  54  54  LEU LEU A . n 
A 1 55  ASP 55  55  55  ASP ASP A . n 
A 1 56  CYS 56  56  56  CYS CYS A . n 
A 1 57  ASP 57  57  57  ASP ASP A . n 
A 1 58  ARG 58  58  58  ARG ARG A . n 
A 1 59  ARG 59  59  59  ARG ARG A . n 
A 1 60  SER 60  60  60  SER SER A . n 
A 1 61  TYR 61  61  61  TYR TYR A . n 
A 1 62  GLY 62  62  62  GLY GLY A . n 
A 1 63  CYS 63  63  63  CYS CYS A . n 
A 1 64  ASN 64  64  64  ASN ASN A . n 
A 1 65  GLY 65  65  65  GLY GLY A . n 
A 1 66  GLY 66  66  66  GLY GLY A . n 
A 1 67  TYR 67  67  67  TYR TYR A . n 
A 1 68  PRO 68  68  68  PRO PRO A . n 
A 1 69  TRP 69  69  69  TRP TRP A . n 
A 1 70  SER 70  70  70  SER SER A . n 
A 1 71  ALA 71  71  71  ALA ALA A . n 
A 1 72  LEU 72  72  72  LEU LEU A . n 
A 1 73  GLN 73  73  73  GLN GLN A . n 
A 1 74  LEU 74  74  74  LEU LEU A . n 
A 1 75  VAL 75  75  75  VAL VAL A . n 
A 1 76  ALA 76  76  76  ALA ALA A . n 
A 1 77  GLN 77  77  77  GLN GLN A . n 
A 1 78  TYR 78  78  78  TYR TYR A . n 
A 1 79  GLY 79  79  79  GLY GLY A . n 
A 1 80  ILE 80  80  80  ILE ILE A . n 
A 1 81  HIS 81  81  81  HIS HIS A . n 
A 1 82  TYR 82  82  82  TYR TYR A . n 
A 1 83  ARG 83  83  83  ARG ARG A . n 
A 1 84  ASN 84  84  84  ASN ASN A . n 
A 1 85  THR 85  85  85  THR THR A . n 
A 1 86  TYR 86  86  86  TYR TYR A . n 
A 1 87  PRO 87  87  87  PRO PRO A . n 
A 1 88  TYR 88  88  88  TYR TYR A . n 
A 1 89  GLU 89  89  89  GLU GLU A . n 
A 1 90  GLY 90  90  90  GLY GLY A . n 
A 1 91  VAL 91  91  91  VAL VAL A . n 
A 1 92  GLN 92  92  92  GLN GLN A . n 
A 1 93  ARG 93  93  93  ARG ARG A . n 
A 1 94  TYR 94  94  94  TYR TYR A . n 
A 1 95  CYS 95  95  95  CYS CYS A . n 
A 1 96  ARG 96  96  96  ARG ARG A . n 
A 1 97  SER 97  97  97  SER SER A . n 
A 1 98  ARG 98  98  98  ARG ARG A . n 
A 1 99  GLU 99  99  99  GLU GLU A . n 
A 1 100 LYS 100 100 100 LYS LYS A . n 
A 1 101 GLY 101 101 101 GLY GLY A . n 
A 1 102 PRO 102 102 102 PRO PRO A . n 
A 1 103 TYR 103 103 103 TYR TYR A . n 
A 1 104 ALA 104 104 104 ALA ALA A . n 
A 1 105 ALA 105 105 105 ALA ALA A . n 
A 1 106 LYS 106 106 106 LYS LYS A . n 
A 1 107 THR 107 107 107 THR THR A . n 
A 1 108 ASP 108 108 108 ASP ASP A . n 
A 1 109 GLY 109 109 109 GLY GLY A . n 
A 1 110 VAL 110 110 110 VAL VAL A . n 
A 1 111 ARG 111 111 111 ARG ARG A . n 
A 1 112 GLN 112 112 112 GLN GLN A . n 
A 1 113 VAL 113 113 113 VAL VAL A . n 
A 1 114 GLN 114 114 114 GLN GLN A . n 
A 1 115 PRO 115 115 115 PRO PRO A . n 
A 1 116 TYR 116 116 116 TYR TYR A . n 
A 1 117 ASN 117 117 117 ASN ASN A . n 
A 1 118 GLN 118 118 118 GLN GLN A . n 
A 1 119 GLY 119 119 119 GLY GLY A . n 
A 1 120 ALA 120 120 120 ALA ALA A . n 
A 1 121 LEU 121 121 121 LEU LEU A . n 
A 1 122 LEU 122 122 122 LEU LEU A . n 
A 1 123 TYR 123 123 123 TYR TYR A . n 
A 1 124 SER 124 124 124 SER SER A . n 
A 1 125 ILE 125 125 125 ILE ILE A . n 
A 1 126 ALA 126 126 126 ALA ALA A . n 
A 1 127 ASN 127 127 127 ASN ASN A . n 
A 1 128 GLN 128 128 128 GLN GLN A . n 
A 1 129 PRO 129 129 129 PRO PRO A . n 
A 1 130 VAL 130 130 130 VAL VAL A . n 
A 1 131 SER 131 131 131 SER SER A . n 
A 1 132 VAL 132 132 132 VAL VAL A . n 
A 1 133 VAL 133 133 133 VAL VAL A . n 
A 1 134 LEU 134 134 134 LEU LEU A . n 
A 1 135 GLN 135 135 135 GLN GLN A . n 
A 1 136 ALA 136 136 136 ALA ALA A . n 
A 1 137 ALA 137 137 137 ALA ALA A . n 
A 1 138 GLY 138 138 138 GLY GLY A . n 
A 1 139 LYS 139 139 139 LYS LYS A . n 
A 1 140 ASP 140 140 140 ASP ASP A . n 
A 1 141 PHE 141 141 141 PHE PHE A . n 
A 1 142 GLN 142 142 142 GLN GLN A . n 
A 1 143 LEU 143 143 143 LEU LEU A . n 
A 1 144 TYR 144 144 144 TYR TYR A . n 
A 1 145 ARG 145 145 145 ARG ARG A . n 
A 1 146 GLY 146 146 146 GLY GLY A . n 
A 1 147 GLY 147 147 147 GLY GLY A . n 
A 1 148 ILE 148 148 148 ILE ILE A . n 
A 1 149 PHE 149 149 149 PHE PHE A . n 
A 1 150 VAL 150 150 150 VAL VAL A . n 
A 1 151 GLY 151 151 151 GLY GLY A . n 
A 1 152 PRO 152 152 152 PRO PRO A . n 
A 1 153 CYS 153 153 153 CYS CYS A . n 
A 1 154 GLY 154 154 154 GLY GLY A . n 
A 1 155 ASN 155 155 155 ASN ASN A . n 
A 1 156 LYS 156 156 156 LYS LYS A . n 
A 1 157 VAL 157 157 157 VAL VAL A . n 
A 1 158 ASP 158 158 158 ASP ASP A . n 
A 1 159 HIS 159 159 159 HIS HIS A . n 
A 1 160 ALA 160 160 160 ALA ALA A . n 
A 1 161 VAL 161 161 161 VAL VAL A . n 
A 1 162 ALA 162 162 162 ALA ALA A . n 
A 1 163 ALA 163 163 163 ALA ALA A . n 
A 1 164 VAL 164 164 164 VAL VAL A . n 
A 1 165 GLY 165 165 165 GLY GLY A . n 
A 1 166 TYR 166 166 166 TYR TYR A . n 
A 1 167 GLY 167 167 167 GLY GLY A . n 
A 1 168 PRO 168 168 168 PRO PRO A . n 
A 1 169 ASN 169 169 169 ASN ASN A . n 
A 1 170 TYR 170 170 170 TYR TYR A . n 
A 1 171 ILE 171 171 171 ILE ILE A . n 
A 1 172 LEU 172 172 172 LEU LEU A . n 
A 1 173 ILE 173 173 173 ILE ILE A . n 
A 1 174 LYS 174 174 174 LYS LYS A . n 
A 1 175 ASN 175 175 175 ASN ASN A . n 
A 1 176 SER 176 176 176 SER SER A . n 
A 1 177 TRP 177 177 177 TRP TRP A . n 
A 1 178 GLY 178 178 178 GLY GLY A . n 
A 1 179 THR 179 179 179 THR THR A . n 
A 1 180 GLY 180 180 180 GLY GLY A . n 
A 1 181 TRP 181 181 181 TRP TRP A . n 
A 1 182 GLY 182 182 182 GLY GLY A . n 
A 1 183 GLU 183 183 183 GLU GLU A . n 
A 1 184 ASN 184 184 184 ASN ASN A . n 
A 1 185 GLY 185 185 185 GLY GLY A . n 
A 1 186 TYR 186 186 186 TYR TYR A . n 
A 1 187 ILE 187 187 187 ILE ILE A . n 
A 1 188 ARG 188 188 188 ARG ARG A . n 
A 1 189 ILE 189 189 189 ILE ILE A . n 
A 1 190 LYS 190 190 190 LYS LYS A . n 
A 1 191 ARG 191 191 191 ARG ARG A . n 
A 1 192 GLY 192 192 192 GLY GLY A . n 
A 1 193 THR 193 193 193 THR THR A . n 
A 1 194 GLY 194 194 194 GLY GLY A . n 
A 1 195 ASN 195 195 195 ASN ASN A . n 
A 1 196 SER 196 196 196 SER SER A . n 
A 1 197 TYR 197 197 197 TYR TYR A . n 
A 1 198 GLY 198 198 198 GLY GLY A . n 
A 1 199 VAL 199 199 199 VAL VAL A . n 
A 1 200 CYS 200 200 200 CYS CYS A . n 
A 1 201 GLY 201 201 201 GLY GLY A . n 
A 1 202 LEU 202 202 202 LEU LEU A . n 
A 1 203 TYR 203 203 203 TYR TYR A . n 
A 1 204 THR 204 204 204 THR THR A . n 
A 1 205 SER 205 205 205 SER SER A . n 
A 1 206 SER 206 206 206 SER SER A . n 
A 1 207 PHE 207 207 207 PHE PHE A . n 
A 1 208 TYR 208 208 208 TYR TYR A . n 
A 1 209 PRO 209 209 209 PRO PRO A . n 
A 1 210 VAL 210 210 210 VAL VAL A . n 
A 1 211 LYS 211 211 211 LYS LYS A . n 
A 1 212 ASN 212 212 212 ASN ASN A . n 
B 2 1   ZKO 1   400 214 ZKO GLN B . n 
B 2 2   VAL 2   401 215 VAL VAL B . n 
B 2 3   VAL 3   402 216 VAL VAL B . n 
B 2 4   ALA 4   403 217 ALA ALA B . n 
B 2 5   ALA 5   404 218 ALA ALA B . n 
B 2 6   NIT 6   219 219 NIT NIT B . n 
# 
loop_
_software.name 
_software.classification 
_software.version 
_software.citation_id 
_software.pdbx_ordinal 
X-PLOR 'model building' . ? 1 
X-PLOR refinement       . ? 2 
X-PLOR phasing          . ? 3 
# 
_cell.entry_id           1PIP 
_cell.length_a           43.090 
_cell.length_b           102.300 
_cell.length_c           49.690 
_cell.angle_alpha        90.00 
_cell.angle_beta         90.00 
_cell.angle_gamma        90.00 
_cell.Z_PDB              4 
_cell.pdbx_unique_axis   ? 
_cell.length_a_esd       ? 
_cell.length_b_esd       ? 
_cell.length_c_esd       ? 
_cell.angle_alpha_esd    ? 
_cell.angle_beta_esd     ? 
_cell.angle_gamma_esd    ? 
# 
_symmetry.entry_id                         1PIP 
_symmetry.space_group_name_H-M             'P 21 21 21' 
_symmetry.pdbx_full_space_group_name_H-M   ? 
_symmetry.cell_setting                     ? 
_symmetry.Int_Tables_number                19 
_symmetry.space_group_name_Hall            ? 
# 
_exptl.entry_id          1PIP 
_exptl.method            'X-RAY DIFFRACTION' 
_exptl.crystals_number   ? 
# 
_exptl_crystal.id                    1 
_exptl_crystal.density_meas          ? 
_exptl_crystal.density_Matthews      2.27 
_exptl_crystal.density_percent_sol   45.72 
_exptl_crystal.description           ? 
_exptl_crystal.F_000                 ? 
_exptl_crystal.preparation           ? 
# 
_diffrn.id                     1 
_diffrn.ambient_temp           ? 
_diffrn.ambient_temp_details   ? 
_diffrn.crystal_id             1 
# 
_diffrn_radiation.diffrn_id                        1 
_diffrn_radiation.wavelength_id                    1 
_diffrn_radiation.pdbx_monochromatic_or_laue_m_l   ? 
_diffrn_radiation.monochromator                    ? 
_diffrn_radiation.pdbx_diffrn_protocol             ? 
_diffrn_radiation.pdbx_scattering_type             x-ray 
# 
_diffrn_radiation_wavelength.id           1 
_diffrn_radiation_wavelength.wavelength   . 
_diffrn_radiation_wavelength.wt           1.0 
# 
_refine.entry_id                                 1PIP 
_refine.ls_number_reflns_obs                     ? 
_refine.ls_number_reflns_all                     ? 
_refine.pdbx_ls_sigma_I                          ? 
_refine.pdbx_ls_sigma_F                          3.0 
_refine.pdbx_data_cutoff_high_absF               ? 
_refine.pdbx_data_cutoff_low_absF                ? 
_refine.pdbx_data_cutoff_high_rms_absF           ? 
_refine.ls_d_res_low                             10.0 
_refine.ls_d_res_high                            1.7 
_refine.ls_percent_reflns_obs                    ? 
_refine.ls_R_factor_obs                          0.196 
_refine.ls_R_factor_all                          ? 
_refine.ls_R_factor_R_work                       0.196 
_refine.ls_R_factor_R_free                       ? 
_refine.ls_R_factor_R_free_error                 ? 
_refine.ls_R_factor_R_free_error_details         ? 
_refine.ls_percent_reflns_R_free                 ? 
_refine.ls_number_reflns_R_free                  ? 
_refine.ls_number_parameters                     ? 
_refine.ls_number_restraints                     ? 
_refine.occupancy_min                            ? 
_refine.occupancy_max                            ? 
_refine.B_iso_mean                               ? 
_refine.aniso_B[1][1]                            ? 
_refine.aniso_B[2][2]                            ? 
_refine.aniso_B[3][3]                            ? 
_refine.aniso_B[1][2]                            ? 
_refine.aniso_B[1][3]                            ? 
_refine.aniso_B[2][3]                            ? 
_refine.solvent_model_details                    ? 
_refine.solvent_model_param_ksol                 ? 
_refine.solvent_model_param_bsol                 ? 
_refine.pdbx_ls_cross_valid_method               ? 
_refine.details                                  ? 
_refine.pdbx_starting_model                      ? 
_refine.pdbx_method_to_determine_struct          ? 
_refine.pdbx_isotropic_thermal_model             ? 
_refine.pdbx_stereochemistry_target_values       ? 
_refine.pdbx_stereochem_target_val_spec_case     ? 
_refine.pdbx_R_Free_selection_details            ? 
_refine.pdbx_overall_ESU_R                       ? 
_refine.pdbx_overall_ESU_R_Free                  ? 
_refine.overall_SU_ML                            ? 
_refine.overall_SU_B                             ? 
_refine.pdbx_refine_id                           'X-RAY DIFFRACTION' 
_refine.ls_redundancy_reflns_obs                 ? 
_refine.pdbx_overall_phase_error                 ? 
_refine.B_iso_min                                ? 
_refine.B_iso_max                                ? 
_refine.correlation_coeff_Fo_to_Fc               ? 
_refine.correlation_coeff_Fo_to_Fc_free          ? 
_refine.pdbx_solvent_vdw_probe_radii             ? 
_refine.pdbx_solvent_ion_probe_radii             ? 
_refine.pdbx_solvent_shrinkage_radii             ? 
_refine.overall_SU_R_Cruickshank_DPI             ? 
_refine.overall_SU_R_free                        ? 
_refine.ls_wR_factor_R_free                      ? 
_refine.ls_wR_factor_R_work                      ? 
_refine.overall_FOM_free_R_set                   ? 
_refine.overall_FOM_work_R_set                   ? 
_refine.pdbx_diffrn_id                           1 
_refine.pdbx_TLS_residual_ADP_flag               ? 
_refine.pdbx_overall_SU_R_free_Cruickshank_DPI   ? 
_refine.pdbx_overall_SU_R_Blow_DPI               ? 
_refine.pdbx_overall_SU_R_free_Blow_DPI          ? 
# 
_refine_hist.pdbx_refine_id                   'X-RAY DIFFRACTION' 
_refine_hist.cycle_id                         LAST 
_refine_hist.pdbx_number_atoms_protein        1705 
_refine_hist.pdbx_number_atoms_nucleic_acid   0 
_refine_hist.pdbx_number_atoms_ligand         0 
_refine_hist.number_atoms_solvent             0 
_refine_hist.number_atoms_total               1705 
_refine_hist.d_res_high                       1.7 
_refine_hist.d_res_low                        10.0 
# 
_struct.entry_id                  1PIP 
_struct.title                     
;CRYSTAL STRUCTURE OF PAPAIN-SUCCINYL-GLN-VAL-VAL-ALA-ALA-P-NITROANILIDE COMPLEX AT 1.7 ANGSTROMS RESOLUTION: NONCOVALENT BINDING MODE OF A COMMON SEQUENCE OF ENDOGENOUS THIOL PROTEASE INHIBITORS
;
_struct.pdbx_model_details        ? 
_struct.pdbx_CASP_flag            ? 
_struct.pdbx_model_type_details   ? 
# 
_struct_keywords.entry_id        1PIP 
_struct_keywords.pdbx_keywords   'HYDROLASE/HYDROLASE INHIBITOR' 
_struct_keywords.text            'THIOL PROTEASE, HYDROLASE-HYDROLASE INHIBITOR COMPLEX' 
# 
loop_
_struct_asym.id 
_struct_asym.pdbx_blank_PDB_chainid_flag 
_struct_asym.pdbx_modified 
_struct_asym.entity_id 
_struct_asym.details 
A N N 1 ? 
B N N 2 ? 
# 
loop_
_struct_ref.id 
_struct_ref.db_name 
_struct_ref.db_code 
_struct_ref.pdbx_db_accession 
_struct_ref.pdbx_db_isoform 
_struct_ref.entity_id 
_struct_ref.pdbx_seq_one_letter_code 
_struct_ref.pdbx_align_begin 
1 UNP PAPA1_CARPA P00784 ? 1 
;IPEYVDWRQKGAVTPVKNQGSCGSCWAFSAVVTIEGIIKIRTGNLNEYSEQELLDCDRRSYGCNGGYPWSALQLVAQYGI
HYRNTYPYEGVQRYCRSREKGPYAAKTDGVRQVQPYNEGALLYSIANQPVSVVLEAAGKDFQLYRGGIFVGPCGNKVDHA
VAAVGYGPNYILIKNSWGTGWGENGYIRIKRGTGNSYGVCGLYTSSFYPVKN
;
134 
2 PDB 1PIP        1PIP   ? 2 ? 1   
# 
loop_
_struct_ref_seq.align_id 
_struct_ref_seq.ref_id 
_struct_ref_seq.pdbx_PDB_id_code 
_struct_ref_seq.pdbx_strand_id 
_struct_ref_seq.seq_align_beg 
_struct_ref_seq.pdbx_seq_align_beg_ins_code 
_struct_ref_seq.seq_align_end 
_struct_ref_seq.pdbx_seq_align_end_ins_code 
_struct_ref_seq.pdbx_db_accession 
_struct_ref_seq.db_align_beg 
_struct_ref_seq.pdbx_db_align_beg_ins_code 
_struct_ref_seq.db_align_end 
_struct_ref_seq.pdbx_db_align_end_ins_code 
_struct_ref_seq.pdbx_auth_seq_align_beg 
_struct_ref_seq.pdbx_auth_seq_align_end 
1 1 1PIP A 1 ? 212 ? P00784 134 ? 345 ? 1   212 
2 2 1PIP B 1 ? 6   ? 1PIP   400 ? 219 ? 400 219 
# 
loop_
_struct_ref_seq_dif.align_id 
_struct_ref_seq_dif.pdbx_pdb_id_code 
_struct_ref_seq_dif.mon_id 
_struct_ref_seq_dif.pdbx_pdb_strand_id 
_struct_ref_seq_dif.seq_num 
_struct_ref_seq_dif.pdbx_pdb_ins_code 
_struct_ref_seq_dif.pdbx_seq_db_name 
_struct_ref_seq_dif.pdbx_seq_db_accession_code 
_struct_ref_seq_dif.db_mon_id 
_struct_ref_seq_dif.pdbx_seq_db_seq_num 
_struct_ref_seq_dif.details 
_struct_ref_seq_dif.pdbx_auth_seq_num 
_struct_ref_seq_dif.pdbx_ordinal 
1 1PIP GLN A 47  ? UNP P00784 GLU 180 conflict 47  1 
1 1PIP GLN A 118 ? UNP P00784 GLU 251 conflict 118 2 
1 1PIP GLN A 135 ? UNP P00784 GLU 268 conflict 135 3 
# 
_pdbx_struct_assembly.id                   1 
_pdbx_struct_assembly.details              author_defined_assembly 
_pdbx_struct_assembly.method_details       ? 
_pdbx_struct_assembly.oligomeric_details   dimeric 
_pdbx_struct_assembly.oligomeric_count     2 
# 
_pdbx_struct_assembly_gen.assembly_id       1 
_pdbx_struct_assembly_gen.oper_expression   1 
_pdbx_struct_assembly_gen.asym_id_list      A,B 
# 
_pdbx_struct_oper_list.id                   1 
_pdbx_struct_oper_list.type                 'identity operation' 
_pdbx_struct_oper_list.name                 1_555 
_pdbx_struct_oper_list.symmetry_operation   x,y,z 
_pdbx_struct_oper_list.matrix[1][1]         1.0000000000 
_pdbx_struct_oper_list.matrix[1][2]         0.0000000000 
_pdbx_struct_oper_list.matrix[1][3]         0.0000000000 
_pdbx_struct_oper_list.vector[1]            0.0000000000 
_pdbx_struct_oper_list.matrix[2][1]         0.0000000000 
_pdbx_struct_oper_list.matrix[2][2]         1.0000000000 
_pdbx_struct_oper_list.matrix[2][3]         0.0000000000 
_pdbx_struct_oper_list.vector[2]            0.0000000000 
_pdbx_struct_oper_list.matrix[3][1]         0.0000000000 
_pdbx_struct_oper_list.matrix[3][2]         0.0000000000 
_pdbx_struct_oper_list.matrix[3][3]         1.0000000000 
_pdbx_struct_oper_list.vector[3]            0.0000000000 
# 
loop_
_struct_conf.conf_type_id 
_struct_conf.id 
_struct_conf.pdbx_PDB_helix_id 
_struct_conf.beg_label_comp_id 
_struct_conf.beg_label_asym_id 
_struct_conf.beg_label_seq_id 
_struct_conf.pdbx_beg_PDB_ins_code 
_struct_conf.end_label_comp_id 
_struct_conf.end_label_asym_id 
_struct_conf.end_label_seq_id 
_struct_conf.pdbx_end_PDB_ins_code 
_struct_conf.beg_auth_comp_id 
_struct_conf.beg_auth_asym_id 
_struct_conf.beg_auth_seq_id 
_struct_conf.end_auth_comp_id 
_struct_conf.end_auth_asym_id 
_struct_conf.end_auth_seq_id 
_struct_conf.pdbx_PDB_helix_class 
_struct_conf.details 
_struct_conf.pdbx_PDB_helix_length 
HELX_P HELX_P1 L1 SER A 24  ? THR A 42  ? SER A 24  THR A 42  1 'INCLUDING 3/10 REGION' 19 
HELX_P HELX_P2 L2 GLU A 50  ? ASP A 57  ? GLU A 50  ASP A 57  1 ?                       8  
HELX_P HELX_P3 L3 TYR A 67  ? TYR A 78  ? TYR A 67  TYR A 78  1 'INCLUDING 3/10 REGION' 12 
HELX_P HELX_P4 R1 ASN A 117 ? ASN A 127 ? ASN A 117 ASN A 127 1 'INCLUDING 3/10 REGION' 11 
HELX_P HELX_P5 R2 GLY A 138 ? GLN A 142 ? GLY A 138 GLN A 142 1 'INCLUDING 3/10 REGION' 5  
# 
_struct_conf_type.id          HELX_P 
_struct_conf_type.criteria    ? 
_struct_conf_type.reference   ? 
# 
loop_
_struct_conn.id 
_struct_conn.conn_type_id 
_struct_conn.pdbx_leaving_atom_flag 
_struct_conn.pdbx_PDB_id 
_struct_conn.ptnr1_label_asym_id 
_struct_conn.ptnr1_label_comp_id 
_struct_conn.ptnr1_label_seq_id 
_struct_conn.ptnr1_label_atom_id 
_struct_conn.pdbx_ptnr1_label_alt_id 
_struct_conn.pdbx_ptnr1_PDB_ins_code 
_struct_conn.pdbx_ptnr1_standard_comp_id 
_struct_conn.ptnr1_symmetry 
_struct_conn.ptnr2_label_asym_id 
_struct_conn.ptnr2_label_comp_id 
_struct_conn.ptnr2_label_seq_id 
_struct_conn.ptnr2_label_atom_id 
_struct_conn.pdbx_ptnr2_label_alt_id 
_struct_conn.pdbx_ptnr2_PDB_ins_code 
_struct_conn.ptnr1_auth_asym_id 
_struct_conn.ptnr1_auth_comp_id 
_struct_conn.ptnr1_auth_seq_id 
_struct_conn.ptnr2_auth_asym_id 
_struct_conn.ptnr2_auth_comp_id 
_struct_conn.ptnr2_auth_seq_id 
_struct_conn.ptnr2_symmetry 
_struct_conn.pdbx_ptnr3_label_atom_id 
_struct_conn.pdbx_ptnr3_label_seq_id 
_struct_conn.pdbx_ptnr3_label_comp_id 
_struct_conn.pdbx_ptnr3_label_asym_id 
_struct_conn.pdbx_ptnr3_label_alt_id 
_struct_conn.pdbx_ptnr3_PDB_ins_code 
_struct_conn.details 
_struct_conn.pdbx_dist_value 
_struct_conn.pdbx_value_order 
_struct_conn.pdbx_role 
disulf1 disulf ?    ? A CYS 22  SG ? ? ? 1_555 A CYS 63  SG ? ? A CYS 22  A CYS 63  1_555 ? ? ? ? ? ? ? 2.021 ? ? 
disulf2 disulf ?    ? A CYS 56  SG ? ? ? 1_555 A CYS 95  SG ? ? A CYS 56  A CYS 95  1_555 ? ? ? ? ? ? ? 2.044 ? ? 
disulf3 disulf ?    ? A CYS 153 SG ? ? ? 1_555 A CYS 200 SG ? ? A CYS 153 A CYS 200 1_555 ? ? ? ? ? ? ? 2.023 ? ? 
covale1 covale both ? B NIT 6   N1 ? ? ? 1_555 B ALA 5   C  ? ? B NIT 219 B ALA 404 1_555 ? ? ? ? ? ? ? 1.417 ? ? 
covale2 covale both ? B ZKO 1   C  ? ? ? 1_555 B VAL 2   N  ? ? B ZKO 400 B VAL 401 1_555 ? ? ? ? ? ? ? 1.349 ? ? 
# 
loop_
_struct_conn_type.id 
_struct_conn_type.criteria 
_struct_conn_type.reference 
disulf ? ? 
covale ? ? 
# 
loop_
_pdbx_modification_feature.ordinal 
_pdbx_modification_feature.label_comp_id 
_pdbx_modification_feature.label_asym_id 
_pdbx_modification_feature.label_seq_id 
_pdbx_modification_feature.label_alt_id 
_pdbx_modification_feature.modified_residue_label_comp_id 
_pdbx_modification_feature.modified_residue_label_asym_id 
_pdbx_modification_feature.modified_residue_label_seq_id 
_pdbx_modification_feature.modified_residue_label_alt_id 
_pdbx_modification_feature.auth_comp_id 
_pdbx_modification_feature.auth_asym_id 
_pdbx_modification_feature.auth_seq_id 
_pdbx_modification_feature.PDB_ins_code 
_pdbx_modification_feature.symmetry 
_pdbx_modification_feature.modified_residue_auth_comp_id 
_pdbx_modification_feature.modified_residue_auth_asym_id 
_pdbx_modification_feature.modified_residue_auth_seq_id 
_pdbx_modification_feature.modified_residue_PDB_ins_code 
_pdbx_modification_feature.modified_residue_symmetry 
_pdbx_modification_feature.comp_id_linking_atom 
_pdbx_modification_feature.modified_residue_id_linking_atom 
_pdbx_modification_feature.modified_residue_id 
_pdbx_modification_feature.ref_pcm_id 
_pdbx_modification_feature.ref_comp_id 
_pdbx_modification_feature.type 
_pdbx_modification_feature.category 
1 ZKO B 1   ? .   . .   . ZKO B 400 ? 1_555 .   . .   . .     .  .  GLN 1 ZKO Succinylation 'Named protein modification' 
2 NIT B 6   ? .   . .   . NIT B 219 ? 1_555 .   . .   . .     .  .  ?   1 NIT None          'Non-standard residue'       
3 CYS A 22  ? CYS A 63  ? CYS A 22  ? 1_555 CYS A 63  ? 1_555 SG SG .   . .   None          'Disulfide bridge'           
4 CYS A 56  ? CYS A 95  ? CYS A 56  ? 1_555 CYS A 95  ? 1_555 SG SG .   . .   None          'Disulfide bridge'           
5 CYS A 153 ? CYS A 200 ? CYS A 153 ? 1_555 CYS A 200 ? 1_555 SG SG .   . .   None          'Disulfide bridge'           
# 
_struct_mon_prot_cis.pdbx_id                1 
_struct_mon_prot_cis.label_comp_id          GLY 
_struct_mon_prot_cis.label_seq_id           151 
_struct_mon_prot_cis.label_asym_id          A 
_struct_mon_prot_cis.label_alt_id           . 
_struct_mon_prot_cis.pdbx_PDB_ins_code      ? 
_struct_mon_prot_cis.auth_comp_id           GLY 
_struct_mon_prot_cis.auth_seq_id            151 
_struct_mon_prot_cis.auth_asym_id           A 
_struct_mon_prot_cis.pdbx_label_comp_id_2   PRO 
_struct_mon_prot_cis.pdbx_label_seq_id_2    152 
_struct_mon_prot_cis.pdbx_label_asym_id_2   A 
_struct_mon_prot_cis.pdbx_PDB_ins_code_2    ? 
_struct_mon_prot_cis.pdbx_auth_comp_id_2    PRO 
_struct_mon_prot_cis.pdbx_auth_seq_id_2     152 
_struct_mon_prot_cis.pdbx_auth_asym_id_2    A 
_struct_mon_prot_cis.pdbx_PDB_model_num     1 
_struct_mon_prot_cis.pdbx_omega_angle       -2.12 
# 
_struct_sheet.id               S1 
_struct_sheet.type             ? 
_struct_sheet.number_strands   7 
_struct_sheet.details          ? 
# 
loop_
_struct_sheet_order.sheet_id 
_struct_sheet_order.range_id_1 
_struct_sheet_order.range_id_2 
_struct_sheet_order.offset 
_struct_sheet_order.sense 
S1 1 2 ? anti-parallel 
S1 2 3 ? anti-parallel 
S1 3 4 ? anti-parallel 
S1 4 5 ? anti-parallel 
S1 5 6 ? anti-parallel 
S1 6 7 ? anti-parallel 
# 
loop_
_struct_sheet_range.sheet_id 
_struct_sheet_range.id 
_struct_sheet_range.beg_label_comp_id 
_struct_sheet_range.beg_label_asym_id 
_struct_sheet_range.beg_label_seq_id 
_struct_sheet_range.pdbx_beg_PDB_ins_code 
_struct_sheet_range.end_label_comp_id 
_struct_sheet_range.end_label_asym_id 
_struct_sheet_range.end_label_seq_id 
_struct_sheet_range.pdbx_end_PDB_ins_code 
_struct_sheet_range.beg_auth_comp_id 
_struct_sheet_range.beg_auth_asym_id 
_struct_sheet_range.beg_auth_seq_id 
_struct_sheet_range.end_auth_comp_id 
_struct_sheet_range.end_auth_asym_id 
_struct_sheet_range.end_auth_seq_id 
S1 1 VAL A 5   ? TRP A 7   ? VAL A 5   TRP A 7   
S1 2 ASP A 158 ? GLY A 167 ? ASP A 158 GLY A 167 
S1 3 VAL A 130 ? LEU A 134 ? VAL A 130 LEU A 134 
S1 4 SER A 206 ? VAL A 210 ? SER A 206 VAL A 210 
S1 5 ASP A 108 ? VAL A 113 ? ASP A 108 VAL A 113 
S1 6 TYR A 170 ? ASN A 175 ? TYR A 170 ASN A 175 
S1 7 GLY A 185 ? ARG A 191 ? GLY A 185 ARG A 191 
# 
loop_
_pdbx_struct_sheet_hbond.sheet_id 
_pdbx_struct_sheet_hbond.range_id_1 
_pdbx_struct_sheet_hbond.range_id_2 
_pdbx_struct_sheet_hbond.range_1_label_atom_id 
_pdbx_struct_sheet_hbond.range_1_label_comp_id 
_pdbx_struct_sheet_hbond.range_1_label_asym_id 
_pdbx_struct_sheet_hbond.range_1_label_seq_id 
_pdbx_struct_sheet_hbond.range_1_PDB_ins_code 
_pdbx_struct_sheet_hbond.range_1_auth_atom_id 
_pdbx_struct_sheet_hbond.range_1_auth_comp_id 
_pdbx_struct_sheet_hbond.range_1_auth_asym_id 
_pdbx_struct_sheet_hbond.range_1_auth_seq_id 
_pdbx_struct_sheet_hbond.range_2_label_atom_id 
_pdbx_struct_sheet_hbond.range_2_label_comp_id 
_pdbx_struct_sheet_hbond.range_2_label_asym_id 
_pdbx_struct_sheet_hbond.range_2_label_seq_id 
_pdbx_struct_sheet_hbond.range_2_PDB_ins_code 
_pdbx_struct_sheet_hbond.range_2_auth_atom_id 
_pdbx_struct_sheet_hbond.range_2_auth_comp_id 
_pdbx_struct_sheet_hbond.range_2_auth_asym_id 
_pdbx_struct_sheet_hbond.range_2_auth_seq_id 
S1 1 2 O VAL A 5   ? O VAL A 5   N TYR A 166 ? N TYR A 166 
S1 2 3 O HIS A 159 ? O HIS A 159 N LEU A 134 ? N LEU A 134 
S1 3 4 O SER A 131 ? O SER A 131 N PHE A 207 ? N PHE A 207 
S1 4 5 O SER A 206 ? O SER A 206 N VAL A 113 ? N VAL A 113 
S1 5 6 O GLY A 109 ? O GLY A 109 N LEU A 172 ? N LEU A 172 
S1 6 7 O ILE A 171 ? O ILE A 171 N ILE A 189 ? N ILE A 189 
# 
_struct_site.id                   AC1 
_struct_site.pdbx_evidence_code   Software 
_struct_site.pdbx_auth_asym_id    ? 
_struct_site.pdbx_auth_comp_id    ? 
_struct_site.pdbx_auth_seq_id     ? 
_struct_site.pdbx_auth_ins_code   ? 
_struct_site.pdbx_num_residues    8 
_struct_site.details              'BINDING SITE FOR CHAIN B OF SUCCINYL-GLN-VAL-VAL-ALA-ALA-P-NITROANILIDE' 
# 
loop_
_struct_site_gen.id 
_struct_site_gen.site_id 
_struct_site_gen.pdbx_num_res 
_struct_site_gen.label_comp_id 
_struct_site_gen.label_asym_id 
_struct_site_gen.label_seq_id 
_struct_site_gen.pdbx_auth_ins_code 
_struct_site_gen.auth_comp_id 
_struct_site_gen.auth_asym_id 
_struct_site_gen.auth_seq_id 
_struct_site_gen.label_atom_id 
_struct_site_gen.label_alt_id 
_struct_site_gen.symmetry 
_struct_site_gen.details 
1 AC1 8 GLN A 73  ? GLN A 73  . ? 2_764 ? 
2 AC1 8 VAL A 110 ? VAL A 110 . ? 2_764 ? 
3 AC1 8 ALA A 136 ? ALA A 136 . ? 1_555 ? 
4 AC1 8 ALA A 137 ? ALA A 137 . ? 1_555 ? 
5 AC1 8 GLN A 142 ? GLN A 142 . ? 1_555 ? 
6 AC1 8 LYS A 156 ? LYS A 156 . ? 1_555 ? 
7 AC1 8 ASP A 158 ? ASP A 158 . ? 1_555 ? 
8 AC1 8 TRP A 177 ? TRP A 177 . ? 1_555 ? 
# 
_pdbx_entry_details.entry_id                   1PIP 
_pdbx_entry_details.compound_details           ? 
_pdbx_entry_details.source_details             ? 
_pdbx_entry_details.nonpolymer_details         ? 
_pdbx_entry_details.sequence_details           
;SEQUENCE ADVISORY NOTICE: DIFFERENCE BETWEEN SWISS-PROT
AND PDB SEQUENCE.

     SWISS-PROT ENTRY NAME: PAPA_CARPA

     SWISS-PROT RESIDUE      PDB SEQRES
       NAME   NUMBER         NAME  CHAIN  SEQ/INSERT CODE
       GLU    47             GLN     A     47
       GLU   118             GLN     A    118
       GLU   135             GLN     A    135
;
_pdbx_entry_details.has_ligand_of_interest     ? 
_pdbx_entry_details.has_protein_modification   Y 
# 
loop_
_pdbx_validate_symm_contact.id 
_pdbx_validate_symm_contact.PDB_model_num 
_pdbx_validate_symm_contact.auth_atom_id_1 
_pdbx_validate_symm_contact.auth_asym_id_1 
_pdbx_validate_symm_contact.auth_comp_id_1 
_pdbx_validate_symm_contact.auth_seq_id_1 
_pdbx_validate_symm_contact.PDB_ins_code_1 
_pdbx_validate_symm_contact.label_alt_id_1 
_pdbx_validate_symm_contact.site_symmetry_1 
_pdbx_validate_symm_contact.auth_atom_id_2 
_pdbx_validate_symm_contact.auth_asym_id_2 
_pdbx_validate_symm_contact.auth_comp_id_2 
_pdbx_validate_symm_contact.auth_seq_id_2 
_pdbx_validate_symm_contact.PDB_ins_code_2 
_pdbx_validate_symm_contact.label_alt_id_2 
_pdbx_validate_symm_contact.site_symmetry_2 
_pdbx_validate_symm_contact.dist 
1 1 CG A GLN 73 ? ? 1_555 O4 B ZKO 400 ? ? 2_765 1.26 
2 1 CG A GLN 73 ? ? 1_555 C8 B ZKO 400 ? ? 2_765 2.06 
# 
loop_
_pdbx_validate_rmsd_bond.id 
_pdbx_validate_rmsd_bond.PDB_model_num 
_pdbx_validate_rmsd_bond.auth_atom_id_1 
_pdbx_validate_rmsd_bond.auth_asym_id_1 
_pdbx_validate_rmsd_bond.auth_comp_id_1 
_pdbx_validate_rmsd_bond.auth_seq_id_1 
_pdbx_validate_rmsd_bond.PDB_ins_code_1 
_pdbx_validate_rmsd_bond.label_alt_id_1 
_pdbx_validate_rmsd_bond.auth_atom_id_2 
_pdbx_validate_rmsd_bond.auth_asym_id_2 
_pdbx_validate_rmsd_bond.auth_comp_id_2 
_pdbx_validate_rmsd_bond.auth_seq_id_2 
_pdbx_validate_rmsd_bond.PDB_ins_code_2 
_pdbx_validate_rmsd_bond.label_alt_id_2 
_pdbx_validate_rmsd_bond.bond_value 
_pdbx_validate_rmsd_bond.bond_target_value 
_pdbx_validate_rmsd_bond.bond_deviation 
_pdbx_validate_rmsd_bond.bond_standard_deviation 
_pdbx_validate_rmsd_bond.linker_flag 
1 1 NE2 A HIS 81  ? ? CD2 A HIS 81  ? ? 1.302 1.373 -0.071 0.011 N 
2 1 NE2 A HIS 159 ? ? CD2 A HIS 159 ? ? 1.301 1.373 -0.072 0.011 N 
# 
loop_
_pdbx_validate_rmsd_angle.id 
_pdbx_validate_rmsd_angle.PDB_model_num 
_pdbx_validate_rmsd_angle.auth_atom_id_1 
_pdbx_validate_rmsd_angle.auth_asym_id_1 
_pdbx_validate_rmsd_angle.auth_comp_id_1 
_pdbx_validate_rmsd_angle.auth_seq_id_1 
_pdbx_validate_rmsd_angle.PDB_ins_code_1 
_pdbx_validate_rmsd_angle.label_alt_id_1 
_pdbx_validate_rmsd_angle.auth_atom_id_2 
_pdbx_validate_rmsd_angle.auth_asym_id_2 
_pdbx_validate_rmsd_angle.auth_comp_id_2 
_pdbx_validate_rmsd_angle.auth_seq_id_2 
_pdbx_validate_rmsd_angle.PDB_ins_code_2 
_pdbx_validate_rmsd_angle.label_alt_id_2 
_pdbx_validate_rmsd_angle.auth_atom_id_3 
_pdbx_validate_rmsd_angle.auth_asym_id_3 
_pdbx_validate_rmsd_angle.auth_comp_id_3 
_pdbx_validate_rmsd_angle.auth_seq_id_3 
_pdbx_validate_rmsd_angle.PDB_ins_code_3 
_pdbx_validate_rmsd_angle.label_alt_id_3 
_pdbx_validate_rmsd_angle.angle_value 
_pdbx_validate_rmsd_angle.angle_target_value 
_pdbx_validate_rmsd_angle.angle_deviation 
_pdbx_validate_rmsd_angle.angle_standard_deviation 
_pdbx_validate_rmsd_angle.linker_flag 
1  1 CD1 A TRP 7   ? ? CG  A TRP 7   ? ? CD2 A TRP 7   ? ? 112.35 106.30 6.05   0.80 N 
2  1 CE2 A TRP 7   ? ? CD2 A TRP 7   ? ? CG  A TRP 7   ? ? 101.83 107.30 -5.47  0.80 N 
3  1 NE  A ARG 8   ? ? CZ  A ARG 8   ? ? NH2 A ARG 8   ? ? 117.10 120.30 -3.20  0.50 N 
4  1 CD1 A TRP 26  ? ? CG  A TRP 26  ? ? CD2 A TRP 26  ? ? 111.13 106.30 4.83   0.80 N 
5  1 O   A CYS 63  ? ? C   A CYS 63  ? ? N   A ASN 64  ? ? 113.09 122.70 -9.61  1.60 Y 
6  1 CA  A ASN 64  ? ? CB  A ASN 64  ? ? CG  A ASN 64  ? ? 128.05 113.40 14.65  2.20 N 
7  1 CD1 A TRP 69  ? ? CG  A TRP 69  ? ? CD2 A TRP 69  ? ? 112.96 106.30 6.66   0.80 N 
8  1 CE2 A TRP 69  ? ? CD2 A TRP 69  ? ? CG  A TRP 69  ? ? 101.79 107.30 -5.51  0.80 N 
9  1 CA  A TYR 94  ? ? CB  A TYR 94  ? ? CG  A TYR 94  ? ? 126.05 113.40 12.65  1.90 N 
10 1 NE  A ARG 98  ? ? CZ  A ARG 98  ? ? NH1 A ARG 98  ? ? 124.78 120.30 4.48   0.50 N 
11 1 NE  A ARG 98  ? ? CZ  A ARG 98  ? ? NH2 A ARG 98  ? ? 116.90 120.30 -3.40  0.50 N 
12 1 NE  A ARG 111 ? ? CZ  A ARG 111 ? ? NH2 A ARG 111 ? ? 116.57 120.30 -3.73  0.50 N 
13 1 CB  A TYR 116 ? ? CG  A TYR 116 ? ? CD2 A TYR 116 ? ? 116.75 121.00 -4.25  0.60 N 
14 1 N   A VAL 132 ? ? CA  A VAL 132 ? ? CB  A VAL 132 ? ? 98.13  111.50 -13.37 2.20 N 
15 1 NE  A ARG 145 ? ? CZ  A ARG 145 ? ? NH1 A ARG 145 ? ? 123.69 120.30 3.39   0.50 N 
16 1 CG1 A VAL 161 ? ? CB  A VAL 161 ? ? CG2 A VAL 161 ? ? 120.97 110.90 10.07  1.60 N 
17 1 CD1 A TRP 177 ? ? CG  A TRP 177 ? ? CD2 A TRP 177 ? ? 111.58 106.30 5.28   0.80 N 
18 1 CE2 A TRP 177 ? ? CD2 A TRP 177 ? ? CG  A TRP 177 ? ? 102.34 107.30 -4.96  0.80 N 
19 1 CA  A TRP 177 ? ? C   A TRP 177 ? ? N   A GLY 178 ? ? 129.81 116.20 13.61  2.00 Y 
20 1 O   A TRP 177 ? ? C   A TRP 177 ? ? N   A GLY 178 ? ? 111.82 123.20 -11.38 1.70 Y 
21 1 CD1 A TRP 181 ? ? CG  A TRP 181 ? ? CD2 A TRP 181 ? ? 111.81 106.30 5.51   0.80 N 
22 1 CA  B VAL 401 ? ? CB  B VAL 401 ? ? CG2 B VAL 401 ? ? 98.60  110.90 -12.30 1.50 N 
23 1 N   B ALA 403 ? ? CA  B ALA 403 ? ? C   B ALA 403 ? ? 128.33 111.00 17.33  2.70 N 
# 
loop_
_pdbx_validate_torsion.id 
_pdbx_validate_torsion.PDB_model_num 
_pdbx_validate_torsion.auth_comp_id 
_pdbx_validate_torsion.auth_asym_id 
_pdbx_validate_torsion.auth_seq_id 
_pdbx_validate_torsion.PDB_ins_code 
_pdbx_validate_torsion.label_alt_id 
_pdbx_validate_torsion.phi 
_pdbx_validate_torsion.psi 
1 1 ASN A 64  ? ? 49.93   21.04   
2 1 TYR A 78  ? ? -121.02 -73.69  
3 1 TRP A 177 ? ? -105.00 -160.91 
4 1 VAL B 401 ? ? 108.56  126.32  
5 1 ALA B 403 ? ? -33.78  69.26   
# 
_pdbx_molecule_features.prd_id    PRD_000354 
_pdbx_molecule_features.name      SUCCINYL-GLN-VAL-VAL-ALA-ALA-P-NITROANILIDE 
_pdbx_molecule_features.type      Peptide-like 
_pdbx_molecule_features.class     Inhibitor 
_pdbx_molecule_features.details   ? 
# 
loop_
_chem_comp_atom.comp_id 
_chem_comp_atom.atom_id 
_chem_comp_atom.type_symbol 
_chem_comp_atom.pdbx_aromatic_flag 
_chem_comp_atom.pdbx_stereo_config 
_chem_comp_atom.pdbx_ordinal 
ALA N    N N N 1   
ALA CA   C N S 2   
ALA C    C N N 3   
ALA O    O N N 4   
ALA CB   C N N 5   
ALA OXT  O N N 6   
ALA H    H N N 7   
ALA H2   H N N 8   
ALA HA   H N N 9   
ALA HB1  H N N 10  
ALA HB2  H N N 11  
ALA HB3  H N N 12  
ALA HXT  H N N 13  
ARG N    N N N 14  
ARG CA   C N S 15  
ARG C    C N N 16  
ARG O    O N N 17  
ARG CB   C N N 18  
ARG CG   C N N 19  
ARG CD   C N N 20  
ARG NE   N N N 21  
ARG CZ   C N N 22  
ARG NH1  N N N 23  
ARG NH2  N N N 24  
ARG OXT  O N N 25  
ARG H    H N N 26  
ARG H2   H N N 27  
ARG HA   H N N 28  
ARG HB2  H N N 29  
ARG HB3  H N N 30  
ARG HG2  H N N 31  
ARG HG3  H N N 32  
ARG HD2  H N N 33  
ARG HD3  H N N 34  
ARG HE   H N N 35  
ARG HH11 H N N 36  
ARG HH12 H N N 37  
ARG HH21 H N N 38  
ARG HH22 H N N 39  
ARG HXT  H N N 40  
ASN N    N N N 41  
ASN CA   C N S 42  
ASN C    C N N 43  
ASN O    O N N 44  
ASN CB   C N N 45  
ASN CG   C N N 46  
ASN OD1  O N N 47  
ASN ND2  N N N 48  
ASN OXT  O N N 49  
ASN H    H N N 50  
ASN H2   H N N 51  
ASN HA   H N N 52  
ASN HB2  H N N 53  
ASN HB3  H N N 54  
ASN HD21 H N N 55  
ASN HD22 H N N 56  
ASN HXT  H N N 57  
ASP N    N N N 58  
ASP CA   C N S 59  
ASP C    C N N 60  
ASP O    O N N 61  
ASP CB   C N N 62  
ASP CG   C N N 63  
ASP OD1  O N N 64  
ASP OD2  O N N 65  
ASP OXT  O N N 66  
ASP H    H N N 67  
ASP H2   H N N 68  
ASP HA   H N N 69  
ASP HB2  H N N 70  
ASP HB3  H N N 71  
ASP HD2  H N N 72  
ASP HXT  H N N 73  
CYS N    N N N 74  
CYS CA   C N R 75  
CYS C    C N N 76  
CYS O    O N N 77  
CYS CB   C N N 78  
CYS SG   S N N 79  
CYS OXT  O N N 80  
CYS H    H N N 81  
CYS H2   H N N 82  
CYS HA   H N N 83  
CYS HB2  H N N 84  
CYS HB3  H N N 85  
CYS HG   H N N 86  
CYS HXT  H N N 87  
GLN N    N N N 88  
GLN CA   C N S 89  
GLN C    C N N 90  
GLN O    O N N 91  
GLN CB   C N N 92  
GLN CG   C N N 93  
GLN CD   C N N 94  
GLN OE1  O N N 95  
GLN NE2  N N N 96  
GLN OXT  O N N 97  
GLN H    H N N 98  
GLN H2   H N N 99  
GLN HA   H N N 100 
GLN HB2  H N N 101 
GLN HB3  H N N 102 
GLN HG2  H N N 103 
GLN HG3  H N N 104 
GLN HE21 H N N 105 
GLN HE22 H N N 106 
GLN HXT  H N N 107 
GLU N    N N N 108 
GLU CA   C N S 109 
GLU C    C N N 110 
GLU O    O N N 111 
GLU CB   C N N 112 
GLU CG   C N N 113 
GLU CD   C N N 114 
GLU OE1  O N N 115 
GLU OE2  O N N 116 
GLU OXT  O N N 117 
GLU H    H N N 118 
GLU H2   H N N 119 
GLU HA   H N N 120 
GLU HB2  H N N 121 
GLU HB3  H N N 122 
GLU HG2  H N N 123 
GLU HG3  H N N 124 
GLU HE2  H N N 125 
GLU HXT  H N N 126 
GLY N    N N N 127 
GLY CA   C N N 128 
GLY C    C N N 129 
GLY O    O N N 130 
GLY OXT  O N N 131 
GLY H    H N N 132 
GLY H2   H N N 133 
GLY HA2  H N N 134 
GLY HA3  H N N 135 
GLY HXT  H N N 136 
HIS N    N N N 137 
HIS CA   C N S 138 
HIS C    C N N 139 
HIS O    O N N 140 
HIS CB   C N N 141 
HIS CG   C Y N 142 
HIS ND1  N Y N 143 
HIS CD2  C Y N 144 
HIS CE1  C Y N 145 
HIS NE2  N Y N 146 
HIS OXT  O N N 147 
HIS H    H N N 148 
HIS H2   H N N 149 
HIS HA   H N N 150 
HIS HB2  H N N 151 
HIS HB3  H N N 152 
HIS HD1  H N N 153 
HIS HD2  H N N 154 
HIS HE1  H N N 155 
HIS HE2  H N N 156 
HIS HXT  H N N 157 
ILE N    N N N 158 
ILE CA   C N S 159 
ILE C    C N N 160 
ILE O    O N N 161 
ILE CB   C N S 162 
ILE CG1  C N N 163 
ILE CG2  C N N 164 
ILE CD1  C N N 165 
ILE OXT  O N N 166 
ILE H    H N N 167 
ILE H2   H N N 168 
ILE HA   H N N 169 
ILE HB   H N N 170 
ILE HG12 H N N 171 
ILE HG13 H N N 172 
ILE HG21 H N N 173 
ILE HG22 H N N 174 
ILE HG23 H N N 175 
ILE HD11 H N N 176 
ILE HD12 H N N 177 
ILE HD13 H N N 178 
ILE HXT  H N N 179 
LEU N    N N N 180 
LEU CA   C N S 181 
LEU C    C N N 182 
LEU O    O N N 183 
LEU CB   C N N 184 
LEU CG   C N N 185 
LEU CD1  C N N 186 
LEU CD2  C N N 187 
LEU OXT  O N N 188 
LEU H    H N N 189 
LEU H2   H N N 190 
LEU HA   H N N 191 
LEU HB2  H N N 192 
LEU HB3  H N N 193 
LEU HG   H N N 194 
LEU HD11 H N N 195 
LEU HD12 H N N 196 
LEU HD13 H N N 197 
LEU HD21 H N N 198 
LEU HD22 H N N 199 
LEU HD23 H N N 200 
LEU HXT  H N N 201 
LYS N    N N N 202 
LYS CA   C N S 203 
LYS C    C N N 204 
LYS O    O N N 205 
LYS CB   C N N 206 
LYS CG   C N N 207 
LYS CD   C N N 208 
LYS CE   C N N 209 
LYS NZ   N N N 210 
LYS OXT  O N N 211 
LYS H    H N N 212 
LYS H2   H N N 213 
LYS HA   H N N 214 
LYS HB2  H N N 215 
LYS HB3  H N N 216 
LYS HG2  H N N 217 
LYS HG3  H N N 218 
LYS HD2  H N N 219 
LYS HD3  H N N 220 
LYS HE2  H N N 221 
LYS HE3  H N N 222 
LYS HZ1  H N N 223 
LYS HZ2  H N N 224 
LYS HZ3  H N N 225 
LYS HXT  H N N 226 
NIT N1   N N N 227 
NIT C1   C Y N 228 
NIT C2   C Y N 229 
NIT C3   C Y N 230 
NIT C4   C Y N 231 
NIT N4   N N N 232 
NIT ON1  O N N 233 
NIT ON2  O N N 234 
NIT C5   C Y N 235 
NIT C6   C Y N 236 
NIT HN11 H N N 237 
NIT HN12 H N N 238 
NIT H2   H N N 239 
NIT H3   H N N 240 
NIT H5   H N N 241 
NIT H6   H N N 242 
PHE N    N N N 243 
PHE CA   C N S 244 
PHE C    C N N 245 
PHE O    O N N 246 
PHE CB   C N N 247 
PHE CG   C Y N 248 
PHE CD1  C Y N 249 
PHE CD2  C Y N 250 
PHE CE1  C Y N 251 
PHE CE2  C Y N 252 
PHE CZ   C Y N 253 
PHE OXT  O N N 254 
PHE H    H N N 255 
PHE H2   H N N 256 
PHE HA   H N N 257 
PHE HB2  H N N 258 
PHE HB3  H N N 259 
PHE HD1  H N N 260 
PHE HD2  H N N 261 
PHE HE1  H N N 262 
PHE HE2  H N N 263 
PHE HZ   H N N 264 
PHE HXT  H N N 265 
PRO N    N N N 266 
PRO CA   C N S 267 
PRO C    C N N 268 
PRO O    O N N 269 
PRO CB   C N N 270 
PRO CG   C N N 271 
PRO CD   C N N 272 
PRO OXT  O N N 273 
PRO H    H N N 274 
PRO HA   H N N 275 
PRO HB2  H N N 276 
PRO HB3  H N N 277 
PRO HG2  H N N 278 
PRO HG3  H N N 279 
PRO HD2  H N N 280 
PRO HD3  H N N 281 
PRO HXT  H N N 282 
SER N    N N N 283 
SER CA   C N S 284 
SER C    C N N 285 
SER O    O N N 286 
SER CB   C N N 287 
SER OG   O N N 288 
SER OXT  O N N 289 
SER H    H N N 290 
SER H2   H N N 291 
SER HA   H N N 292 
SER HB2  H N N 293 
SER HB3  H N N 294 
SER HG   H N N 295 
SER HXT  H N N 296 
THR N    N N N 297 
THR CA   C N S 298 
THR C    C N N 299 
THR O    O N N 300 
THR CB   C N R 301 
THR OG1  O N N 302 
THR CG2  C N N 303 
THR OXT  O N N 304 
THR H    H N N 305 
THR H2   H N N 306 
THR HA   H N N 307 
THR HB   H N N 308 
THR HG1  H N N 309 
THR HG21 H N N 310 
THR HG22 H N N 311 
THR HG23 H N N 312 
THR HXT  H N N 313 
TRP N    N N N 314 
TRP CA   C N S 315 
TRP C    C N N 316 
TRP O    O N N 317 
TRP CB   C N N 318 
TRP CG   C Y N 319 
TRP CD1  C Y N 320 
TRP CD2  C Y N 321 
TRP NE1  N Y N 322 
TRP CE2  C Y N 323 
TRP CE3  C Y N 324 
TRP CZ2  C Y N 325 
TRP CZ3  C Y N 326 
TRP CH2  C Y N 327 
TRP OXT  O N N 328 
TRP H    H N N 329 
TRP H2   H N N 330 
TRP HA   H N N 331 
TRP HB2  H N N 332 
TRP HB3  H N N 333 
TRP HD1  H N N 334 
TRP HE1  H N N 335 
TRP HE3  H N N 336 
TRP HZ2  H N N 337 
TRP HZ3  H N N 338 
TRP HH2  H N N 339 
TRP HXT  H N N 340 
TYR N    N N N 341 
TYR CA   C N S 342 
TYR C    C N N 343 
TYR O    O N N 344 
TYR CB   C N N 345 
TYR CG   C Y N 346 
TYR CD1  C Y N 347 
TYR CD2  C Y N 348 
TYR CE1  C Y N 349 
TYR CE2  C Y N 350 
TYR CZ   C Y N 351 
TYR OH   O N N 352 
TYR OXT  O N N 353 
TYR H    H N N 354 
TYR H2   H N N 355 
TYR HA   H N N 356 
TYR HB2  H N N 357 
TYR HB3  H N N 358 
TYR HD1  H N N 359 
TYR HD2  H N N 360 
TYR HE1  H N N 361 
TYR HE2  H N N 362 
TYR HH   H N N 363 
TYR HXT  H N N 364 
VAL N    N N N 365 
VAL CA   C N S 366 
VAL C    C N N 367 
VAL O    O N N 368 
VAL CB   C N N 369 
VAL CG1  C N N 370 
VAL CG2  C N N 371 
VAL OXT  O N N 372 
VAL H    H N N 373 
VAL H2   H N N 374 
VAL HA   H N N 375 
VAL HB   H N N 376 
VAL HG11 H N N 377 
VAL HG12 H N N 378 
VAL HG13 H N N 379 
VAL HG21 H N N 380 
VAL HG22 H N N 381 
VAL HG23 H N N 382 
VAL HXT  H N N 383 
ZKO NE2  N N N 384 
ZKO CD   C N N 385 
ZKO OE1  O N N 386 
ZKO CG   C N N 387 
ZKO CB   C N N 388 
ZKO CA   C N S 389 
ZKO N    N N N 390 
ZKO C5   C N N 391 
ZKO O2   O N N 392 
ZKO C6   C N N 393 
ZKO C7   C N N 394 
ZKO C8   C N N 395 
ZKO O3   O N N 396 
ZKO O4   O N N 397 
ZKO C    C N N 398 
ZKO OXT  O N N 399 
ZKO O    O N N 400 
ZKO HE21 H N N 401 
ZKO HE22 H N N 402 
ZKO HG2  H N N 403 
ZKO HG3  H N N 404 
ZKO HB2  H N N 405 
ZKO HB3  H N N 406 
ZKO HA   H N N 407 
ZKO H    H N N 408 
ZKO H9   H N N 409 
ZKO H10  H N N 410 
ZKO H11  H N N 411 
ZKO H12  H N N 412 
ZKO H13  H N N 413 
ZKO HXT  H N N 414 
# 
loop_
_chem_comp_bond.comp_id 
_chem_comp_bond.atom_id_1 
_chem_comp_bond.atom_id_2 
_chem_comp_bond.value_order 
_chem_comp_bond.pdbx_aromatic_flag 
_chem_comp_bond.pdbx_stereo_config 
_chem_comp_bond.pdbx_ordinal 
ALA N   CA   sing N N 1   
ALA N   H    sing N N 2   
ALA N   H2   sing N N 3   
ALA CA  C    sing N N 4   
ALA CA  CB   sing N N 5   
ALA CA  HA   sing N N 6   
ALA C   O    doub N N 7   
ALA C   OXT  sing N N 8   
ALA CB  HB1  sing N N 9   
ALA CB  HB2  sing N N 10  
ALA CB  HB3  sing N N 11  
ALA OXT HXT  sing N N 12  
ARG N   CA   sing N N 13  
ARG N   H    sing N N 14  
ARG N   H2   sing N N 15  
ARG CA  C    sing N N 16  
ARG CA  CB   sing N N 17  
ARG CA  HA   sing N N 18  
ARG C   O    doub N N 19  
ARG C   OXT  sing N N 20  
ARG CB  CG   sing N N 21  
ARG CB  HB2  sing N N 22  
ARG CB  HB3  sing N N 23  
ARG CG  CD   sing N N 24  
ARG CG  HG2  sing N N 25  
ARG CG  HG3  sing N N 26  
ARG CD  NE   sing N N 27  
ARG CD  HD2  sing N N 28  
ARG CD  HD3  sing N N 29  
ARG NE  CZ   sing N N 30  
ARG NE  HE   sing N N 31  
ARG CZ  NH1  sing N N 32  
ARG CZ  NH2  doub N N 33  
ARG NH1 HH11 sing N N 34  
ARG NH1 HH12 sing N N 35  
ARG NH2 HH21 sing N N 36  
ARG NH2 HH22 sing N N 37  
ARG OXT HXT  sing N N 38  
ASN N   CA   sing N N 39  
ASN N   H    sing N N 40  
ASN N   H2   sing N N 41  
ASN CA  C    sing N N 42  
ASN CA  CB   sing N N 43  
ASN CA  HA   sing N N 44  
ASN C   O    doub N N 45  
ASN C   OXT  sing N N 46  
ASN CB  CG   sing N N 47  
ASN CB  HB2  sing N N 48  
ASN CB  HB3  sing N N 49  
ASN CG  OD1  doub N N 50  
ASN CG  ND2  sing N N 51  
ASN ND2 HD21 sing N N 52  
ASN ND2 HD22 sing N N 53  
ASN OXT HXT  sing N N 54  
ASP N   CA   sing N N 55  
ASP N   H    sing N N 56  
ASP N   H2   sing N N 57  
ASP CA  C    sing N N 58  
ASP CA  CB   sing N N 59  
ASP CA  HA   sing N N 60  
ASP C   O    doub N N 61  
ASP C   OXT  sing N N 62  
ASP CB  CG   sing N N 63  
ASP CB  HB2  sing N N 64  
ASP CB  HB3  sing N N 65  
ASP CG  OD1  doub N N 66  
ASP CG  OD2  sing N N 67  
ASP OD2 HD2  sing N N 68  
ASP OXT HXT  sing N N 69  
CYS N   CA   sing N N 70  
CYS N   H    sing N N 71  
CYS N   H2   sing N N 72  
CYS CA  C    sing N N 73  
CYS CA  CB   sing N N 74  
CYS CA  HA   sing N N 75  
CYS C   O    doub N N 76  
CYS C   OXT  sing N N 77  
CYS CB  SG   sing N N 78  
CYS CB  HB2  sing N N 79  
CYS CB  HB3  sing N N 80  
CYS SG  HG   sing N N 81  
CYS OXT HXT  sing N N 82  
GLN N   CA   sing N N 83  
GLN N   H    sing N N 84  
GLN N   H2   sing N N 85  
GLN CA  C    sing N N 86  
GLN CA  CB   sing N N 87  
GLN CA  HA   sing N N 88  
GLN C   O    doub N N 89  
GLN C   OXT  sing N N 90  
GLN CB  CG   sing N N 91  
GLN CB  HB2  sing N N 92  
GLN CB  HB3  sing N N 93  
GLN CG  CD   sing N N 94  
GLN CG  HG2  sing N N 95  
GLN CG  HG3  sing N N 96  
GLN CD  OE1  doub N N 97  
GLN CD  NE2  sing N N 98  
GLN NE2 HE21 sing N N 99  
GLN NE2 HE22 sing N N 100 
GLN OXT HXT  sing N N 101 
GLU N   CA   sing N N 102 
GLU N   H    sing N N 103 
GLU N   H2   sing N N 104 
GLU CA  C    sing N N 105 
GLU CA  CB   sing N N 106 
GLU CA  HA   sing N N 107 
GLU C   O    doub N N 108 
GLU C   OXT  sing N N 109 
GLU CB  CG   sing N N 110 
GLU CB  HB2  sing N N 111 
GLU CB  HB3  sing N N 112 
GLU CG  CD   sing N N 113 
GLU CG  HG2  sing N N 114 
GLU CG  HG3  sing N N 115 
GLU CD  OE1  doub N N 116 
GLU CD  OE2  sing N N 117 
GLU OE2 HE2  sing N N 118 
GLU OXT HXT  sing N N 119 
GLY N   CA   sing N N 120 
GLY N   H    sing N N 121 
GLY N   H2   sing N N 122 
GLY CA  C    sing N N 123 
GLY CA  HA2  sing N N 124 
GLY CA  HA3  sing N N 125 
GLY C   O    doub N N 126 
GLY C   OXT  sing N N 127 
GLY OXT HXT  sing N N 128 
HIS N   CA   sing N N 129 
HIS N   H    sing N N 130 
HIS N   H2   sing N N 131 
HIS CA  C    sing N N 132 
HIS CA  CB   sing N N 133 
HIS CA  HA   sing N N 134 
HIS C   O    doub N N 135 
HIS C   OXT  sing N N 136 
HIS CB  CG   sing N N 137 
HIS CB  HB2  sing N N 138 
HIS CB  HB3  sing N N 139 
HIS CG  ND1  sing Y N 140 
HIS CG  CD2  doub Y N 141 
HIS ND1 CE1  doub Y N 142 
HIS ND1 HD1  sing N N 143 
HIS CD2 NE2  sing Y N 144 
HIS CD2 HD2  sing N N 145 
HIS CE1 NE2  sing Y N 146 
HIS CE1 HE1  sing N N 147 
HIS NE2 HE2  sing N N 148 
HIS OXT HXT  sing N N 149 
ILE N   CA   sing N N 150 
ILE N   H    sing N N 151 
ILE N   H2   sing N N 152 
ILE CA  C    sing N N 153 
ILE CA  CB   sing N N 154 
ILE CA  HA   sing N N 155 
ILE C   O    doub N N 156 
ILE C   OXT  sing N N 157 
ILE CB  CG1  sing N N 158 
ILE CB  CG2  sing N N 159 
ILE CB  HB   sing N N 160 
ILE CG1 CD1  sing N N 161 
ILE CG1 HG12 sing N N 162 
ILE CG1 HG13 sing N N 163 
ILE CG2 HG21 sing N N 164 
ILE CG2 HG22 sing N N 165 
ILE CG2 HG23 sing N N 166 
ILE CD1 HD11 sing N N 167 
ILE CD1 HD12 sing N N 168 
ILE CD1 HD13 sing N N 169 
ILE OXT HXT  sing N N 170 
LEU N   CA   sing N N 171 
LEU N   H    sing N N 172 
LEU N   H2   sing N N 173 
LEU CA  C    sing N N 174 
LEU CA  CB   sing N N 175 
LEU CA  HA   sing N N 176 
LEU C   O    doub N N 177 
LEU C   OXT  sing N N 178 
LEU CB  CG   sing N N 179 
LEU CB  HB2  sing N N 180 
LEU CB  HB3  sing N N 181 
LEU CG  CD1  sing N N 182 
LEU CG  CD2  sing N N 183 
LEU CG  HG   sing N N 184 
LEU CD1 HD11 sing N N 185 
LEU CD1 HD12 sing N N 186 
LEU CD1 HD13 sing N N 187 
LEU CD2 HD21 sing N N 188 
LEU CD2 HD22 sing N N 189 
LEU CD2 HD23 sing N N 190 
LEU OXT HXT  sing N N 191 
LYS N   CA   sing N N 192 
LYS N   H    sing N N 193 
LYS N   H2   sing N N 194 
LYS CA  C    sing N N 195 
LYS CA  CB   sing N N 196 
LYS CA  HA   sing N N 197 
LYS C   O    doub N N 198 
LYS C   OXT  sing N N 199 
LYS CB  CG   sing N N 200 
LYS CB  HB2  sing N N 201 
LYS CB  HB3  sing N N 202 
LYS CG  CD   sing N N 203 
LYS CG  HG2  sing N N 204 
LYS CG  HG3  sing N N 205 
LYS CD  CE   sing N N 206 
LYS CD  HD2  sing N N 207 
LYS CD  HD3  sing N N 208 
LYS CE  NZ   sing N N 209 
LYS CE  HE2  sing N N 210 
LYS CE  HE3  sing N N 211 
LYS NZ  HZ1  sing N N 212 
LYS NZ  HZ2  sing N N 213 
LYS NZ  HZ3  sing N N 214 
LYS OXT HXT  sing N N 215 
NIT N1  C1   sing N N 216 
NIT N1  HN11 sing N N 217 
NIT N1  HN12 sing N N 218 
NIT C1  C2   doub Y N 219 
NIT C1  C6   sing Y N 220 
NIT C2  C3   sing Y N 221 
NIT C2  H2   sing N N 222 
NIT C3  C4   doub Y N 223 
NIT C3  H3   sing N N 224 
NIT C4  N4   sing N N 225 
NIT C4  C5   sing Y N 226 
NIT N4  ON1  sing N N 227 
NIT N4  ON2  doub N N 228 
NIT C5  C6   doub Y N 229 
NIT C5  H5   sing N N 230 
NIT C6  H6   sing N N 231 
PHE N   CA   sing N N 232 
PHE N   H    sing N N 233 
PHE N   H2   sing N N 234 
PHE CA  C    sing N N 235 
PHE CA  CB   sing N N 236 
PHE CA  HA   sing N N 237 
PHE C   O    doub N N 238 
PHE C   OXT  sing N N 239 
PHE CB  CG   sing N N 240 
PHE CB  HB2  sing N N 241 
PHE CB  HB3  sing N N 242 
PHE CG  CD1  doub Y N 243 
PHE CG  CD2  sing Y N 244 
PHE CD1 CE1  sing Y N 245 
PHE CD1 HD1  sing N N 246 
PHE CD2 CE2  doub Y N 247 
PHE CD2 HD2  sing N N 248 
PHE CE1 CZ   doub Y N 249 
PHE CE1 HE1  sing N N 250 
PHE CE2 CZ   sing Y N 251 
PHE CE2 HE2  sing N N 252 
PHE CZ  HZ   sing N N 253 
PHE OXT HXT  sing N N 254 
PRO N   CA   sing N N 255 
PRO N   CD   sing N N 256 
PRO N   H    sing N N 257 
PRO CA  C    sing N N 258 
PRO CA  CB   sing N N 259 
PRO CA  HA   sing N N 260 
PRO C   O    doub N N 261 
PRO C   OXT  sing N N 262 
PRO CB  CG   sing N N 263 
PRO CB  HB2  sing N N 264 
PRO CB  HB3  sing N N 265 
PRO CG  CD   sing N N 266 
PRO CG  HG2  sing N N 267 
PRO CG  HG3  sing N N 268 
PRO CD  HD2  sing N N 269 
PRO CD  HD3  sing N N 270 
PRO OXT HXT  sing N N 271 
SER N   CA   sing N N 272 
SER N   H    sing N N 273 
SER N   H2   sing N N 274 
SER CA  C    sing N N 275 
SER CA  CB   sing N N 276 
SER CA  HA   sing N N 277 
SER C   O    doub N N 278 
SER C   OXT  sing N N 279 
SER CB  OG   sing N N 280 
SER CB  HB2  sing N N 281 
SER CB  HB3  sing N N 282 
SER OG  HG   sing N N 283 
SER OXT HXT  sing N N 284 
THR N   CA   sing N N 285 
THR N   H    sing N N 286 
THR N   H2   sing N N 287 
THR CA  C    sing N N 288 
THR CA  CB   sing N N 289 
THR CA  HA   sing N N 290 
THR C   O    doub N N 291 
THR C   OXT  sing N N 292 
THR CB  OG1  sing N N 293 
THR CB  CG2  sing N N 294 
THR CB  HB   sing N N 295 
THR OG1 HG1  sing N N 296 
THR CG2 HG21 sing N N 297 
THR CG2 HG22 sing N N 298 
THR CG2 HG23 sing N N 299 
THR OXT HXT  sing N N 300 
TRP N   CA   sing N N 301 
TRP N   H    sing N N 302 
TRP N   H2   sing N N 303 
TRP CA  C    sing N N 304 
TRP CA  CB   sing N N 305 
TRP CA  HA   sing N N 306 
TRP C   O    doub N N 307 
TRP C   OXT  sing N N 308 
TRP CB  CG   sing N N 309 
TRP CB  HB2  sing N N 310 
TRP CB  HB3  sing N N 311 
TRP CG  CD1  doub Y N 312 
TRP CG  CD2  sing Y N 313 
TRP CD1 NE1  sing Y N 314 
TRP CD1 HD1  sing N N 315 
TRP CD2 CE2  doub Y N 316 
TRP CD2 CE3  sing Y N 317 
TRP NE1 CE2  sing Y N 318 
TRP NE1 HE1  sing N N 319 
TRP CE2 CZ2  sing Y N 320 
TRP CE3 CZ3  doub Y N 321 
TRP CE3 HE3  sing N N 322 
TRP CZ2 CH2  doub Y N 323 
TRP CZ2 HZ2  sing N N 324 
TRP CZ3 CH2  sing Y N 325 
TRP CZ3 HZ3  sing N N 326 
TRP CH2 HH2  sing N N 327 
TRP OXT HXT  sing N N 328 
TYR N   CA   sing N N 329 
TYR N   H    sing N N 330 
TYR N   H2   sing N N 331 
TYR CA  C    sing N N 332 
TYR CA  CB   sing N N 333 
TYR CA  HA   sing N N 334 
TYR C   O    doub N N 335 
TYR C   OXT  sing N N 336 
TYR CB  CG   sing N N 337 
TYR CB  HB2  sing N N 338 
TYR CB  HB3  sing N N 339 
TYR CG  CD1  doub Y N 340 
TYR CG  CD2  sing Y N 341 
TYR CD1 CE1  sing Y N 342 
TYR CD1 HD1  sing N N 343 
TYR CD2 CE2  doub Y N 344 
TYR CD2 HD2  sing N N 345 
TYR CE1 CZ   doub Y N 346 
TYR CE1 HE1  sing N N 347 
TYR CE2 CZ   sing Y N 348 
TYR CE2 HE2  sing N N 349 
TYR CZ  OH   sing N N 350 
TYR OH  HH   sing N N 351 
TYR OXT HXT  sing N N 352 
VAL N   CA   sing N N 353 
VAL N   H    sing N N 354 
VAL N   H2   sing N N 355 
VAL CA  C    sing N N 356 
VAL CA  CB   sing N N 357 
VAL CA  HA   sing N N 358 
VAL C   O    doub N N 359 
VAL C   OXT  sing N N 360 
VAL CB  CG1  sing N N 361 
VAL CB  CG2  sing N N 362 
VAL CB  HB   sing N N 363 
VAL CG1 HG11 sing N N 364 
VAL CG1 HG12 sing N N 365 
VAL CG1 HG13 sing N N 366 
VAL CG2 HG21 sing N N 367 
VAL CG2 HG22 sing N N 368 
VAL CG2 HG23 sing N N 369 
VAL OXT HXT  sing N N 370 
ZKO NE2 CD   sing N N 371 
ZKO CD  OE1  doub N N 372 
ZKO CD  CG   sing N N 373 
ZKO CG  CB   sing N N 374 
ZKO CB  CA   sing N N 375 
ZKO CA  N    sing N N 376 
ZKO N   C5   sing N N 377 
ZKO C5  O2   doub N N 378 
ZKO C5  C6   sing N N 379 
ZKO C6  C7   sing N N 380 
ZKO C7  C8   sing N N 381 
ZKO C8  O3   sing N N 382 
ZKO C8  O4   doub N N 383 
ZKO CA  C    sing N N 384 
ZKO C   OXT  sing N N 385 
ZKO C   O    doub N N 386 
ZKO NE2 HE21 sing N N 387 
ZKO NE2 HE22 sing N N 388 
ZKO CG  HG2  sing N N 389 
ZKO CG  HG3  sing N N 390 
ZKO CB  HB2  sing N N 391 
ZKO CB  HB3  sing N N 392 
ZKO CA  HA   sing N N 393 
ZKO N   H    sing N N 394 
ZKO C6  H9   sing N N 395 
ZKO C6  H10  sing N N 396 
ZKO C7  H11  sing N N 397 
ZKO C7  H12  sing N N 398 
ZKO O3  H13  sing N N 399 
ZKO OXT HXT  sing N N 400 
# 
_atom_sites.entry_id                    1PIP 
_atom_sites.fract_transf_matrix[1][1]   0.01569144 
_atom_sites.fract_transf_matrix[1][2]   -0.01317631 
_atom_sites.fract_transf_matrix[1][3]   -0.01089625 
_atom_sites.fract_transf_matrix[2][1]   0.00716766 
_atom_sites.fract_transf_matrix[2][2]   0.00567556 
_atom_sites.fract_transf_matrix[2][3]   0.00345880 
_atom_sites.fract_transf_matrix[3][1]   0.00144324 
_atom_sites.fract_transf_matrix[3][2]   -0.01174365 
_atom_sites.fract_transf_matrix[3][3]   0.01627941 
_atom_sites.fract_transf_vector[1]      1.433123 
_atom_sites.fract_transf_vector[2]      0.388814 
_atom_sites.fract_transf_vector[3]      0.651458 
# 
_atom_sites_footnote.id     1 
_atom_sites_footnote.text   'CIS PROLINE - PRO A   152' 
# 
loop_
_atom_type.symbol 
C 
N 
O 
S 
# 
loop_
_atom_site.group_PDB 
_atom_site.id 
_atom_site.type_symbol 
_atom_site.label_atom_id 
_atom_site.label_alt_id 
_atom_site.label_comp_id 
_atom_site.label_asym_id 
_atom_site.label_entity_id 
_atom_site.label_seq_id 
_atom_site.pdbx_PDB_ins_code 
_atom_site.Cartn_x 
_atom_site.Cartn_y 
_atom_site.Cartn_z 
_atom_site.occupancy 
_atom_site.B_iso_or_equiv 
_atom_site.pdbx_formal_charge 
_atom_site.auth_seq_id 
_atom_site.auth_comp_id 
_atom_site.auth_asym_id 
_atom_site.auth_atom_id 
_atom_site.pdbx_PDB_model_num 
ATOM   1    N N   . ILE A 1 1   ? 16.423  -13.363 7.546   1.00 15.00 ? 1   ILE A N   1 
ATOM   2    C CA  . ILE A 1 1   ? 15.464  -13.242 6.457   1.00 15.00 ? 1   ILE A CA  1 
ATOM   3    C C   . ILE A 1 1   ? 16.125  -13.666 5.142   1.00 15.00 ? 1   ILE A C   1 
ATOM   4    O O   . ILE A 1 1   ? 17.343  -13.497 4.983   1.00 15.00 ? 1   ILE A O   1 
ATOM   5    C CB  . ILE A 1 1   ? 14.929  -11.752 6.370   1.00 15.00 ? 1   ILE A CB  1 
ATOM   6    C CG1 . ILE A 1 1   ? 15.985  -10.654 6.156   1.00 15.00 ? 1   ILE A CG1 1 
ATOM   7    C CG2 . ILE A 1 1   ? 14.201  -11.565 7.678   1.00 15.00 ? 1   ILE A CG2 1 
ATOM   8    C CD1 . ILE A 1 1   ? 15.413  -9.308  5.772   1.00 15.00 ? 1   ILE A CD1 1 
ATOM   9    N N   . PRO A 1 2   ? 15.380  -14.213 4.192   1.00 15.00 ? 2   PRO A N   1 
ATOM   10   C CA  . PRO A 1 2   ? 15.893  -14.686 2.908   1.00 15.00 ? 2   PRO A CA  1 
ATOM   11   C C   . PRO A 1 2   ? 16.280  -13.619 1.907   1.00 15.00 ? 2   PRO A C   1 
ATOM   12   O O   . PRO A 1 2   ? 15.976  -12.437 2.089   1.00 15.00 ? 2   PRO A O   1 
ATOM   13   C CB  . PRO A 1 2   ? 14.799  -15.591 2.370   1.00 15.00 ? 2   PRO A CB  1 
ATOM   14   C CG  . PRO A 1 2   ? 13.570  -14.880 2.892   1.00 15.00 ? 2   PRO A CG  1 
ATOM   15   C CD  . PRO A 1 2   ? 13.950  -14.475 4.311   1.00 15.00 ? 2   PRO A CD  1 
ATOM   16   N N   . GLU A 1 3   ? 16.915  -14.095 0.838   1.00 15.00 ? 3   GLU A N   1 
ATOM   17   C CA  . GLU A 1 3   ? 17.402  -13.220 -0.199  1.00 15.00 ? 3   GLU A CA  1 
ATOM   18   C C   . GLU A 1 3   ? 16.325  -12.678 -1.100  1.00 15.00 ? 3   GLU A C   1 
ATOM   19   O O   . GLU A 1 3   ? 16.481  -11.577 -1.636  1.00 15.00 ? 3   GLU A O   1 
ATOM   20   C CB  . GLU A 1 3   ? 18.439  -13.946 -1.036  1.00 15.00 ? 3   GLU A CB  1 
ATOM   21   C CG  . GLU A 1 3   ? 19.713  -14.105 -0.219  1.00 15.00 ? 3   GLU A CG  1 
ATOM   22   C CD  . GLU A 1 3   ? 20.941  -14.485 -1.032  1.00 15.00 ? 3   GLU A CD  1 
ATOM   23   O OE1 . GLU A 1 3   ? 21.423  -13.652 -1.803  1.00 15.00 ? 3   GLU A OE1 1 
ATOM   24   O OE2 . GLU A 1 3   ? 21.405  -15.619 -0.884  1.00 15.00 ? 3   GLU A OE2 1 
ATOM   25   N N   . TYR A 1 4   ? 15.291  -13.496 -1.340  1.00 15.00 ? 4   TYR A N   1 
ATOM   26   C CA  . TYR A 1 4   ? 14.136  -13.078 -2.132  1.00 15.00 ? 4   TYR A CA  1 
ATOM   27   C C   . TYR A 1 4   ? 12.852  -13.292 -1.324  1.00 15.00 ? 4   TYR A C   1 
ATOM   28   O O   . TYR A 1 4   ? 12.705  -14.276 -0.592  1.00 15.00 ? 4   TYR A O   1 
ATOM   29   C CB  . TYR A 1 4   ? 14.060  -13.884 -3.406  1.00 15.00 ? 4   TYR A CB  1 
ATOM   30   C CG  . TYR A 1 4   ? 15.144  -13.549 -4.400  1.00 15.00 ? 4   TYR A CG  1 
ATOM   31   C CD1 . TYR A 1 4   ? 14.917  -12.579 -5.335  1.00 15.00 ? 4   TYR A CD1 1 
ATOM   32   C CD2 . TYR A 1 4   ? 16.318  -14.275 -4.406  1.00 15.00 ? 4   TYR A CD2 1 
ATOM   33   C CE1 . TYR A 1 4   ? 15.877  -12.346 -6.290  1.00 15.00 ? 4   TYR A CE1 1 
ATOM   34   C CE2 . TYR A 1 4   ? 17.287  -14.057 -5.355  1.00 15.00 ? 4   TYR A CE2 1 
ATOM   35   C CZ  . TYR A 1 4   ? 17.042  -13.092 -6.294  1.00 15.00 ? 4   TYR A CZ  1 
ATOM   36   O OH  . TYR A 1 4   ? 17.971  -12.897 -7.300  1.00 15.00 ? 4   TYR A OH  1 
ATOM   37   N N   . VAL A 1 5   ? 11.917  -12.346 -1.369  1.00 15.00 ? 5   VAL A N   1 
ATOM   38   C CA  . VAL A 1 5   ? 10.607  -12.484 -0.776  1.00 15.00 ? 5   VAL A CA  1 
ATOM   39   C C   . VAL A 1 5   ? 9.684   -11.975 -1.871  1.00 15.00 ? 5   VAL A C   1 
ATOM   40   O O   . VAL A 1 5   ? 10.019  -11.006 -2.572  1.00 15.00 ? 5   VAL A O   1 
ATOM   41   C CB  . VAL A 1 5   ? 10.499  -11.645 0.485   1.00 15.00 ? 5   VAL A CB  1 
ATOM   42   C CG1 . VAL A 1 5   ? 9.058   -11.446 0.987   1.00 15.00 ? 5   VAL A CG1 1 
ATOM   43   C CG2 . VAL A 1 5   ? 11.253  -12.428 1.549   1.00 15.00 ? 5   VAL A CG2 1 
ATOM   44   N N   . ASP A 1 6   ? 8.562   -12.672 -2.106  1.00 15.00 ? 6   ASP A N   1 
ATOM   45   C CA  . ASP A 1 6   ? 7.570   -12.289 -3.105  1.00 15.00 ? 6   ASP A CA  1 
ATOM   46   C C   . ASP A 1 6   ? 6.244   -12.846 -2.635  1.00 15.00 ? 6   ASP A C   1 
ATOM   47   O O   . ASP A 1 6   ? 5.888   -13.992 -2.959  1.00 15.00 ? 6   ASP A O   1 
ATOM   48   C CB  . ASP A 1 6   ? 7.860   -12.892 -4.483  1.00 15.00 ? 6   ASP A CB  1 
ATOM   49   C CG  . ASP A 1 6   ? 7.009   -12.358 -5.621  1.00 15.00 ? 6   ASP A CG  1 
ATOM   50   O OD1 . ASP A 1 6   ? 5.932   -11.826 -5.380  1.00 15.00 ? 6   ASP A OD1 1 
ATOM   51   O OD2 . ASP A 1 6   ? 7.458   -12.459 -6.760  1.00 15.00 ? 6   ASP A OD2 1 
ATOM   52   N N   . TRP A 1 7   ? 5.456   -12.013 -1.964  1.00 15.00 ? 7   TRP A N   1 
ATOM   53   C CA  . TRP A 1 7   ? 4.163   -12.415 -1.417  1.00 15.00 ? 7   TRP A CA  1 
ATOM   54   C C   . TRP A 1 7   ? 3.149   -12.850 -2.465  1.00 15.00 ? 7   TRP A C   1 
ATOM   55   O O   . TRP A 1 7   ? 2.214   -13.577 -2.128  1.00 15.00 ? 7   TRP A O   1 
ATOM   56   C CB  . TRP A 1 7   ? 3.600   -11.256 -0.547  1.00 15.00 ? 7   TRP A CB  1 
ATOM   57   C CG  . TRP A 1 7   ? 4.317   -11.195 0.816   1.00 15.00 ? 7   TRP A CG  1 
ATOM   58   C CD1 . TRP A 1 7   ? 5.194   -10.188 1.136   1.00 15.00 ? 7   TRP A CD1 1 
ATOM   59   C CD2 . TRP A 1 7   ? 4.224   -12.147 1.812   1.00 15.00 ? 7   TRP A CD2 1 
ATOM   60   N NE1 . TRP A 1 7   ? 5.655   -10.519 2.315   1.00 15.00 ? 7   TRP A NE1 1 
ATOM   61   C CE2 . TRP A 1 7   ? 5.113   -11.662 2.750   1.00 15.00 ? 7   TRP A CE2 1 
ATOM   62   C CE3 . TRP A 1 7   ? 3.535   -13.330 2.039   1.00 15.00 ? 7   TRP A CE3 1 
ATOM   63   C CZ2 . TRP A 1 7   ? 5.325   -12.347 3.920   1.00 15.00 ? 7   TRP A CZ2 1 
ATOM   64   C CZ3 . TRP A 1 7   ? 3.756   -14.017 3.222   1.00 15.00 ? 7   TRP A CZ3 1 
ATOM   65   C CH2 . TRP A 1 7   ? 4.646   -13.530 4.157   1.00 15.00 ? 7   TRP A CH2 1 
ATOM   66   N N   . ARG A 1 8   ? 3.305   -12.498 -3.750  1.00 15.00 ? 8   ARG A N   1 
ATOM   67   C CA  . ARG A 1 8   ? 2.445   -13.006 -4.800  1.00 15.00 ? 8   ARG A CA  1 
ATOM   68   C C   . ARG A 1 8   ? 2.654   -14.493 -4.970  1.00 15.00 ? 8   ARG A C   1 
ATOM   69   O O   . ARG A 1 8   ? 1.719   -15.216 -5.287  1.00 15.00 ? 8   ARG A O   1 
ATOM   70   C CB  . ARG A 1 8   ? 2.760   -12.356 -6.102  1.00 15.00 ? 8   ARG A CB  1 
ATOM   71   C CG  . ARG A 1 8   ? 2.641   -10.869 -6.017  1.00 15.00 ? 8   ARG A CG  1 
ATOM   72   C CD  . ARG A 1 8   ? 2.982   -10.232 -7.308  1.00 15.00 ? 8   ARG A CD  1 
ATOM   73   N NE  . ARG A 1 8   ? 4.404   -10.400 -7.502  1.00 15.00 ? 8   ARG A NE  1 
ATOM   74   C CZ  . ARG A 1 8   ? 5.006   -10.044 -8.625  1.00 15.00 ? 8   ARG A CZ  1 
ATOM   75   N NH1 . ARG A 1 8   ? 4.337   -9.503  -9.656  1.00 15.00 ? 8   ARG A NH1 1 
ATOM   76   N NH2 . ARG A 1 8   ? 6.318   -10.253 -8.702  1.00 15.00 ? 8   ARG A NH2 1 
ATOM   77   N N   . GLN A 1 9   ? 3.875   -15.000 -4.742  1.00 15.00 ? 9   GLN A N   1 
ATOM   78   C CA  . GLN A 1 9   ? 4.136   -16.419 -4.883  1.00 15.00 ? 9   GLN A CA  1 
ATOM   79   C C   . GLN A 1 9   ? 3.518   -17.210 -3.772  1.00 15.00 ? 9   GLN A C   1 
ATOM   80   O O   . GLN A 1 9   ? 3.216   -18.376 -3.915  1.00 15.00 ? 9   GLN A O   1 
ATOM   81   C CB  . GLN A 1 9   ? 5.601   -16.698 -4.890  1.00 15.00 ? 9   GLN A CB  1 
ATOM   82   C CG  . GLN A 1 9   ? 6.083   -16.284 -6.257  1.00 15.00 ? 9   GLN A CG  1 
ATOM   83   C CD  . GLN A 1 9   ? 7.529   -16.645 -6.556  1.00 15.00 ? 9   GLN A CD  1 
ATOM   84   O OE1 . GLN A 1 9   ? 8.459   -16.402 -5.780  1.00 15.00 ? 9   GLN A OE1 1 
ATOM   85   N NE2 . GLN A 1 9   ? 7.771   -17.229 -7.724  1.00 15.00 ? 9   GLN A NE2 1 
ATOM   86   N N   . LYS A 1 10  ? 3.293   -16.576 -2.643  1.00 15.00 ? 10  LYS A N   1 
ATOM   87   C CA  . LYS A 1 10  ? 2.682   -17.190 -1.487  1.00 15.00 ? 10  LYS A CA  1 
ATOM   88   C C   . LYS A 1 10  ? 1.168   -17.047 -1.548  1.00 15.00 ? 10  LYS A C   1 
ATOM   89   O O   . LYS A 1 10  ? 0.469   -17.345 -0.572  1.00 15.00 ? 10  LYS A O   1 
ATOM   90   C CB  . LYS A 1 10  ? 3.227   -16.496 -0.262  1.00 15.00 ? 10  LYS A CB  1 
ATOM   91   C CG  . LYS A 1 10  ? 4.730   -16.574 -0.014  1.00 15.00 ? 10  LYS A CG  1 
ATOM   92   C CD  . LYS A 1 10  ? 4.977   -17.918 0.614   1.00 15.00 ? 10  LYS A CD  1 
ATOM   93   C CE  . LYS A 1 10  ? 6.390   -18.019 1.172   1.00 15.00 ? 10  LYS A CE  1 
ATOM   94   N NZ  . LYS A 1 10  ? 6.576   -19.279 1.879   1.00 15.00 ? 10  LYS A NZ  1 
ATOM   95   N N   . GLY A 1 11  ? 0.649   -16.546 -2.667  1.00 15.00 ? 11  GLY A N   1 
ATOM   96   C CA  . GLY A 1 11  ? -0.765  -16.284 -2.858  1.00 15.00 ? 11  GLY A CA  1 
ATOM   97   C C   . GLY A 1 11  ? -1.362  -15.300 -1.852  1.00 15.00 ? 11  GLY A C   1 
ATOM   98   O O   . GLY A 1 11  ? -2.513  -15.513 -1.411  1.00 15.00 ? 11  GLY A O   1 
ATOM   99   N N   . ALA A 1 12  ? -0.584  -14.244 -1.483  1.00 15.00 ? 12  ALA A N   1 
ATOM   100  C CA  . ALA A 1 12  ? -1.063  -13.279 -0.520  1.00 15.00 ? 12  ALA A CA  1 
ATOM   101  C C   . ALA A 1 12  ? -1.367  -11.924 -1.097  1.00 15.00 ? 12  ALA A C   1 
ATOM   102  O O   . ALA A 1 12  ? -1.687  -10.998 -0.364  1.00 15.00 ? 12  ALA A O   1 
ATOM   103  C CB  . ALA A 1 12  ? -0.061  -13.161 0.596   1.00 15.00 ? 12  ALA A CB  1 
ATOM   104  N N   . VAL A 1 13  ? -1.350  -11.705 -2.407  1.00 15.00 ? 13  VAL A N   1 
ATOM   105  C CA  . VAL A 1 13  ? -1.807  -10.434 -2.983  1.00 15.00 ? 13  VAL A CA  1 
ATOM   106  C C   . VAL A 1 13  ? -2.830  -10.620 -4.115  1.00 15.00 ? 13  VAL A C   1 
ATOM   107  O O   . VAL A 1 13  ? -2.778  -11.568 -4.921  1.00 15.00 ? 13  VAL A O   1 
ATOM   108  C CB  . VAL A 1 13  ? -0.554  -9.532  -3.449  1.00 15.00 ? 13  VAL A CB  1 
ATOM   109  C CG1 . VAL A 1 13  ? 0.673   -10.343 -3.324  1.00 15.00 ? 13  VAL A CG1 1 
ATOM   110  C CG2 . VAL A 1 13  ? -0.668  -8.939  -4.827  1.00 15.00 ? 13  VAL A CG2 1 
ATOM   111  N N   . THR A 1 14  ? -3.844  -9.759  -4.128  1.00 15.00 ? 14  THR A N   1 
ATOM   112  C CA  . THR A 1 14  ? -4.908  -9.833  -5.098  1.00 15.00 ? 14  THR A CA  1 
ATOM   113  C C   . THR A 1 14  ? -4.531  -9.148  -6.414  1.00 15.00 ? 14  THR A C   1 
ATOM   114  O O   . THR A 1 14  ? -3.445  -8.561  -6.459  1.00 15.00 ? 14  THR A O   1 
ATOM   115  C CB  . THR A 1 14  ? -6.161  -9.199  -4.460  1.00 15.00 ? 14  THR A CB  1 
ATOM   116  O OG1 . THR A 1 14  ? -5.881  -7.823  -4.296  1.00 15.00 ? 14  THR A OG1 1 
ATOM   117  C CG2 . THR A 1 14  ? -6.536  -9.815  -3.158  1.00 15.00 ? 14  THR A CG2 1 
ATOM   118  N N   . PRO A 1 15  ? -5.344  -9.121  -7.489  1.00 15.00 ? 15  PRO A N   1 
ATOM   119  C CA  . PRO A 1 15  ? -5.068  -8.449  -8.753  1.00 15.00 ? 15  PRO A CA  1 
ATOM   120  C C   . PRO A 1 15  ? -4.770  -6.965  -8.604  1.00 15.00 ? 15  PRO A C   1 
ATOM   121  O O   . PRO A 1 15  ? -5.258  -6.341  -7.672  1.00 15.00 ? 15  PRO A O   1 
ATOM   122  C CB  . PRO A 1 15  ? -6.305  -8.717  -9.580  1.00 15.00 ? 15  PRO A CB  1 
ATOM   123  C CG  . PRO A 1 15  ? -6.743  -10.043 -9.129  1.00 15.00 ? 15  PRO A CG  1 
ATOM   124  C CD  . PRO A 1 15  ? -6.577  -9.901  -7.641  1.00 15.00 ? 15  PRO A CD  1 
ATOM   125  N N   . VAL A 1 16  ? -4.010  -6.352  -9.496  1.00 15.00 ? 16  VAL A N   1 
ATOM   126  C CA  . VAL A 1 16  ? -3.670  -4.940  -9.406  1.00 15.00 ? 16  VAL A CA  1 
ATOM   127  C C   . VAL A 1 16  ? -4.935  -4.151  -9.720  1.00 15.00 ? 16  VAL A C   1 
ATOM   128  O O   . VAL A 1 16  ? -5.667  -4.520  -10.652 1.00 15.00 ? 16  VAL A O   1 
ATOM   129  C CB  . VAL A 1 16  ? -2.526  -4.656  -10.419 1.00 15.00 ? 16  VAL A CB  1 
ATOM   130  C CG1 . VAL A 1 16  ? -2.317  -3.171  -10.669 1.00 15.00 ? 16  VAL A CG1 1 
ATOM   131  C CG2 . VAL A 1 16  ? -1.278  -5.302  -9.861  1.00 15.00 ? 16  VAL A CG2 1 
ATOM   132  N N   . LYS A 1 17  ? -5.188  -3.094  -8.948  1.00 15.00 ? 17  LYS A N   1 
ATOM   133  C CA  . LYS A 1 17  ? -6.332  -2.230  -9.166  1.00 15.00 ? 17  LYS A CA  1 
ATOM   134  C C   . LYS A 1 17  ? -5.924  -0.917  -9.807  1.00 15.00 ? 17  LYS A C   1 
ATOM   135  O O   . LYS A 1 17  ? -4.734  -0.665  -9.965  1.00 15.00 ? 17  LYS A O   1 
ATOM   136  C CB  . LYS A 1 17  ? -7.025  -1.919  -7.863  1.00 15.00 ? 17  LYS A CB  1 
ATOM   137  C CG  . LYS A 1 17  ? -7.304  -3.075  -6.933  1.00 15.00 ? 17  LYS A CG  1 
ATOM   138  C CD  . LYS A 1 17  ? -8.126  -4.116  -7.625  1.00 15.00 ? 17  LYS A CD  1 
ATOM   139  C CE  . LYS A 1 17  ? -8.593  -5.206  -6.659  1.00 15.00 ? 17  LYS A CE  1 
ATOM   140  N NZ  . LYS A 1 17  ? -7.578  -5.965  -5.953  1.00 15.00 ? 17  LYS A NZ  1 
ATOM   141  N N   . ASN A 1 18  ? -6.873  -0.069  -10.213 1.00 15.00 ? 18  ASN A N   1 
ATOM   142  C CA  . ASN A 1 18  ? -6.590  1.254   -10.720 1.00 15.00 ? 18  ASN A CA  1 
ATOM   143  C C   . ASN A 1 18  ? -7.403  2.247   -9.883  1.00 15.00 ? 18  ASN A C   1 
ATOM   144  O O   . ASN A 1 18  ? -8.629  2.146   -9.765  1.00 15.00 ? 18  ASN A O   1 
ATOM   145  C CB  . ASN A 1 18  ? -7.002  1.368   -12.157 1.00 15.00 ? 18  ASN A CB  1 
ATOM   146  C CG  . ASN A 1 18  ? -6.542  2.656   -12.815 1.00 15.00 ? 18  ASN A CG  1 
ATOM   147  O OD1 . ASN A 1 18  ? -6.280  3.727   -12.266 1.00 15.00 ? 18  ASN A OD1 1 
ATOM   148  N ND2 . ASN A 1 18  ? -6.408  2.609   -14.104 1.00 15.00 ? 18  ASN A ND2 1 
ATOM   149  N N   . GLN A 1 19  ? -6.755  3.220   -9.253  1.00 15.00 ? 19  GLN A N   1 
ATOM   150  C CA  . GLN A 1 19  ? -7.473  4.154   -8.417  1.00 15.00 ? 19  GLN A CA  1 
ATOM   151  C C   . GLN A 1 19  ? -8.170  5.198   -9.253  1.00 15.00 ? 19  GLN A C   1 
ATOM   152  O O   . GLN A 1 19  ? -9.039  5.926   -8.776  1.00 15.00 ? 19  GLN A O   1 
ATOM   153  C CB  . GLN A 1 19  ? -6.499  4.793   -7.416  1.00 15.00 ? 19  GLN A CB  1 
ATOM   154  C CG  . GLN A 1 19  ? -5.461  5.693   -8.075  1.00 15.00 ? 19  GLN A CG  1 
ATOM   155  C CD  . GLN A 1 19  ? -4.471  6.323   -7.108  1.00 15.00 ? 19  GLN A CD  1 
ATOM   156  O OE1 . GLN A 1 19  ? -3.567  5.651   -6.641  1.00 15.00 ? 19  GLN A OE1 1 
ATOM   157  N NE2 . GLN A 1 19  ? -4.576  7.579   -6.701  1.00 15.00 ? 19  GLN A NE2 1 
ATOM   158  N N   . GLY A 1 20  ? -7.822  5.346   -10.512 1.00 15.00 ? 20  GLY A N   1 
ATOM   159  C CA  . GLY A 1 20  ? -8.484  6.307   -11.366 1.00 15.00 ? 20  GLY A CA  1 
ATOM   160  C C   . GLY A 1 20  ? -8.137  7.715   -10.938 1.00 15.00 ? 20  GLY A C   1 
ATOM   161  O O   . GLY A 1 20  ? -7.106  7.933   -10.289 1.00 15.00 ? 20  GLY A O   1 
ATOM   162  N N   . SER A 1 21  ? -8.993  8.694   -11.233 1.00 15.00 ? 21  SER A N   1 
ATOM   163  C CA  . SER A 1 21  ? -8.710  10.085  -10.846 1.00 15.00 ? 21  SER A CA  1 
ATOM   164  C C   . SER A 1 21  ? -8.952  10.414  -9.367  1.00 15.00 ? 21  SER A C   1 
ATOM   165  O O   . SER A 1 21  ? -9.024  11.584  -8.994  1.00 15.00 ? 21  SER A O   1 
ATOM   166  C CB  . SER A 1 21  ? -9.560  11.028  -11.678 1.00 15.00 ? 21  SER A CB  1 
ATOM   167  O OG  . SER A 1 21  ? -9.205  10.782  -13.029 1.00 15.00 ? 21  SER A OG  1 
ATOM   168  N N   . CYS A 1 22  ? -9.064  9.494   -8.443  1.00 15.00 ? 22  CYS A N   1 
ATOM   169  C CA  . CYS A 1 22  ? -9.348  9.873   -7.111  1.00 15.00 ? 22  CYS A CA  1 
ATOM   170  C C   . CYS A 1 22  ? -7.996  9.717   -6.465  1.00 15.00 ? 22  CYS A C   1 
ATOM   171  O O   . CYS A 1 22  ? -7.252  8.777   -6.742  1.00 15.00 ? 22  CYS A O   1 
ATOM   172  C CB  . CYS A 1 22  ? -10.371 8.922   -6.653  1.00 15.00 ? 22  CYS A CB  1 
ATOM   173  S SG  . CYS A 1 22  ? -10.722 9.104   -4.919  1.00 15.00 ? 22  CYS A SG  1 
ATOM   174  N N   . GLY A 1 23  ? -7.587  10.663  -5.623  1.00 15.00 ? 23  GLY A N   1 
ATOM   175  C CA  . GLY A 1 23  ? -6.343  10.527  -4.868  1.00 15.00 ? 23  GLY A CA  1 
ATOM   176  C C   . GLY A 1 23  ? -6.581  9.549   -3.729  1.00 15.00 ? 23  GLY A C   1 
ATOM   177  O O   . GLY A 1 23  ? -6.499  9.958   -2.572  1.00 15.00 ? 23  GLY A O   1 
ATOM   178  N N   . SER A 1 24  ? -6.893  8.278   -4.010  1.00 15.00 ? 24  SER A N   1 
ATOM   179  C CA  . SER A 1 24  ? -7.210  7.312   -2.967  1.00 15.00 ? 24  SER A CA  1 
ATOM   180  C C   . SER A 1 24  ? -6.101  6.304   -2.733  1.00 15.00 ? 24  SER A C   1 
ATOM   181  O O   . SER A 1 24  ? -6.308  5.303   -2.055  1.00 15.00 ? 24  SER A O   1 
ATOM   182  C CB  . SER A 1 24  ? -8.533  6.600   -3.336  1.00 15.00 ? 24  SER A CB  1 
ATOM   183  O OG  . SER A 1 24  ? -8.491  6.288   -4.708  1.00 15.00 ? 24  SER A OG  1 
ATOM   184  N N   . CYS A 1 25  ? -4.888  6.604   -3.194  1.00 15.00 ? 25  CYS A N   1 
ATOM   185  C CA  . CYS A 1 25  ? -3.697  5.779   -3.018  1.00 15.00 ? 25  CYS A CA  1 
ATOM   186  C C   . CYS A 1 25  ? -3.528  5.246   -1.625  1.00 15.00 ? 25  CYS A C   1 
ATOM   187  O O   . CYS A 1 25  ? -3.309  4.055   -1.407  1.00 15.00 ? 25  CYS A O   1 
ATOM   188  C CB  . CYS A 1 25  ? -2.453  6.611   -3.439  1.00 15.00 ? 25  CYS A CB  1 
ATOM   189  S SG  . CYS A 1 25  ? -2.464  8.379   -3.046  1.00 15.00 ? 25  CYS A SG  1 
ATOM   190  N N   . TRP A 1 26  ? -3.734  6.125   -0.642  1.00 15.00 ? 26  TRP A N   1 
ATOM   191  C CA  . TRP A 1 26  ? -3.652  5.783   0.771   1.00 15.00 ? 26  TRP A CA  1 
ATOM   192  C C   . TRP A 1 26  ? -4.559  4.612   1.170   1.00 15.00 ? 26  TRP A C   1 
ATOM   193  O O   . TRP A 1 26  ? -4.196  3.790   2.001   1.00 15.00 ? 26  TRP A O   1 
ATOM   194  C CB  . TRP A 1 26  ? -3.994  7.073   1.568   1.00 15.00 ? 26  TRP A CB  1 
ATOM   195  C CG  . TRP A 1 26  ? -5.392  7.698   1.374   1.00 15.00 ? 26  TRP A CG  1 
ATOM   196  C CD1 . TRP A 1 26  ? -5.653  8.595   0.354   1.00 15.00 ? 26  TRP A CD1 1 
ATOM   197  C CD2 . TRP A 1 26  ? -6.538  7.468   2.150   1.00 15.00 ? 26  TRP A CD2 1 
ATOM   198  N NE1 . TRP A 1 26  ? -6.942  8.927   0.485   1.00 15.00 ? 26  TRP A NE1 1 
ATOM   199  C CE2 . TRP A 1 26  ? -7.489  8.276   1.535   1.00 15.00 ? 26  TRP A CE2 1 
ATOM   200  C CE3 . TRP A 1 26  ? -6.896  6.715   3.248   1.00 15.00 ? 26  TRP A CE3 1 
ATOM   201  C CZ2 . TRP A 1 26  ? -8.779  8.347   2.002   1.00 15.00 ? 26  TRP A CZ2 1 
ATOM   202  C CZ3 . TRP A 1 26  ? -8.196  6.789   3.712   1.00 15.00 ? 26  TRP A CZ3 1 
ATOM   203  C CH2 . TRP A 1 26  ? -9.107  7.600   3.085   1.00 15.00 ? 26  TRP A CH2 1 
ATOM   204  N N   . ALA A 1 27  ? -5.769  4.517   0.589   1.00 15.00 ? 27  ALA A N   1 
ATOM   205  C CA  . ALA A 1 27  ? -6.756  3.489   0.903   1.00 15.00 ? 27  ALA A CA  1 
ATOM   206  C C   . ALA A 1 27  ? -6.393  2.201   0.180   1.00 15.00 ? 27  ALA A C   1 
ATOM   207  O O   . ALA A 1 27  ? -6.466  1.138   0.784   1.00 15.00 ? 27  ALA A O   1 
ATOM   208  C CB  . ALA A 1 27  ? -8.119  3.977   0.452   1.00 15.00 ? 27  ALA A CB  1 
ATOM   209  N N   . PHE A 1 28  ? -6.010  2.292   -1.104  1.00 15.00 ? 28  PHE A N   1 
ATOM   210  C CA  . PHE A 1 28  ? -5.466  1.179   -1.916  1.00 15.00 ? 28  PHE A CA  1 
ATOM   211  C C   . PHE A 1 28  ? -4.279  0.526   -1.250  1.00 15.00 ? 28  PHE A C   1 
ATOM   212  O O   . PHE A 1 28  ? -4.275  -0.689  -1.013  1.00 15.00 ? 28  PHE A O   1 
ATOM   213  C CB  . PHE A 1 28  ? -5.067  1.703   -3.297  1.00 15.00 ? 28  PHE A CB  1 
ATOM   214  C CG  . PHE A 1 28  ? -6.314  1.735   -4.184  1.00 15.00 ? 28  PHE A CG  1 
ATOM   215  C CD1 . PHE A 1 28  ? -7.191  2.802   -4.151  1.00 15.00 ? 28  PHE A CD1 1 
ATOM   216  C CD2 . PHE A 1 28  ? -6.637  0.650   -4.979  1.00 15.00 ? 28  PHE A CD2 1 
ATOM   217  C CE1 . PHE A 1 28  ? -8.371  2.786   -4.877  1.00 15.00 ? 28  PHE A CE1 1 
ATOM   218  C CE2 . PHE A 1 28  ? -7.810  0.634   -5.703  1.00 15.00 ? 28  PHE A CE2 1 
ATOM   219  C CZ  . PHE A 1 28  ? -8.674  1.693   -5.655  1.00 15.00 ? 28  PHE A CZ  1 
ATOM   220  N N   . SER A 1 29  ? -3.312  1.338   -0.837  1.00 15.00 ? 29  SER A N   1 
ATOM   221  C CA  . SER A 1 29  ? -2.128  0.926   -0.073  1.00 15.00 ? 29  SER A CA  1 
ATOM   222  C C   . SER A 1 29  ? -2.463  0.167   1.228   1.00 15.00 ? 29  SER A C   1 
ATOM   223  O O   . SER A 1 29  ? -1.983  -0.970  1.503   1.00 15.00 ? 29  SER A O   1 
ATOM   224  C CB  . SER A 1 29  ? -1.305  2.204   0.209   1.00 15.00 ? 29  SER A CB  1 
ATOM   225  O OG  . SER A 1 29  ? -0.228  1.870   1.069   1.00 15.00 ? 29  SER A OG  1 
ATOM   226  N N   . ALA A 1 30  ? -3.352  0.754   2.053   1.00 15.00 ? 30  ALA A N   1 
ATOM   227  C CA  . ALA A 1 30  ? -3.773  0.139   3.310   1.00 15.00 ? 30  ALA A CA  1 
ATOM   228  C C   . ALA A 1 30  ? -4.471  -1.190  3.068   1.00 15.00 ? 30  ALA A C   1 
ATOM   229  O O   . ALA A 1 30  ? -4.264  -2.169  3.786   1.00 15.00 ? 30  ALA A O   1 
ATOM   230  C CB  . ALA A 1 30  ? -4.756  1.044   4.062   1.00 15.00 ? 30  ALA A CB  1 
ATOM   231  N N   . VAL A 1 31  ? -5.300  -1.276  2.027   1.00 15.00 ? 31  VAL A N   1 
ATOM   232  C CA  . VAL A 1 31  ? -6.017  -2.503  1.724   1.00 15.00 ? 31  VAL A CA  1 
ATOM   233  C C   . VAL A 1 31  ? -5.071  -3.599  1.260   1.00 15.00 ? 31  VAL A C   1 
ATOM   234  O O   . VAL A 1 31  ? -5.300  -4.728  1.741   1.00 15.00 ? 31  VAL A O   1 
ATOM   235  C CB  . VAL A 1 31  ? -7.124  -2.171  0.684   1.00 15.00 ? 31  VAL A CB  1 
ATOM   236  C CG1 . VAL A 1 31  ? -7.625  -3.434  0.004   1.00 15.00 ? 31  VAL A CG1 1 
ATOM   237  C CG2 . VAL A 1 31  ? -8.312  -1.547  1.406   1.00 15.00 ? 31  VAL A CG2 1 
ATOM   238  N N   . VAL A 1 32  ? -4.003  -3.411  0.453   1.00 15.00 ? 32  VAL A N   1 
ATOM   239  C CA  . VAL A 1 32  ? -3.185  -4.595  0.152   1.00 15.00 ? 32  VAL A CA  1 
ATOM   240  C C   . VAL A 1 32  ? -2.490  -5.121  1.415   1.00 15.00 ? 32  VAL A C   1 
ATOM   241  O O   . VAL A 1 32  ? -2.327  -6.333  1.551   1.00 15.00 ? 32  VAL A O   1 
ATOM   242  C CB  . VAL A 1 32  ? -2.134  -4.377  -1.089  1.00 15.00 ? 32  VAL A CB  1 
ATOM   243  C CG1 . VAL A 1 32  ? -2.218  -2.988  -1.637  1.00 15.00 ? 32  VAL A CG1 1 
ATOM   244  C CG2 . VAL A 1 32  ? -0.751  -4.860  -0.713  1.00 15.00 ? 32  VAL A CG2 1 
ATOM   245  N N   . THR A 1 33  ? -2.217  -4.319  2.453   1.00 15.00 ? 33  THR A N   1 
ATOM   246  C CA  . THR A 1 33  ? -1.655  -4.883  3.675   1.00 15.00 ? 33  THR A CA  1 
ATOM   247  C C   . THR A 1 33  ? -2.735  -5.614  4.470   1.00 15.00 ? 33  THR A C   1 
ATOM   248  O O   . THR A 1 33  ? -2.367  -6.594  5.118   1.00 15.00 ? 33  THR A O   1 
ATOM   249  C CB  . THR A 1 33  ? -0.957  -3.777  4.553   1.00 15.00 ? 33  THR A CB  1 
ATOM   250  O OG1 . THR A 1 33  ? -1.945  -2.956  5.164   1.00 15.00 ? 33  THR A OG1 1 
ATOM   251  C CG2 . THR A 1 33  ? -0.029  -2.891  3.727   1.00 15.00 ? 33  THR A CG2 1 
ATOM   252  N N   . ILE A 1 34  ? -4.043  -5.243  4.424   1.00 15.00 ? 34  ILE A N   1 
ATOM   253  C CA  . ILE A 1 34  ? -5.102  -6.007  5.091   1.00 15.00 ? 34  ILE A CA  1 
ATOM   254  C C   . ILE A 1 34  ? -5.268  -7.323  4.328   1.00 15.00 ? 34  ILE A C   1 
ATOM   255  O O   . ILE A 1 34  ? -5.230  -8.371  4.953   1.00 15.00 ? 34  ILE A O   1 
ATOM   256  C CB  . ILE A 1 34  ? -6.483  -5.307  5.081   1.00 15.00 ? 34  ILE A CB  1 
ATOM   257  C CG1 . ILE A 1 34  ? -6.399  -3.905  5.668   1.00 15.00 ? 34  ILE A CG1 1 
ATOM   258  C CG2 . ILE A 1 34  ? -7.463  -6.167  5.887   1.00 15.00 ? 34  ILE A CG2 1 
ATOM   259  C CD1 . ILE A 1 34  ? -6.143  -3.760  7.175   1.00 15.00 ? 34  ILE A CD1 1 
ATOM   260  N N   . GLU A 1 35  ? -5.421  -7.367  3.014   1.00 15.00 ? 35  GLU A N   1 
ATOM   261  C CA  . GLU A 1 35  ? -5.534  -8.608  2.244   1.00 15.00 ? 35  GLU A CA  1 
ATOM   262  C C   . GLU A 1 35  ? -4.402  -9.633  2.489   1.00 15.00 ? 35  GLU A C   1 
ATOM   263  O O   . GLU A 1 35  ? -4.622  -10.852 2.633   1.00 15.00 ? 35  GLU A O   1 
ATOM   264  C CB  . GLU A 1 35  ? -5.572  -8.245  0.775   1.00 15.00 ? 35  GLU A CB  1 
ATOM   265  C CG  . GLU A 1 35  ? -6.850  -7.471  0.452   1.00 15.00 ? 35  GLU A CG  1 
ATOM   266  C CD  . GLU A 1 35  ? -6.886  -6.871  -0.912  1.00 15.00 ? 35  GLU A CD  1 
ATOM   267  O OE1 . GLU A 1 35  ? -5.877  -6.823  -1.601  1.00 15.00 ? 35  GLU A OE1 1 
ATOM   268  O OE2 . GLU A 1 35  ? -7.942  -6.416  -1.305  1.00 15.00 ? 35  GLU A OE2 1 
ATOM   269  N N   . GLY A 1 36  ? -3.155  -9.131  2.556   1.00 15.00 ? 36  GLY A N   1 
ATOM   270  C CA  . GLY A 1 36  ? -1.981  -9.936  2.833   1.00 15.00 ? 36  GLY A CA  1 
ATOM   271  C C   . GLY A 1 36  ? -1.987  -10.454 4.246   1.00 15.00 ? 36  GLY A C   1 
ATOM   272  O O   . GLY A 1 36  ? -1.820  -11.666 4.387   1.00 15.00 ? 36  GLY A O   1 
ATOM   273  N N   . ILE A 1 37  ? -2.181  -9.663  5.320   1.00 15.00 ? 37  ILE A N   1 
ATOM   274  C CA  . ILE A 1 37  ? -2.140  -10.208 6.680   1.00 15.00 ? 37  ILE A CA  1 
ATOM   275  C C   . ILE A 1 37  ? -3.302  -11.168 6.961   1.00 15.00 ? 37  ILE A C   1 
ATOM   276  O O   . ILE A 1 37  ? -3.084  -12.173 7.656   1.00 15.00 ? 37  ILE A O   1 
ATOM   277  C CB  . ILE A 1 37  ? -2.074  -9.014  7.713   1.00 15.00 ? 37  ILE A CB  1 
ATOM   278  C CG1 . ILE A 1 37  ? -1.717  -9.592  9.071   1.00 15.00 ? 37  ILE A CG1 1 
ATOM   279  C CG2 . ILE A 1 37  ? -3.385  -8.272  7.907   1.00 15.00 ? 37  ILE A CG2 1 
ATOM   280  C CD1 . ILE A 1 37  ? -0.443  -10.440 9.105   1.00 15.00 ? 37  ILE A CD1 1 
ATOM   281  N N   . ILE A 1 38  ? -4.515  -10.999 6.381   1.00 15.00 ? 38  ILE A N   1 
ATOM   282  C CA  . ILE A 1 38  ? -5.640  -11.957 6.534   1.00 15.00 ? 38  ILE A CA  1 
ATOM   283  C C   . ILE A 1 38  ? -5.257  -13.279 5.886   1.00 15.00 ? 38  ILE A C   1 
ATOM   284  O O   . ILE A 1 38  ? -5.448  -14.291 6.541   1.00 15.00 ? 38  ILE A O   1 
ATOM   285  C CB  . ILE A 1 38  ? -6.974  -11.415 5.886   1.00 15.00 ? 38  ILE A CB  1 
ATOM   286  C CG1 . ILE A 1 38  ? -7.468  -10.211 6.653   1.00 15.00 ? 38  ILE A CG1 1 
ATOM   287  C CG2 . ILE A 1 38  ? -8.052  -12.483 5.885   1.00 15.00 ? 38  ILE A CG2 1 
ATOM   288  C CD1 . ILE A 1 38  ? -7.634  -10.393 8.167   1.00 15.00 ? 38  ILE A CD1 1 
ATOM   289  N N   . LYS A 1 39  ? -4.664  -13.330 4.693   1.00 15.00 ? 39  LYS A N   1 
ATOM   290  C CA  . LYS A 1 39  ? -4.238  -14.563 4.075   1.00 15.00 ? 39  LYS A CA  1 
ATOM   291  C C   . LYS A 1 39  ? -3.164  -15.198 4.938   1.00 15.00 ? 39  LYS A C   1 
ATOM   292  O O   . LYS A 1 39  ? -3.348  -16.374 5.244   1.00 15.00 ? 39  LYS A O   1 
ATOM   293  C CB  . LYS A 1 39  ? -3.679  -14.284 2.705   1.00 15.00 ? 39  LYS A CB  1 
ATOM   294  C CG  . LYS A 1 39  ? -3.652  -15.403 1.699   1.00 15.00 ? 39  LYS A CG  1 
ATOM   295  C CD  . LYS A 1 39  ? -2.908  -16.654 2.107   1.00 15.00 ? 39  LYS A CD  1 
ATOM   296  C CE  . LYS A 1 39  ? -2.726  -17.705 1.021   1.00 15.00 ? 39  LYS A CE  1 
ATOM   297  N NZ  . LYS A 1 39  ? -4.004  -17.975 0.390   1.00 15.00 ? 39  LYS A NZ  1 
ATOM   298  N N   . ILE A 1 40  ? -2.097  -14.486 5.359   1.00 15.00 ? 40  ILE A N   1 
ATOM   299  C CA  . ILE A 1 40  ? -1.003  -14.984 6.200   1.00 15.00 ? 40  ILE A CA  1 
ATOM   300  C C   . ILE A 1 40  ? -1.527  -15.654 7.464   1.00 15.00 ? 40  ILE A C   1 
ATOM   301  O O   . ILE A 1 40  ? -1.095  -16.747 7.857   1.00 15.00 ? 40  ILE A O   1 
ATOM   302  C CB  . ILE A 1 40  ? -0.049  -13.783 6.559   1.00 15.00 ? 40  ILE A CB  1 
ATOM   303  C CG1 . ILE A 1 40  ? 0.742   -13.473 5.316   1.00 15.00 ? 40  ILE A CG1 1 
ATOM   304  C CG2 . ILE A 1 40  ? 0.978   -14.086 7.650   1.00 15.00 ? 40  ILE A CG2 1 
ATOM   305  C CD1 . ILE A 1 40  ? 1.522   -12.155 5.373   1.00 15.00 ? 40  ILE A CD1 1 
ATOM   306  N N   . ARG A 1 41  ? -2.485  -14.978 8.086   1.00 15.00 ? 41  ARG A N   1 
ATOM   307  C CA  . ARG A 1 41  ? -3.085  -15.460 9.304   1.00 15.00 ? 41  ARG A CA  1 
ATOM   308  C C   . ARG A 1 41  ? -4.242  -16.477 9.132   1.00 15.00 ? 41  ARG A C   1 
ATOM   309  O O   . ARG A 1 41  ? -4.394  -17.374 9.959   1.00 15.00 ? 41  ARG A O   1 
ATOM   310  C CB  . ARG A 1 41  ? -3.519  -14.213 10.047  1.00 15.00 ? 41  ARG A CB  1 
ATOM   311  C CG  . ARG A 1 41  ? -3.531  -14.409 11.539  1.00 15.00 ? 41  ARG A CG  1 
ATOM   312  C CD  . ARG A 1 41  ? -2.396  -13.692 12.223  1.00 15.00 ? 41  ARG A CD  1 
ATOM   313  N NE  . ARG A 1 41  ? -1.087  -14.025 11.694  1.00 15.00 ? 41  ARG A NE  1 
ATOM   314  C CZ  . ARG A 1 41  ? 0.023   -13.429 12.157  1.00 15.00 ? 41  ARG A CZ  1 
ATOM   315  N NH1 . ARG A 1 41  ? -0.016  -12.515 13.138  1.00 15.00 ? 41  ARG A NH1 1 
ATOM   316  N NH2 . ARG A 1 41  ? 1.206   -13.763 11.633  1.00 15.00 ? 41  ARG A NH2 1 
ATOM   317  N N   . THR A 1 42  ? -5.102  -16.479 8.121   1.00 15.00 ? 42  THR A N   1 
ATOM   318  C CA  . THR A 1 42  ? -6.218  -17.399 8.106   1.00 15.00 ? 42  THR A CA  1 
ATOM   319  C C   . THR A 1 42  ? -6.140  -18.391 6.972   1.00 15.00 ? 42  THR A C   1 
ATOM   320  O O   . THR A 1 42  ? -6.898  -19.366 6.888   1.00 15.00 ? 42  THR A O   1 
ATOM   321  C CB  . THR A 1 42  ? -7.537  -16.604 8.014   1.00 15.00 ? 42  THR A CB  1 
ATOM   322  O OG1 . THR A 1 42  ? -7.665  -16.064 6.686   1.00 15.00 ? 42  THR A OG1 1 
ATOM   323  C CG2 . THR A 1 42  ? -7.578  -15.512 9.094   1.00 15.00 ? 42  THR A CG2 1 
ATOM   324  N N   . GLY A 1 43  ? -5.221  -18.160 6.060   1.00 15.00 ? 43  GLY A N   1 
ATOM   325  C CA  . GLY A 1 43  ? -5.129  -18.999 4.896   1.00 15.00 ? 43  GLY A CA  1 
ATOM   326  C C   . GLY A 1 43  ? -6.072  -18.527 3.813   1.00 15.00 ? 43  GLY A C   1 
ATOM   327  O O   . GLY A 1 43  ? -6.008  -19.050 2.702   1.00 15.00 ? 43  GLY A O   1 
ATOM   328  N N   . ASN A 1 44  ? -6.942  -17.538 3.981   1.00 15.00 ? 44  ASN A N   1 
ATOM   329  C CA  . ASN A 1 44  ? -7.853  -17.171 2.906   1.00 15.00 ? 44  ASN A CA  1 
ATOM   330  C C   . ASN A 1 44  ? -7.482  -15.865 2.243   1.00 15.00 ? 44  ASN A C   1 
ATOM   331  O O   . ASN A 1 44  ? -7.225  -14.895 2.942   1.00 15.00 ? 44  ASN A O   1 
ATOM   332  C CB  . ASN A 1 44  ? -9.283  -17.067 3.449   1.00 15.00 ? 44  ASN A CB  1 
ATOM   333  C CG  . ASN A 1 44  ? -9.784  -18.322 4.157   1.00 15.00 ? 44  ASN A CG  1 
ATOM   334  O OD1 . ASN A 1 44  ? -10.306 -18.252 5.275   1.00 15.00 ? 44  ASN A OD1 1 
ATOM   335  N ND2 . ASN A 1 44  ? -9.604  -19.511 3.588   1.00 15.00 ? 44  ASN A ND2 1 
ATOM   336  N N   . LEU A 1 45  ? -7.406  -15.761 0.929   1.00 15.00 ? 45  LEU A N   1 
ATOM   337  C CA  . LEU A 1 45  ? -7.105  -14.478 0.320   1.00 15.00 ? 45  LEU A CA  1 
ATOM   338  C C   . LEU A 1 45  ? -8.421  -13.850 -0.095  1.00 15.00 ? 45  LEU A C   1 
ATOM   339  O O   . LEU A 1 45  ? -9.164  -14.492 -0.844  1.00 15.00 ? 45  LEU A O   1 
ATOM   340  C CB  . LEU A 1 45  ? -6.229  -14.633 -0.917  1.00 15.00 ? 45  LEU A CB  1 
ATOM   341  C CG  . LEU A 1 45  ? -5.830  -13.363 -1.653  1.00 15.00 ? 45  LEU A CG  1 
ATOM   342  C CD1 . LEU A 1 45  ? -5.041  -12.466 -0.696  1.00 15.00 ? 45  LEU A CD1 1 
ATOM   343  C CD2 . LEU A 1 45  ? -5.058  -13.716 -2.914  1.00 15.00 ? 45  LEU A CD2 1 
ATOM   344  N N   . ASN A 1 46  ? -8.739  -12.617 0.317   1.00 15.00 ? 46  ASN A N   1 
ATOM   345  C CA  . ASN A 1 46  ? -9.986  -11.932 -0.032  1.00 15.00 ? 46  ASN A CA  1 
ATOM   346  C C   . ASN A 1 46  ? -9.693  -10.508 -0.477  1.00 15.00 ? 46  ASN A C   1 
ATOM   347  O O   . ASN A 1 46  ? -8.611  -9.979  -0.159  1.00 15.00 ? 46  ASN A O   1 
ATOM   348  C CB  . ASN A 1 46  ? -10.932 -11.831 1.154   1.00 15.00 ? 46  ASN A CB  1 
ATOM   349  C CG  . ASN A 1 46  ? -11.452 -13.176 1.594   1.00 15.00 ? 46  ASN A CG  1 
ATOM   350  O OD1 . ASN A 1 46  ? -11.227 -13.614 2.723   1.00 15.00 ? 46  ASN A OD1 1 
ATOM   351  N ND2 . ASN A 1 46  ? -12.163 -13.865 0.709   1.00 15.00 ? 46  ASN A ND2 1 
ATOM   352  N N   . GLN A 1 47  ? -10.624 -9.875  -1.220  1.00 15.00 ? 47  GLN A N   1 
ATOM   353  C CA  . GLN A 1 47  ? -10.433 -8.482  -1.555  1.00 15.00 ? 47  GLN A CA  1 
ATOM   354  C C   . GLN A 1 47  ? -11.249 -7.645  -0.604  1.00 15.00 ? 47  GLN A C   1 
ATOM   355  O O   . GLN A 1 47  ? -12.356 -8.050  -0.254  1.00 15.00 ? 47  GLN A O   1 
ATOM   356  C CB  . GLN A 1 47  ? -10.844 -8.163  -2.973  1.00 15.00 ? 47  GLN A CB  1 
ATOM   357  C CG  . GLN A 1 47  ? -9.990  -8.976  -3.940  1.00 15.00 ? 47  GLN A CG  1 
ATOM   358  C CD  . GLN A 1 47  ? -10.218 -8.580  -5.369  1.00 15.00 ? 47  GLN A CD  1 
ATOM   359  O OE1 . GLN A 1 47  ? -9.300  -8.320  -6.136  1.00 15.00 ? 47  GLN A OE1 1 
ATOM   360  N NE2 . GLN A 1 47  ? -11.451 -8.476  -5.781  1.00 15.00 ? 47  GLN A NE2 1 
ATOM   361  N N   . TYR A 1 48  ? -10.705 -6.505  -0.142  1.00 15.00 ? 48  TYR A N   1 
ATOM   362  C CA  . TYR A 1 48  ? -11.379 -5.640  0.818   1.00 15.00 ? 48  TYR A CA  1 
ATOM   363  C C   . TYR A 1 48  ? -11.600 -4.272  0.240   1.00 15.00 ? 48  TYR A C   1 
ATOM   364  O O   . TYR A 1 48  ? -11.042 -3.916  -0.786  1.00 15.00 ? 48  TYR A O   1 
ATOM   365  C CB  . TYR A 1 48  ? -10.579 -5.532  2.106   1.00 15.00 ? 48  TYR A CB  1 
ATOM   366  C CG  . TYR A 1 48  ? -10.592 -6.852  2.833   1.00 15.00 ? 48  TYR A CG  1 
ATOM   367  C CD1 . TYR A 1 48  ? -11.756 -7.264  3.460   1.00 15.00 ? 48  TYR A CD1 1 
ATOM   368  C CD2 . TYR A 1 48  ? -9.452  -7.635  2.794   1.00 15.00 ? 48  TYR A CD2 1 
ATOM   369  C CE1 . TYR A 1 48  ? -11.782 -8.499  4.047   1.00 15.00 ? 48  TYR A CE1 1 
ATOM   370  C CE2 . TYR A 1 48  ? -9.469  -8.873  3.382   1.00 15.00 ? 48  TYR A CE2 1 
ATOM   371  C CZ  . TYR A 1 48  ? -10.646 -9.284  3.991   1.00 15.00 ? 48  TYR A CZ  1 
ATOM   372  O OH  . TYR A 1 48  ? -10.707 -10.562 4.516   1.00 15.00 ? 48  TYR A OH  1 
ATOM   373  N N   . SER A 1 49  ? -12.471 -3.516  0.875   1.00 15.00 ? 49  SER A N   1 
ATOM   374  C CA  . SER A 1 49  ? -12.922 -2.270  0.348   1.00 15.00 ? 49  SER A CA  1 
ATOM   375  C C   . SER A 1 49  ? -12.083 -1.004  0.616   1.00 15.00 ? 49  SER A C   1 
ATOM   376  O O   . SER A 1 49  ? -11.922 -0.541  1.752   1.00 15.00 ? 49  SER A O   1 
ATOM   377  C CB  . SER A 1 49  ? -14.351 -2.176  0.868   1.00 15.00 ? 49  SER A CB  1 
ATOM   378  O OG  . SER A 1 49  ? -14.968 -0.997  0.381   1.00 15.00 ? 49  SER A OG  1 
ATOM   379  N N   . GLU A 1 50  ? -11.588 -0.419  -0.495  1.00 15.00 ? 50  GLU A N   1 
ATOM   380  C CA  . GLU A 1 50  ? -10.860 0.841   -0.570  1.00 15.00 ? 50  GLU A CA  1 
ATOM   381  C C   . GLU A 1 50  ? -11.891 1.943   -0.433  1.00 15.00 ? 50  GLU A C   1 
ATOM   382  O O   . GLU A 1 50  ? -11.639 2.942   0.246   1.00 15.00 ? 50  GLU A O   1 
ATOM   383  C CB  . GLU A 1 50  ? -10.147 1.093   -1.915  1.00 15.00 ? 50  GLU A CB  1 
ATOM   384  C CG  . GLU A 1 50  ? -9.049  0.089   -2.177  1.00 15.00 ? 50  GLU A CG  1 
ATOM   385  C CD  . GLU A 1 50  ? -9.454  -1.216  -2.861  1.00 15.00 ? 50  GLU A CD  1 
ATOM   386  O OE1 . GLU A 1 50  ? -10.610 -1.341  -3.253  1.00 15.00 ? 50  GLU A OE1 1 
ATOM   387  O OE2 . GLU A 1 50  ? -8.607  -2.094  -3.050  1.00 15.00 ? 50  GLU A OE2 1 
ATOM   388  N N   . GLN A 1 51  ? -13.070 1.790   -1.048  1.00 15.00 ? 51  GLN A N   1 
ATOM   389  C CA  . GLN A 1 51  ? -14.173 2.768   -0.975  1.00 15.00 ? 51  GLN A CA  1 
ATOM   390  C C   . GLN A 1 51  ? -14.612 3.024   0.466   1.00 15.00 ? 51  GLN A C   1 
ATOM   391  O O   . GLN A 1 51  ? -14.911 4.151   0.820   1.00 15.00 ? 51  GLN A O   1 
ATOM   392  C CB  . GLN A 1 51  ? -15.416 2.279   -1.794  1.00 15.00 ? 51  GLN A CB  1 
ATOM   393  C CG  . GLN A 1 51  ? -16.580 3.249   -1.975  1.00 15.00 ? 51  GLN A CG  1 
ATOM   394  C CD  . GLN A 1 51  ? -16.211 4.483   -2.759  1.00 15.00 ? 51  GLN A CD  1 
ATOM   395  O OE1 . GLN A 1 51  ? -15.575 4.391   -3.794  1.00 15.00 ? 51  GLN A OE1 1 
ATOM   396  N NE2 . GLN A 1 51  ? -16.629 5.689   -2.406  1.00 15.00 ? 51  GLN A NE2 1 
ATOM   397  N N   . GLU A 1 52  ? -14.653 2.016   1.310   1.00 15.00 ? 52  GLU A N   1 
ATOM   398  C CA  . GLU A 1 52  ? -15.031 2.147   2.685   1.00 15.00 ? 52  GLU A CA  1 
ATOM   399  C C   . GLU A 1 52  ? -14.048 3.017   3.472   1.00 15.00 ? 52  GLU A C   1 
ATOM   400  O O   . GLU A 1 52  ? -14.439 3.892   4.265   1.00 15.00 ? 52  GLU A O   1 
ATOM   401  C CB  . GLU A 1 52  ? -15.099 0.763   3.215   1.00 15.00 ? 52  GLU A CB  1 
ATOM   402  C CG  . GLU A 1 52  ? -15.536 0.813   4.640   1.00 15.00 ? 52  GLU A CG  1 
ATOM   403  C CD  . GLU A 1 52  ? -16.025 -0.513  5.129   1.00 15.00 ? 52  GLU A CD  1 
ATOM   404  O OE1 . GLU A 1 52  ? -15.529 -1.543  4.711   1.00 15.00 ? 52  GLU A OE1 1 
ATOM   405  O OE2 . GLU A 1 52  ? -16.938 -0.509  5.936   1.00 15.00 ? 52  GLU A OE2 1 
ATOM   406  N N   . LEU A 1 53  ? -12.749 2.828   3.214   1.00 15.00 ? 53  LEU A N   1 
ATOM   407  C CA  . LEU A 1 53  ? -11.729 3.616   3.860   1.00 15.00 ? 53  LEU A CA  1 
ATOM   408  C C   . LEU A 1 53  ? -11.863 5.004   3.329   1.00 15.00 ? 53  LEU A C   1 
ATOM   409  O O   . LEU A 1 53  ? -11.946 5.916   4.147   1.00 15.00 ? 53  LEU A O   1 
ATOM   410  C CB  . LEU A 1 53  ? -10.384 2.962   3.561   1.00 15.00 ? 53  LEU A CB  1 
ATOM   411  C CG  . LEU A 1 53  ? -9.711  2.074   4.627   1.00 15.00 ? 53  LEU A CG  1 
ATOM   412  C CD1 . LEU A 1 53  ? -10.664 1.350   5.557   1.00 15.00 ? 53  LEU A CD1 1 
ATOM   413  C CD2 . LEU A 1 53  ? -8.823  1.133   3.855   1.00 15.00 ? 53  LEU A CD2 1 
ATOM   414  N N   . LEU A 1 54  ? -12.046 5.216   2.029   1.00 15.00 ? 54  LEU A N   1 
ATOM   415  C CA  . LEU A 1 54  ? -12.220 6.549   1.455   1.00 15.00 ? 54  LEU A CA  1 
ATOM   416  C C   . LEU A 1 54  ? -13.442 7.339   2.011   1.00 15.00 ? 54  LEU A C   1 
ATOM   417  O O   . LEU A 1 54  ? -13.392 8.558   2.247   1.00 15.00 ? 54  LEU A O   1 
ATOM   418  C CB  . LEU A 1 54  ? -12.313 6.353   -0.054  1.00 15.00 ? 54  LEU A CB  1 
ATOM   419  C CG  . LEU A 1 54  ? -12.537 7.472   -1.004  1.00 15.00 ? 54  LEU A CG  1 
ATOM   420  C CD1 . LEU A 1 54  ? -11.247 8.188   -1.211  1.00 15.00 ? 54  LEU A CD1 1 
ATOM   421  C CD2 . LEU A 1 54  ? -12.891 6.945   -2.364  1.00 15.00 ? 54  LEU A CD2 1 
ATOM   422  N N   . ASP A 1 55  ? -14.588 6.678   2.227   1.00 15.00 ? 55  ASP A N   1 
ATOM   423  C CA  . ASP A 1 55  ? -15.785 7.304   2.745   1.00 15.00 ? 55  ASP A CA  1 
ATOM   424  C C   . ASP A 1 55  ? -15.758 7.432   4.243   1.00 15.00 ? 55  ASP A C   1 
ATOM   425  O O   . ASP A 1 55  ? -16.405 8.303   4.819   1.00 15.00 ? 55  ASP A O   1 
ATOM   426  C CB  . ASP A 1 55  ? -17.029 6.498   2.415   1.00 15.00 ? 55  ASP A CB  1 
ATOM   427  C CG  . ASP A 1 55  ? -17.366 6.240   0.951   1.00 15.00 ? 55  ASP A CG  1 
ATOM   428  O OD1 . ASP A 1 55  ? -16.905 6.932   0.057   1.00 15.00 ? 55  ASP A OD1 1 
ATOM   429  O OD2 . ASP A 1 55  ? -18.114 5.312   0.714   1.00 15.00 ? 55  ASP A OD2 1 
ATOM   430  N N   . CYS A 1 56  ? -15.055 6.559   4.922   1.00 15.00 ? 56  CYS A N   1 
ATOM   431  C CA  . CYS A 1 56  ? -15.236 6.533   6.343   1.00 15.00 ? 56  CYS A CA  1 
ATOM   432  C C   . CYS A 1 56  ? -14.072 7.052   7.158   1.00 15.00 ? 56  CYS A C   1 
ATOM   433  O O   . CYS A 1 56  ? -14.260 7.253   8.360   1.00 15.00 ? 56  CYS A O   1 
ATOM   434  C CB  . CYS A 1 56  ? -15.575 5.086   6.779   1.00 15.00 ? 56  CYS A CB  1 
ATOM   435  S SG  . CYS A 1 56  ? -17.115 4.386   6.086   1.00 15.00 ? 56  CYS A SG  1 
ATOM   436  N N   . ASP A 1 57  ? -12.880 7.285   6.583   1.00 15.00 ? 57  ASP A N   1 
ATOM   437  C CA  . ASP A 1 57  ? -11.786 7.761   7.395   1.00 15.00 ? 57  ASP A CA  1 
ATOM   438  C C   . ASP A 1 57  ? -11.899 9.273   7.551   1.00 15.00 ? 57  ASP A C   1 
ATOM   439  O O   . ASP A 1 57  ? -11.537 10.054  6.670   1.00 15.00 ? 57  ASP A O   1 
ATOM   440  C CB  . ASP A 1 57  ? -10.461 7.390   6.756   1.00 15.00 ? 57  ASP A CB  1 
ATOM   441  C CG  . ASP A 1 57  ? -9.277  7.666   7.662   1.00 15.00 ? 57  ASP A CG  1 
ATOM   442  O OD1 . ASP A 1 57  ? -9.443  7.935   8.865   1.00 15.00 ? 57  ASP A OD1 1 
ATOM   443  O OD2 . ASP A 1 57  ? -8.167  7.594   7.162   1.00 15.00 ? 57  ASP A OD2 1 
ATOM   444  N N   . ARG A 1 58  ? -12.378 9.700   8.726   1.00 15.00 ? 58  ARG A N   1 
ATOM   445  C CA  . ARG A 1 58  ? -12.625 11.115  8.978   1.00 15.00 ? 58  ARG A CA  1 
ATOM   446  C C   . ARG A 1 58  ? -11.332 11.927  9.037   1.00 15.00 ? 58  ARG A C   1 
ATOM   447  O O   . ARG A 1 58  ? -11.395 13.121  8.757   1.00 15.00 ? 58  ARG A O   1 
ATOM   448  C CB  . ARG A 1 58  ? -13.404 11.371  10.304  1.00 15.00 ? 58  ARG A CB  1 
ATOM   449  C CG  . ARG A 1 58  ? -14.730 10.655  10.697  1.00 15.00 ? 58  ARG A CG  1 
ATOM   450  C CD  . ARG A 1 58  ? -14.240 9.353   11.352  1.00 15.00 ? 58  ARG A CD  1 
ATOM   451  N NE  . ARG A 1 58  ? -14.973 8.840   12.512  1.00 15.00 ? 58  ARG A NE  1 
ATOM   452  C CZ  . ARG A 1 58  ? -14.410 7.897   13.319  1.00 15.00 ? 58  ARG A CZ  1 
ATOM   453  N NH1 . ARG A 1 58  ? -13.169 7.400   13.108  1.00 15.00 ? 58  ARG A NH1 1 
ATOM   454  N NH2 . ARG A 1 58  ? -15.103 7.427   14.364  1.00 15.00 ? 58  ARG A NH2 1 
ATOM   455  N N   . ARG A 1 59  ? -10.167 11.355  9.391   1.00 15.00 ? 59  ARG A N   1 
ATOM   456  C CA  . ARG A 1 59  ? -8.870  12.063  9.380   1.00 15.00 ? 59  ARG A CA  1 
ATOM   457  C C   . ARG A 1 59  ? -8.317  12.263  7.990   1.00 15.00 ? 59  ARG A C   1 
ATOM   458  O O   . ARG A 1 59  ? -7.538  13.175  7.782   1.00 15.00 ? 59  ARG A O   1 
ATOM   459  C CB  . ARG A 1 59  ? -7.764  11.338  10.110  1.00 15.00 ? 59  ARG A CB  1 
ATOM   460  C CG  . ARG A 1 59  ? -8.073  11.119  11.540  1.00 15.00 ? 59  ARG A CG  1 
ATOM   461  C CD  . ARG A 1 59  ? -7.005  10.255  12.129  1.00 15.00 ? 59  ARG A CD  1 
ATOM   462  N NE  . ARG A 1 59  ? -7.208  10.297  13.560  1.00 15.00 ? 59  ARG A NE  1 
ATOM   463  C CZ  . ARG A 1 59  ? -7.539  9.228   14.292  1.00 15.00 ? 59  ARG A CZ  1 
ATOM   464  N NH1 . ARG A 1 59  ? -7.676  8.023   13.713  1.00 15.00 ? 59  ARG A NH1 1 
ATOM   465  N NH2 . ARG A 1 59  ? -7.716  9.381   15.625  1.00 15.00 ? 59  ARG A NH2 1 
ATOM   466  N N   . SER A 1 60  ? -8.681  11.443  7.011   1.00 15.00 ? 60  SER A N   1 
ATOM   467  C CA  . SER A 1 60  ? -8.148  11.601  5.690   1.00 15.00 ? 60  SER A CA  1 
ATOM   468  C C   . SER A 1 60  ? -9.081  12.452  4.894   1.00 15.00 ? 60  SER A C   1 
ATOM   469  O O   . SER A 1 60  ? -10.177 12.773  5.347   1.00 15.00 ? 60  SER A O   1 
ATOM   470  C CB  . SER A 1 60  ? -7.978  10.233  5.090   1.00 15.00 ? 60  SER A CB  1 
ATOM   471  O OG  . SER A 1 60  ? -6.913  9.539   5.750   1.00 15.00 ? 60  SER A OG  1 
ATOM   472  N N   . TYR A 1 61  ? -8.673  12.782  3.685   1.00 15.00 ? 61  TYR A N   1 
ATOM   473  C CA  . TYR A 1 61  ? -9.362  13.769  2.886   1.00 15.00 ? 61  TYR A CA  1 
ATOM   474  C C   . TYR A 1 61  ? -10.022 13.210  1.635   1.00 15.00 ? 61  TYR A C   1 
ATOM   475  O O   . TYR A 1 61  ? -10.149 13.927  0.644   1.00 15.00 ? 61  TYR A O   1 
ATOM   476  C CB  . TYR A 1 61  ? -8.346  14.884  2.531   1.00 15.00 ? 61  TYR A CB  1 
ATOM   477  C CG  . TYR A 1 61  ? -7.608  15.457  3.756   1.00 15.00 ? 61  TYR A CG  1 
ATOM   478  C CD1 . TYR A 1 61  ? -8.203  16.414  4.574   1.00 15.00 ? 61  TYR A CD1 1 
ATOM   479  C CD2 . TYR A 1 61  ? -6.364  14.958  4.130   1.00 15.00 ? 61  TYR A CD2 1 
ATOM   480  C CE1 . TYR A 1 61  ? -7.604  16.852  5.753   1.00 15.00 ? 61  TYR A CE1 1 
ATOM   481  C CE2 . TYR A 1 61  ? -5.754  15.393  5.306   1.00 15.00 ? 61  TYR A CE2 1 
ATOM   482  C CZ  . TYR A 1 61  ? -6.376  16.335  6.119   1.00 15.00 ? 61  TYR A CZ  1 
ATOM   483  O OH  . TYR A 1 61  ? -5.795  16.731  7.318   1.00 15.00 ? 61  TYR A OH  1 
ATOM   484  N N   . GLY A 1 62  ? -10.495 11.964  1.653   1.00 15.00 ? 62  GLY A N   1 
ATOM   485  C CA  . GLY A 1 62  ? -11.216 11.403  0.524   1.00 15.00 ? 62  GLY A CA  1 
ATOM   486  C C   . GLY A 1 62  ? -10.356 11.349  -0.707  1.00 15.00 ? 62  GLY A C   1 
ATOM   487  O O   . GLY A 1 62  ? -9.254  10.794  -0.666  1.00 15.00 ? 62  GLY A O   1 
ATOM   488  N N   . CYS A 1 63  ? -10.856 11.873  -1.827  1.00 15.00 ? 63  CYS A N   1 
ATOM   489  C CA  . CYS A 1 63  ? -10.049 11.973  -3.029  1.00 15.00 ? 63  CYS A CA  1 
ATOM   490  C C   . CYS A 1 63  ? -9.099  13.128  -2.735  1.00 15.00 ? 63  CYS A C   1 
ATOM   491  O O   . CYS A 1 63  ? -9.302  13.820  -1.748  1.00 15.00 ? 63  CYS A O   1 
ATOM   492  C CB  . CYS A 1 63  ? -10.965 12.200  -4.260  1.00 15.00 ? 63  CYS A CB  1 
ATOM   493  S SG  . CYS A 1 63  ? -11.944 10.687  -4.627  1.00 15.00 ? 63  CYS A SG  1 
ATOM   494  N N   . ASN A 1 64  ? -8.050  13.514  -3.429  1.00 15.00 ? 64  ASN A N   1 
ATOM   495  C CA  . ASN A 1 64  ? -7.033  14.447  -2.856  1.00 15.00 ? 64  ASN A CA  1 
ATOM   496  C C   . ASN A 1 64  ? -6.397  14.192  -1.459  1.00 15.00 ? 64  ASN A C   1 
ATOM   497  O O   . ASN A 1 64  ? -5.906  15.112  -0.834  1.00 15.00 ? 64  ASN A O   1 
ATOM   498  C CB  . ASN A 1 64  ? -7.484  15.984  -2.864  1.00 15.00 ? 64  ASN A CB  1 
ATOM   499  C CG  . ASN A 1 64  ? -8.791  16.585  -2.348  1.00 15.00 ? 64  ASN A CG  1 
ATOM   500  O OD1 . ASN A 1 64  ? -9.431  17.309  -3.117  1.00 15.00 ? 64  ASN A OD1 1 
ATOM   501  N ND2 . ASN A 1 64  ? -9.331  16.386  -1.158  1.00 15.00 ? 64  ASN A ND2 1 
ATOM   502  N N   . GLY A 1 65  ? -6.390  12.984  -0.896  1.00 15.00 ? 65  GLY A N   1 
ATOM   503  C CA  . GLY A 1 65  ? -5.357  12.661  0.044   1.00 15.00 ? 65  GLY A CA  1 
ATOM   504  C C   . GLY A 1 65  ? -5.750  12.029  1.333   1.00 15.00 ? 65  GLY A C   1 
ATOM   505  O O   . GLY A 1 65  ? -6.856  12.161  1.822   1.00 15.00 ? 65  GLY A O   1 
ATOM   506  N N   . GLY A 1 66  ? -4.795  11.388  1.986   1.00 15.00 ? 66  GLY A N   1 
ATOM   507  C CA  . GLY A 1 66  ? -5.032  10.763  3.260   1.00 15.00 ? 66  GLY A CA  1 
ATOM   508  C C   . GLY A 1 66  ? -3.818  10.016  3.781   1.00 15.00 ? 66  GLY A C   1 
ATOM   509  O O   . GLY A 1 66  ? -2.739  10.092  3.205   1.00 15.00 ? 66  GLY A O   1 
ATOM   510  N N   . TYR A 1 67  ? -4.024  9.211   4.822   1.00 15.00 ? 67  TYR A N   1 
ATOM   511  C CA  . TYR A 1 67  ? -2.968  8.571   5.565   1.00 15.00 ? 67  TYR A CA  1 
ATOM   512  C C   . TYR A 1 67  ? -3.256  7.113   5.673   1.00 15.00 ? 67  TYR A C   1 
ATOM   513  O O   . TYR A 1 67  ? -4.246  6.791   6.325   1.00 15.00 ? 67  TYR A O   1 
ATOM   514  C CB  . TYR A 1 67  ? -2.884  9.053   6.988   1.00 15.00 ? 67  TYR A CB  1 
ATOM   515  C CG  . TYR A 1 67  ? -2.975  10.549  7.069   1.00 15.00 ? 67  TYR A CG  1 
ATOM   516  C CD1 . TYR A 1 67  ? -1.931  11.282  6.546   1.00 15.00 ? 67  TYR A CD1 1 
ATOM   517  C CD2 . TYR A 1 67  ? -4.097  11.144  7.611   1.00 15.00 ? 67  TYR A CD2 1 
ATOM   518  C CE1 . TYR A 1 67  ? -2.004  12.648  6.559   1.00 15.00 ? 67  TYR A CE1 1 
ATOM   519  C CE2 . TYR A 1 67  ? -4.173  12.515  7.627   1.00 15.00 ? 67  TYR A CE2 1 
ATOM   520  C CZ  . TYR A 1 67  ? -3.120  13.242  7.109   1.00 15.00 ? 67  TYR A CZ  1 
ATOM   521  O OH  . TYR A 1 67  ? -3.127  14.613  7.201   1.00 15.00 ? 67  TYR A OH  1 
ATOM   522  N N   . PRO A 1 68  ? -2.437  6.181   5.183   1.00 15.00 ? 68  PRO A N   1 
ATOM   523  C CA  . PRO A 1 68  ? -2.668  4.759   5.374   1.00 15.00 ? 68  PRO A CA  1 
ATOM   524  C C   . PRO A 1 68  ? -2.538  4.366   6.827   1.00 15.00 ? 68  PRO A C   1 
ATOM   525  O O   . PRO A 1 68  ? -3.177  3.380   7.183   1.00 15.00 ? 68  PRO A O   1 
ATOM   526  C CB  . PRO A 1 68  ? -1.679  4.073   4.462   1.00 15.00 ? 68  PRO A CB  1 
ATOM   527  C CG  . PRO A 1 68  ? -0.649  5.098   4.103   1.00 15.00 ? 68  PRO A CG  1 
ATOM   528  C CD  . PRO A 1 68  ? -1.400  6.421   4.185   1.00 15.00 ? 68  PRO A CD  1 
ATOM   529  N N   . TRP A 1 69  ? -1.804  5.078   7.720   1.00 15.00 ? 69  TRP A N   1 
ATOM   530  C CA  . TRP A 1 69  ? -1.830  4.761   9.136   1.00 15.00 ? 69  TRP A CA  1 
ATOM   531  C C   . TRP A 1 69  ? -3.203  5.057   9.764   1.00 15.00 ? 69  TRP A C   1 
ATOM   532  O O   . TRP A 1 69  ? -3.653  4.400   10.710  1.00 15.00 ? 69  TRP A O   1 
ATOM   533  C CB  . TRP A 1 69  ? -0.769  5.550   9.926   1.00 15.00 ? 69  TRP A CB  1 
ATOM   534  C CG  . TRP A 1 69  ? -0.763  7.073   9.804   1.00 15.00 ? 69  TRP A CG  1 
ATOM   535  C CD1 . TRP A 1 69  ? -0.041  7.752   8.840   1.00 15.00 ? 69  TRP A CD1 1 
ATOM   536  C CD2 . TRP A 1 69  ? -1.533  7.908   10.590  1.00 15.00 ? 69  TRP A CD2 1 
ATOM   537  N NE1 . TRP A 1 69  ? -0.360  9.016   9.010   1.00 15.00 ? 69  TRP A NE1 1 
ATOM   538  C CE2 . TRP A 1 69  ? -1.250  9.160   10.038  1.00 15.00 ? 69  TRP A CE2 1 
ATOM   539  C CE3 . TRP A 1 69  ? -2.403  7.723   11.673  1.00 15.00 ? 69  TRP A CE3 1 
ATOM   540  C CZ2 . TRP A 1 69  ? -1.871  10.271  10.582  1.00 15.00 ? 69  TRP A CZ2 1 
ATOM   541  C CZ3 . TRP A 1 69  ? -3.002  8.843   12.194  1.00 15.00 ? 69  TRP A CZ3 1 
ATOM   542  C CH2 . TRP A 1 69  ? -2.739  10.091  11.644  1.00 15.00 ? 69  TRP A CH2 1 
ATOM   543  N N   . SER A 1 70  ? -3.887  6.089   9.291   1.00 15.00 ? 70  SER A N   1 
ATOM   544  C CA  . SER A 1 70  ? -5.224  6.454   9.743   1.00 15.00 ? 70  SER A CA  1 
ATOM   545  C C   . SER A 1 70  ? -6.247  5.388   9.281   1.00 15.00 ? 70  SER A C   1 
ATOM   546  O O   . SER A 1 70  ? -7.100  4.918   10.037  1.00 15.00 ? 70  SER A O   1 
ATOM   547  C CB  . SER A 1 70  ? -5.431  7.811   9.143   1.00 15.00 ? 70  SER A CB  1 
ATOM   548  O OG  . SER A 1 70  ? -6.588  8.413   9.612   1.00 15.00 ? 70  SER A OG  1 
ATOM   549  N N   . ALA A 1 71  ? -6.176  4.984   8.017   1.00 15.00 ? 71  ALA A N   1 
ATOM   550  C CA  . ALA A 1 71  ? -6.960  3.921   7.391   1.00 15.00 ? 71  ALA A CA  1 
ATOM   551  C C   . ALA A 1 71  ? -6.751  2.606   8.126   1.00 15.00 ? 71  ALA A C   1 
ATOM   552  O O   . ALA A 1 71  ? -7.710  1.943   8.517   1.00 15.00 ? 71  ALA A O   1 
ATOM   553  C CB  . ALA A 1 71  ? -6.496  3.802   5.951   1.00 15.00 ? 71  ALA A CB  1 
ATOM   554  N N   . LEU A 1 72  ? -5.493  2.210   8.369   1.00 15.00 ? 72  LEU A N   1 
ATOM   555  C CA  . LEU A 1 72  ? -5.180  1.015   9.136   1.00 15.00 ? 72  LEU A CA  1 
ATOM   556  C C   . LEU A 1 72  ? -5.749  0.993   10.555  1.00 15.00 ? 72  LEU A C   1 
ATOM   557  O O   . LEU A 1 72  ? -6.195  -0.042  11.073  1.00 15.00 ? 72  LEU A O   1 
ATOM   558  C CB  . LEU A 1 72  ? -3.655  0.840   9.159   1.00 15.00 ? 72  LEU A CB  1 
ATOM   559  C CG  . LEU A 1 72  ? -3.026  0.410   7.846   1.00 15.00 ? 72  LEU A CG  1 
ATOM   560  C CD1 . LEU A 1 72  ? -1.504  0.441   7.925   1.00 15.00 ? 72  LEU A CD1 1 
ATOM   561  C CD2 . LEU A 1 72  ? -3.601  -0.961  7.521   1.00 15.00 ? 72  LEU A CD2 1 
ATOM   562  N N   . GLN A 1 73  ? -5.801  2.172   11.176  1.00 15.00 ? 73  GLN A N   1 
ATOM   563  C CA  . GLN A 1 73  ? -6.373  2.329   12.499  1.00 15.00 ? 73  GLN A CA  1 
ATOM   564  C C   . GLN A 1 73  ? -7.888  2.099   12.528  1.00 15.00 ? 73  GLN A C   1 
ATOM   565  O O   . GLN A 1 73  ? -8.366  1.362   13.396  1.00 15.00 ? 73  GLN A O   1 
ATOM   566  C CB  . GLN A 1 73  ? -6.015  3.701   12.953  1.00 15.00 ? 73  GLN A CB  1 
ATOM   567  C CG  . GLN A 1 73  ? -5.824  3.652   14.437  1.00 15.00 ? 73  GLN A CG  1 
ATOM   568  C CD  . GLN A 1 73  ? -5.520  5.035   14.960  1.00 15.00 ? 73  GLN A CD  1 
ATOM   569  O OE1 . GLN A 1 73  ? -6.130  5.492   15.931  1.00 15.00 ? 73  GLN A OE1 1 
ATOM   570  N NE2 . GLN A 1 73  ? -4.586  5.763   14.315  1.00 15.00 ? 73  GLN A NE2 1 
ATOM   571  N N   . LEU A 1 74  ? -8.656  2.684   11.597  1.00 15.00 ? 74  LEU A N   1 
ATOM   572  C CA  . LEU A 1 74  ? -10.081 2.403   11.437  1.00 15.00 ? 74  LEU A CA  1 
ATOM   573  C C   . LEU A 1 74  ? -10.402 0.919   11.382  1.00 15.00 ? 74  LEU A C   1 
ATOM   574  O O   . LEU A 1 74  ? -11.331 0.473   12.042  1.00 15.00 ? 74  LEU A O   1 
ATOM   575  C CB  . LEU A 1 74  ? -10.658 2.910   10.170  1.00 15.00 ? 74  LEU A CB  1 
ATOM   576  C CG  . LEU A 1 74  ? -11.209 4.280   10.024  1.00 15.00 ? 74  LEU A CG  1 
ATOM   577  C CD1 . LEU A 1 74  ? -11.942 4.265   8.679   1.00 15.00 ? 74  LEU A CD1 1 
ATOM   578  C CD2 . LEU A 1 74  ? -12.124 4.661   11.194  1.00 15.00 ? 74  LEU A CD2 1 
ATOM   579  N N   . VAL A 1 75  ? -9.669  0.101   10.634  1.00 15.00 ? 75  VAL A N   1 
ATOM   580  C CA  . VAL A 1 75  ? -9.895  -1.338  10.560  1.00 15.00 ? 75  VAL A CA  1 
ATOM   581  C C   . VAL A 1 75  ? -9.591  -2.030  11.876  1.00 15.00 ? 75  VAL A C   1 
ATOM   582  O O   . VAL A 1 75  ? -10.248 -3.016  12.181  1.00 15.00 ? 75  VAL A O   1 
ATOM   583  C CB  . VAL A 1 75  ? -9.035  -1.952  9.434   1.00 15.00 ? 75  VAL A CB  1 
ATOM   584  C CG1 . VAL A 1 75  ? -9.307  -3.439  9.268   1.00 15.00 ? 75  VAL A CG1 1 
ATOM   585  C CG2 . VAL A 1 75  ? -9.351  -1.221  8.137   1.00 15.00 ? 75  VAL A CG2 1 
ATOM   586  N N   . ALA A 1 76  ? -8.600  -1.610  12.670  1.00 15.00 ? 76  ALA A N   1 
ATOM   587  C CA  . ALA A 1 76  ? -8.330  -2.209  13.979  1.00 15.00 ? 76  ALA A CA  1 
ATOM   588  C C   . ALA A 1 76  ? -9.452  -1.928  14.973  1.00 15.00 ? 76  ALA A C   1 
ATOM   589  O O   . ALA A 1 76  ? -9.817  -2.739  15.813  1.00 15.00 ? 76  ALA A O   1 
ATOM   590  C CB  . ALA A 1 76  ? -7.070  -1.645  14.583  1.00 15.00 ? 76  ALA A CB  1 
ATOM   591  N N   . GLN A 1 77  ? -9.921  -0.695  14.895  1.00 15.00 ? 77  GLN A N   1 
ATOM   592  C CA  . GLN A 1 77  ? -11.012 -0.184  15.696  1.00 15.00 ? 77  GLN A CA  1 
ATOM   593  C C   . GLN A 1 77  ? -12.403 -0.705  15.357  1.00 15.00 ? 77  GLN A C   1 
ATOM   594  O O   . GLN A 1 77  ? -13.254 -0.879  16.227  1.00 15.00 ? 77  GLN A O   1 
ATOM   595  C CB  . GLN A 1 77  ? -11.168 1.293   15.578  1.00 15.00 ? 77  GLN A CB  1 
ATOM   596  C CG  . GLN A 1 77  ? -10.092 2.270   15.970  1.00 15.00 ? 77  GLN A CG  1 
ATOM   597  C CD  . GLN A 1 77  ? -10.787 3.437   16.650  1.00 15.00 ? 77  GLN A CD  1 
ATOM   598  O OE1 . GLN A 1 77  ? -11.393 4.350   16.071  1.00 15.00 ? 77  GLN A OE1 1 
ATOM   599  N NE2 . GLN A 1 77  ? -10.737 3.331   17.970  1.00 15.00 ? 77  GLN A NE2 1 
ATOM   600  N N   . TYR A 1 78  ? -12.669 -0.804  14.053  1.00 15.00 ? 78  TYR A N   1 
ATOM   601  C CA  . TYR A 1 78  ? -13.965 -1.148  13.501  1.00 15.00 ? 78  TYR A CA  1 
ATOM   602  C C   . TYR A 1 78  ? -13.840 -2.410  12.648  1.00 15.00 ? 78  TYR A C   1 
ATOM   603  O O   . TYR A 1 78  ? -14.255 -3.494  13.068  1.00 15.00 ? 78  TYR A O   1 
ATOM   604  C CB  . TYR A 1 78  ? -14.469 0.063   12.679  1.00 15.00 ? 78  TYR A CB  1 
ATOM   605  C CG  . TYR A 1 78  ? -14.760 1.294   13.539  1.00 15.00 ? 78  TYR A CG  1 
ATOM   606  C CD1 . TYR A 1 78  ? -15.938 1.383   14.251  1.00 15.00 ? 78  TYR A CD1 1 
ATOM   607  C CD2 . TYR A 1 78  ? -13.846 2.317   13.666  1.00 15.00 ? 78  TYR A CD2 1 
ATOM   608  C CE1 . TYR A 1 78  ? -16.199 2.455   15.078  1.00 15.00 ? 78  TYR A CE1 1 
ATOM   609  C CE2 . TYR A 1 78  ? -14.091 3.401   14.498  1.00 15.00 ? 78  TYR A CE2 1 
ATOM   610  C CZ  . TYR A 1 78  ? -15.274 3.469   15.208  1.00 15.00 ? 78  TYR A CZ  1 
ATOM   611  O OH  . TYR A 1 78  ? -15.541 4.537   16.064  1.00 15.00 ? 78  TYR A OH  1 
ATOM   612  N N   . GLY A 1 79  ? -13.267 -2.382  11.465  1.00 15.00 ? 79  GLY A N   1 
ATOM   613  C CA  . GLY A 1 79  ? -13.176 -3.575  10.662  1.00 15.00 ? 79  GLY A CA  1 
ATOM   614  C C   . GLY A 1 79  ? -13.388 -3.117  9.238   1.00 15.00 ? 79  GLY A C   1 
ATOM   615  O O   . GLY A 1 79  ? -13.498 -1.906  8.959   1.00 15.00 ? 79  GLY A O   1 
ATOM   616  N N   . ILE A 1 80  ? -13.538 -4.057  8.315   1.00 15.00 ? 80  ILE A N   1 
ATOM   617  C CA  . ILE A 1 80  ? -13.621 -3.687  6.915   1.00 15.00 ? 80  ILE A CA  1 
ATOM   618  C C   . ILE A 1 80  ? -14.504 -4.726  6.268   1.00 15.00 ? 80  ILE A C   1 
ATOM   619  O O   . ILE A 1 80  ? -14.667 -5.847  6.735   1.00 15.00 ? 80  ILE A O   1 
ATOM   620  C CB  . ILE A 1 80  ? -12.103 -3.585  6.267   1.00 15.00 ? 80  ILE A CB  1 
ATOM   621  C CG1 . ILE A 1 80  ? -12.193 -2.985  4.859   1.00 15.00 ? 80  ILE A CG1 1 
ATOM   622  C CG2 . ILE A 1 80  ? -11.382 -4.922  6.212   1.00 15.00 ? 80  ILE A CG2 1 
ATOM   623  C CD1 . ILE A 1 80  ? -10.919 -2.351  4.262   1.00 15.00 ? 80  ILE A CD1 1 
ATOM   624  N N   . HIS A 1 81  ? -15.162 -4.264  5.226   1.00 15.00 ? 81  HIS A N   1 
ATOM   625  C CA  . HIS A 1 81  ? -16.068 -5.078  4.431   1.00 15.00 ? 81  HIS A CA  1 
ATOM   626  C C   . HIS A 1 81  ? -15.332 -5.551  3.185   1.00 15.00 ? 81  HIS A C   1 
ATOM   627  O O   . HIS A 1 81  ? -14.346 -4.932  2.757   1.00 15.00 ? 81  HIS A O   1 
ATOM   628  C CB  . HIS A 1 81  ? -17.294 -4.266  3.986   1.00 15.00 ? 81  HIS A CB  1 
ATOM   629  C CG  . HIS A 1 81  ? -18.284 -4.011  5.094   1.00 15.00 ? 81  HIS A CG  1 
ATOM   630  N ND1 . HIS A 1 81  ? -18.479 -2.948  5.873   1.00 15.00 ? 81  HIS A ND1 1 
ATOM   631  C CD2 . HIS A 1 81  ? -19.168 -4.981  5.496   1.00 15.00 ? 81  HIS A CD2 1 
ATOM   632  C CE1 . HIS A 1 81  ? -19.433 -3.229  6.734   1.00 15.00 ? 81  HIS A CE1 1 
ATOM   633  N NE2 . HIS A 1 81  ? -19.827 -4.451  6.485   1.00 15.00 ? 81  HIS A NE2 1 
ATOM   634  N N   . TYR A 1 82  ? -15.847 -6.638  2.614   1.00 15.00 ? 82  TYR A N   1 
ATOM   635  C CA  . TYR A 1 82  ? -15.369 -7.154  1.361   1.00 15.00 ? 82  TYR A CA  1 
ATOM   636  C C   . TYR A 1 82  ? -15.532 -6.125  0.280   1.00 15.00 ? 82  TYR A C   1 
ATOM   637  O O   . TYR A 1 82  ? -16.489 -5.347  0.332   1.00 15.00 ? 82  TYR A O   1 
ATOM   638  C CB  . TYR A 1 82  ? -16.155 -8.382  0.960   1.00 15.00 ? 82  TYR A CB  1 
ATOM   639  C CG  . TYR A 1 82  ? -15.880 -9.613  1.793   1.00 15.00 ? 82  TYR A CG  1 
ATOM   640  C CD1 . TYR A 1 82  ? -14.586 -10.048 1.952   1.00 15.00 ? 82  TYR A CD1 1 
ATOM   641  C CD2 . TYR A 1 82  ? -16.935 -10.281 2.398   1.00 15.00 ? 82  TYR A CD2 1 
ATOM   642  C CE1 . TYR A 1 82  ? -14.332 -11.155 2.724   1.00 15.00 ? 82  TYR A CE1 1 
ATOM   643  C CE2 . TYR A 1 82  ? -16.682 -11.397 3.168   1.00 15.00 ? 82  TYR A CE2 1 
ATOM   644  C CZ  . TYR A 1 82  ? -15.382 -11.822 3.326   1.00 15.00 ? 82  TYR A CZ  1 
ATOM   645  O OH  . TYR A 1 82  ? -15.125 -12.923 4.102   1.00 15.00 ? 82  TYR A OH  1 
ATOM   646  N N   . ARG A 1 83  ? -14.689 -6.179  -0.751  1.00 15.00 ? 83  ARG A N   1 
ATOM   647  C CA  . ARG A 1 83  ? -14.745 -5.217  -1.830  1.00 15.00 ? 83  ARG A CA  1 
ATOM   648  C C   . ARG A 1 83  ? -16.054 -5.318  -2.592  1.00 15.00 ? 83  ARG A C   1 
ATOM   649  O O   . ARG A 1 83  ? -16.609 -4.356  -3.097  1.00 15.00 ? 83  ARG A O   1 
ATOM   650  C CB  . ARG A 1 83  ? -13.600 -5.465  -2.764  1.00 15.00 ? 83  ARG A CB  1 
ATOM   651  C CG  . ARG A 1 83  ? -13.281 -4.298  -3.641  1.00 15.00 ? 83  ARG A CG  1 
ATOM   652  C CD  . ARG A 1 83  ? -12.067 -4.616  -4.527  1.00 15.00 ? 83  ARG A CD  1 
ATOM   653  N NE  . ARG A 1 83  ? -11.573 -3.335  -4.988  1.00 15.00 ? 83  ARG A NE  1 
ATOM   654  C CZ  . ARG A 1 83  ? -11.461 -2.882  -6.238  1.00 15.00 ? 83  ARG A CZ  1 
ATOM   655  N NH1 . ARG A 1 83  ? -11.824 -3.605  -7.297  1.00 15.00 ? 83  ARG A NH1 1 
ATOM   656  N NH2 . ARG A 1 83  ? -11.006 -1.636  -6.412  1.00 15.00 ? 83  ARG A NH2 1 
ATOM   657  N N   . ASN A 1 84  ? -16.514 -6.549  -2.700  1.00 15.00 ? 84  ASN A N   1 
ATOM   658  C CA  . ASN A 1 84  ? -17.798 -6.880  -3.295  1.00 15.00 ? 84  ASN A CA  1 
ATOM   659  C C   . ASN A 1 84  ? -19.003 -6.203  -2.715  1.00 15.00 ? 84  ASN A C   1 
ATOM   660  O O   . ASN A 1 84  ? -19.877 -5.799  -3.481  1.00 15.00 ? 84  ASN A O   1 
ATOM   661  C CB  . ASN A 1 84  ? -18.144 -8.332  -3.187  1.00 15.00 ? 84  ASN A CB  1 
ATOM   662  C CG  . ASN A 1 84  ? -17.651 -9.051  -4.396  1.00 15.00 ? 84  ASN A CG  1 
ATOM   663  O OD1 . ASN A 1 84  ? -16.878 -10.003 -4.236  1.00 15.00 ? 84  ASN A OD1 1 
ATOM   664  N ND2 . ASN A 1 84  ? -18.011 -8.643  -5.622  1.00 15.00 ? 84  ASN A ND2 1 
ATOM   665  N N   . THR A 1 85  ? -19.022 -6.133  -1.388  1.00 15.00 ? 85  THR A N   1 
ATOM   666  C CA  . THR A 1 85  ? -20.178 -5.600  -0.751  1.00 15.00 ? 85  THR A CA  1 
ATOM   667  C C   . THR A 1 85  ? -20.048 -4.097  -0.757  1.00 15.00 ? 85  THR A C   1 
ATOM   668  O O   . THR A 1 85  ? -21.063 -3.402  -0.758  1.00 15.00 ? 85  THR A O   1 
ATOM   669  C CB  . THR A 1 85  ? -20.365 -6.209  0.713   1.00 15.00 ? 85  THR A CB  1 
ATOM   670  O OG1 . THR A 1 85  ? -19.655 -5.476  1.687   1.00 15.00 ? 85  THR A OG1 1 
ATOM   671  C CG2 . THR A 1 85  ? -19.806 -7.614  0.792   1.00 15.00 ? 85  THR A CG2 1 
ATOM   672  N N   . TYR A 1 86  ? -18.826 -3.550  -0.830  1.00 15.00 ? 86  TYR A N   1 
ATOM   673  C CA  . TYR A 1 86  ? -18.640 -2.115  -0.857  1.00 15.00 ? 86  TYR A CA  1 
ATOM   674  C C   . TYR A 1 86  ? -17.692 -1.792  -2.028  1.00 15.00 ? 86  TYR A C   1 
ATOM   675  O O   . TYR A 1 86  ? -16.498 -1.524  -1.826  1.00 15.00 ? 86  TYR A O   1 
ATOM   676  C CB  . TYR A 1 86  ? -18.127 -1.754  0.567   1.00 15.00 ? 86  TYR A CB  1 
ATOM   677  C CG  . TYR A 1 86  ? -18.387 -0.314  1.063   1.00 15.00 ? 86  TYR A CG  1 
ATOM   678  C CD1 . TYR A 1 86  ? -18.425 0.759   0.198   1.00 15.00 ? 86  TYR A CD1 1 
ATOM   679  C CD2 . TYR A 1 86  ? -18.548 -0.052  2.422   1.00 15.00 ? 86  TYR A CD2 1 
ATOM   680  C CE1 . TYR A 1 86  ? -18.613 2.044   0.692   1.00 15.00 ? 86  TYR A CE1 1 
ATOM   681  C CE2 . TYR A 1 86  ? -18.737 1.239   2.921   1.00 15.00 ? 86  TYR A CE2 1 
ATOM   682  C CZ  . TYR A 1 86  ? -18.764 2.290   2.043   1.00 15.00 ? 86  TYR A CZ  1 
ATOM   683  O OH  . TYR A 1 86  ? -18.923 3.587   2.486   1.00 15.00 ? 86  TYR A OH  1 
ATOM   684  N N   . PRO A 1 87  ? -18.125 -1.879  -3.320  1.00 15.00 ? 87  PRO A N   1 
ATOM   685  C CA  . PRO A 1 87  ? -17.229 -1.719  -4.469  1.00 15.00 ? 87  PRO A CA  1 
ATOM   686  C C   . PRO A 1 87  ? -16.625 -0.303  -4.613  1.00 15.00 ? 87  PRO A C   1 
ATOM   687  O O   . PRO A 1 87  ? -17.155 0.704   -4.105  1.00 15.00 ? 87  PRO A O   1 
ATOM   688  C CB  . PRO A 1 87  ? -18.131 -2.172  -5.640  1.00 15.00 ? 87  PRO A CB  1 
ATOM   689  C CG  . PRO A 1 87  ? -19.509 -1.723  -5.205  1.00 15.00 ? 87  PRO A CG  1 
ATOM   690  C CD  . PRO A 1 87  ? -19.501 -2.165  -3.767  1.00 15.00 ? 87  PRO A CD  1 
ATOM   691  N N   . TYR A 1 88  ? -15.517 -0.188  -5.344  1.00 15.00 ? 88  TYR A N   1 
ATOM   692  C CA  . TYR A 1 88  ? -14.867 1.084   -5.576  1.00 15.00 ? 88  TYR A CA  1 
ATOM   693  C C   . TYR A 1 88  ? -15.653 1.944   -6.546  1.00 15.00 ? 88  TYR A C   1 
ATOM   694  O O   . TYR A 1 88  ? -16.037 1.526   -7.635  1.00 15.00 ? 88  TYR A O   1 
ATOM   695  C CB  . TYR A 1 88  ? -13.465 0.842   -6.127  1.00 15.00 ? 88  TYR A CB  1 
ATOM   696  C CG  . TYR A 1 88  ? -12.657 2.120   -6.239  1.00 15.00 ? 88  TYR A CG  1 
ATOM   697  C CD1 . TYR A 1 88  ? -12.326 2.859   -5.079  1.00 15.00 ? 88  TYR A CD1 1 
ATOM   698  C CD2 . TYR A 1 88  ? -12.253 2.538   -7.493  1.00 15.00 ? 88  TYR A CD2 1 
ATOM   699  C CE1 . TYR A 1 88  ? -11.584 4.026   -5.189  1.00 15.00 ? 88  TYR A CE1 1 
ATOM   700  C CE2 . TYR A 1 88  ? -11.507 3.707   -7.587  1.00 15.00 ? 88  TYR A CE2 1 
ATOM   701  C CZ  . TYR A 1 88  ? -11.180 4.431   -6.446  1.00 15.00 ? 88  TYR A CZ  1 
ATOM   702  O OH  . TYR A 1 88  ? -10.439 5.578   -6.601  1.00 15.00 ? 88  TYR A OH  1 
ATOM   703  N N   . GLU A 1 89  ? -15.886 3.177   -6.141  1.00 15.00 ? 89  GLU A N   1 
ATOM   704  C CA  . GLU A 1 89  ? -16.597 4.140   -6.937  1.00 15.00 ? 89  GLU A CA  1 
ATOM   705  C C   . GLU A 1 89  ? -15.763 5.293   -7.417  1.00 15.00 ? 89  GLU A C   1 
ATOM   706  O O   . GLU A 1 89  ? -16.200 6.026   -8.317  1.00 15.00 ? 89  GLU A O   1 
ATOM   707  C CB  . GLU A 1 89  ? -17.773 4.719   -6.173  1.00 15.00 ? 89  GLU A CB  1 
ATOM   708  C CG  . GLU A 1 89  ? -18.843 3.662   -5.894  1.00 15.00 ? 89  GLU A CG  1 
ATOM   709  C CD  . GLU A 1 89  ? -20.007 4.217   -5.103  1.00 15.00 ? 89  GLU A CD  1 
ATOM   710  O OE1 . GLU A 1 89  ? -20.805 4.969   -5.657  1.00 15.00 ? 89  GLU A OE1 1 
ATOM   711  O OE2 . GLU A 1 89  ? -20.106 3.885   -3.932  1.00 15.00 ? 89  GLU A OE2 1 
ATOM   712  N N   . GLY A 1 90  ? -14.582 5.482   -6.848  1.00 15.00 ? 90  GLY A N   1 
ATOM   713  C CA  . GLY A 1 90  ? -13.671 6.530   -7.315  1.00 15.00 ? 90  GLY A CA  1 
ATOM   714  C C   . GLY A 1 90  ? -14.177 7.918   -6.968  1.00 15.00 ? 90  GLY A C   1 
ATOM   715  O O   . GLY A 1 90  ? -13.769 8.903   -7.566  1.00 15.00 ? 90  GLY A O   1 
ATOM   716  N N   . VAL A 1 91  ? -15.037 8.019   -5.972  1.00 15.00 ? 91  VAL A N   1 
ATOM   717  C CA  . VAL A 1 91  ? -15.606 9.285   -5.629  1.00 15.00 ? 91  VAL A CA  1 
ATOM   718  C C   . VAL A 1 91  ? -15.856 9.117   -4.153  1.00 15.00 ? 91  VAL A C   1 
ATOM   719  O O   . VAL A 1 91  ? -16.261 8.018   -3.749  1.00 15.00 ? 91  VAL A O   1 
ATOM   720  C CB  . VAL A 1 91  ? -16.910 9.473   -6.512  1.00 15.00 ? 91  VAL A CB  1 
ATOM   721  C CG1 . VAL A 1 91  ? -18.089 8.604   -6.080  1.00 15.00 ? 91  VAL A CG1 1 
ATOM   722  C CG2 . VAL A 1 91  ? -17.333 10.902  -6.409  1.00 15.00 ? 91  VAL A CG2 1 
ATOM   723  N N   . GLN A 1 92  ? -15.610 10.107  -3.295  1.00 15.00 ? 92  GLN A N   1 
ATOM   724  C CA  . GLN A 1 92  ? -15.958 9.945   -1.899  1.00 15.00 ? 92  GLN A CA  1 
ATOM   725  C C   . GLN A 1 92  ? -17.459 10.254  -1.760  1.00 15.00 ? 92  GLN A C   1 
ATOM   726  O O   . GLN A 1 92  ? -17.953 11.212  -2.357  1.00 15.00 ? 92  GLN A O   1 
ATOM   727  C CB  . GLN A 1 92  ? -15.181 10.906  -1.021  1.00 15.00 ? 92  GLN A CB  1 
ATOM   728  C CG  . GLN A 1 92  ? -15.618 10.837  0.423   1.00 15.00 ? 92  GLN A CG  1 
ATOM   729  C CD  . GLN A 1 92  ? -14.908 11.848  1.286   1.00 15.00 ? 92  GLN A CD  1 
ATOM   730  O OE1 . GLN A 1 92  ? -14.717 12.981  0.868   1.00 15.00 ? 92  GLN A OE1 1 
ATOM   731  N NE2 . GLN A 1 92  ? -14.417 11.449  2.452   1.00 15.00 ? 92  GLN A NE2 1 
ATOM   732  N N   . ARG A 1 93  ? -18.203 9.472   -0.982  1.00 15.00 ? 93  ARG A N   1 
ATOM   733  C CA  . ARG A 1 93  ? -19.625 9.655   -0.734  1.00 15.00 ? 93  ARG A CA  1 
ATOM   734  C C   . ARG A 1 93  ? -19.776 9.418   0.779   1.00 15.00 ? 93  ARG A C   1 
ATOM   735  O O   . ARG A 1 93  ? -18.787 9.316   1.510   1.00 15.00 ? 93  ARG A O   1 
ATOM   736  C CB  . ARG A 1 93  ? -20.412 8.622   -1.532  1.00 15.00 ? 93  ARG A CB  1 
ATOM   737  C CG  . ARG A 1 93  ? -20.274 8.803   -3.023  1.00 15.00 ? 93  ARG A CG  1 
ATOM   738  C CD  . ARG A 1 93  ? -21.098 7.777   -3.761  1.00 15.00 ? 93  ARG A CD  1 
ATOM   739  N NE  . ARG A 1 93  ? -22.506 7.885   -3.405  1.00 15.00 ? 93  ARG A NE  1 
ATOM   740  C CZ  . ARG A 1 93  ? -23.456 6.997   -3.723  1.00 15.00 ? 93  ARG A CZ  1 
ATOM   741  N NH1 . ARG A 1 93  ? -23.209 5.878   -4.416  1.00 15.00 ? 93  ARG A NH1 1 
ATOM   742  N NH2 . ARG A 1 93  ? -24.719 7.279   -3.389  1.00 15.00 ? 93  ARG A NH2 1 
ATOM   743  N N   . TYR A 1 94  ? -20.990 9.335   1.306   1.00 15.00 ? 94  TYR A N   1 
ATOM   744  C CA  . TYR A 1 94  ? -21.279 8.991   2.688   1.00 15.00 ? 94  TYR A CA  1 
ATOM   745  C C   . TYR A 1 94  ? -20.677 7.661   3.155   1.00 15.00 ? 94  TYR A C   1 
ATOM   746  O O   . TYR A 1 94  ? -20.570 6.699   2.381   1.00 15.00 ? 94  TYR A O   1 
ATOM   747  C CB  . TYR A 1 94  ? -22.871 9.012   2.882   1.00 15.00 ? 94  TYR A CB  1 
ATOM   748  C CG  . TYR A 1 94  ? -23.930 8.347   1.924   1.00 15.00 ? 94  TYR A CG  1 
ATOM   749  C CD1 . TYR A 1 94  ? -24.046 8.641   0.562   1.00 15.00 ? 94  TYR A CD1 1 
ATOM   750  C CD2 . TYR A 1 94  ? -24.891 7.454   2.436   1.00 15.00 ? 94  TYR A CD2 1 
ATOM   751  C CE1 . TYR A 1 94  ? -25.064 8.083   -0.237  1.00 15.00 ? 94  TYR A CE1 1 
ATOM   752  C CE2 . TYR A 1 94  ? -25.907 6.891   1.643   1.00 15.00 ? 94  TYR A CE2 1 
ATOM   753  C CZ  . TYR A 1 94  ? -26.025 7.196   0.276   1.00 15.00 ? 94  TYR A CZ  1 
ATOM   754  O OH  . TYR A 1 94  ? -27.074 6.650   -0.539  1.00 15.00 ? 94  TYR A OH  1 
ATOM   755  N N   . CYS A 1 95  ? -20.273 7.554   4.416   1.00 15.00 ? 95  CYS A N   1 
ATOM   756  C CA  . CYS A 1 95  ? -19.800 6.297   4.958   1.00 15.00 ? 95  CYS A CA  1 
ATOM   757  C C   . CYS A 1 95  ? -21.002 5.343   5.079   1.00 15.00 ? 95  CYS A C   1 
ATOM   758  O O   . CYS A 1 95  ? -22.039 5.652   5.695   1.00 15.00 ? 95  CYS A O   1 
ATOM   759  C CB  . CYS A 1 95  ? -19.145 6.562   6.331   1.00 15.00 ? 95  CYS A CB  1 
ATOM   760  S SG  . CYS A 1 95  ? -18.615 5.110   7.271   1.00 15.00 ? 95  CYS A SG  1 
ATOM   761  N N   . ARG A 1 96  ? -20.888 4.148   4.524   1.00 15.00 ? 96  ARG A N   1 
ATOM   762  C CA  . ARG A 1 96  ? -22.008 3.246   4.479   1.00 15.00 ? 96  ARG A CA  1 
ATOM   763  C C   . ARG A 1 96  ? -21.761 1.943   5.169   1.00 15.00 ? 96  ARG A C   1 
ATOM   764  O O   . ARG A 1 96  ? -22.471 0.983   4.912   1.00 15.00 ? 96  ARG A O   1 
ATOM   765  C CB  . ARG A 1 96  ? -22.360 3.006   3.043   1.00 15.00 ? 96  ARG A CB  1 
ATOM   766  C CG  . ARG A 1 96  ? -22.955 4.251   2.477   1.00 15.00 ? 96  ARG A CG  1 
ATOM   767  C CD  . ARG A 1 96  ? -22.905 4.309   0.961   1.00 15.00 ? 96  ARG A CD  1 
ATOM   768  N NE  . ARG A 1 96  ? -21.620 4.754   0.453   1.00 15.00 ? 96  ARG A NE  1 
ATOM   769  C CZ  . ARG A 1 96  ? -21.262 4.569   -0.807  1.00 15.00 ? 96  ARG A CZ  1 
ATOM   770  N NH1 . ARG A 1 96  ? -22.066 3.961   -1.663  1.00 15.00 ? 96  ARG A NH1 1 
ATOM   771  N NH2 . ARG A 1 96  ? -20.073 4.987   -1.236  1.00 15.00 ? 96  ARG A NH2 1 
ATOM   772  N N   . SER A 1 97  ? -20.822 1.795   6.086   1.00 15.00 ? 97  SER A N   1 
ATOM   773  C CA  . SER A 1 97  ? -20.559 0.541   6.784   1.00 15.00 ? 97  SER A CA  1 
ATOM   774  C C   . SER A 1 97  ? -21.744 -0.072  7.473   1.00 15.00 ? 97  SER A C   1 
ATOM   775  O O   . SER A 1 97  ? -21.943 -1.273  7.413   1.00 15.00 ? 97  SER A O   1 
ATOM   776  C CB  . SER A 1 97  ? -19.524 0.750   7.832   1.00 15.00 ? 97  SER A CB  1 
ATOM   777  O OG  . SER A 1 97  ? -18.589 1.561   7.185   1.00 15.00 ? 97  SER A OG  1 
ATOM   778  N N   . ARG A 1 98  ? -22.483 0.798   8.148   1.00 15.00 ? 98  ARG A N   1 
ATOM   779  C CA  . ARG A 1 98  ? -23.692 0.448   8.867   1.00 15.00 ? 98  ARG A CA  1 
ATOM   780  C C   . ARG A 1 98  ? -24.727 -0.249  8.005   1.00 15.00 ? 98  ARG A C   1 
ATOM   781  O O   . ARG A 1 98  ? -25.365 -1.212  8.414   1.00 15.00 ? 98  ARG A O   1 
ATOM   782  C CB  . ARG A 1 98  ? -24.379 1.666   9.415   1.00 15.00 ? 98  ARG A CB  1 
ATOM   783  C CG  . ARG A 1 98  ? -23.997 2.198   10.761  1.00 15.00 ? 98  ARG A CG  1 
ATOM   784  C CD  . ARG A 1 98  ? -25.216 3.049   11.189  1.00 15.00 ? 98  ARG A CD  1 
ATOM   785  N NE  . ARG A 1 98  ? -25.056 4.512   11.198  1.00 15.00 ? 98  ARG A NE  1 
ATOM   786  C CZ  . ARG A 1 98  ? -24.888 5.316   10.113  1.00 15.00 ? 98  ARG A CZ  1 
ATOM   787  N NH1 . ARG A 1 98  ? -24.838 4.883   8.829   1.00 15.00 ? 98  ARG A NH1 1 
ATOM   788  N NH2 . ARG A 1 98  ? -24.764 6.631   10.346  1.00 15.00 ? 98  ARG A NH2 1 
ATOM   789  N N   . GLU A 1 99  ? -24.909 0.297   6.811   1.00 15.00 ? 99  GLU A N   1 
ATOM   790  C CA  . GLU A 1 99  ? -25.877 -0.190  5.855   1.00 15.00 ? 99  GLU A CA  1 
ATOM   791  C C   . GLU A 1 99  ? -25.410 -1.542  5.334   1.00 15.00 ? 99  GLU A C   1 
ATOM   792  O O   . GLU A 1 99  ? -26.220 -2.418  5.052   1.00 15.00 ? 99  GLU A O   1 
ATOM   793  C CB  . GLU A 1 99  ? -26.022 0.878   4.713   1.00 15.00 ? 99  GLU A CB  1 
ATOM   794  C CG  . GLU A 1 99  ? -25.688 0.504   3.217   1.00 15.00 ? 99  GLU A CG  1 
ATOM   795  C CD  . GLU A 1 99  ? -25.860 1.553   2.089   1.00 15.00 ? 99  GLU A CD  1 
ATOM   796  O OE1 . GLU A 1 99  ? -26.440 2.637   2.329   1.00 15.00 ? 99  GLU A OE1 1 
ATOM   797  O OE2 . GLU A 1 99  ? -25.410 1.263   0.962   1.00 15.00 ? 99  GLU A OE2 1 
ATOM   798  N N   . LYS A 1 100 ? -24.124 -1.807  5.235   1.00 15.00 ? 100 LYS A N   1 
ATOM   799  C CA  . LYS A 1 100 ? -23.652 -3.035  4.653   1.00 15.00 ? 100 LYS A CA  1 
ATOM   800  C C   . LYS A 1 100 ? -23.478 -4.151  5.657   1.00 15.00 ? 100 LYS A C   1 
ATOM   801  O O   . LYS A 1 100 ? -22.841 -5.182  5.382   1.00 15.00 ? 100 LYS A O   1 
ATOM   802  C CB  . LYS A 1 100 ? -22.344 -2.716  3.894   1.00 15.00 ? 100 LYS A CB  1 
ATOM   803  C CG  . LYS A 1 100 ? -22.758 -1.771  2.788   1.00 15.00 ? 100 LYS A CG  1 
ATOM   804  C CD  . LYS A 1 100 ? -21.662 -1.385  1.856   1.00 15.00 ? 100 LYS A CD  1 
ATOM   805  C CE  . LYS A 1 100 ? -22.100 -0.307  0.883   1.00 15.00 ? 100 LYS A CE  1 
ATOM   806  N NZ  . LYS A 1 100 ? -22.496 -0.924  -0.358  1.00 15.00 ? 100 LYS A NZ  1 
ATOM   807  N N   . GLY A 1 101 ? -24.053 -3.993  6.840   1.00 15.00 ? 101 GLY A N   1 
ATOM   808  C CA  . GLY A 1 101 ? -24.010 -5.032  7.850   1.00 15.00 ? 101 GLY A CA  1 
ATOM   809  C C   . GLY A 1 101 ? -22.615 -5.273  8.416   1.00 15.00 ? 101 GLY A C   1 
ATOM   810  O O   . GLY A 1 101 ? -21.742 -4.393  8.430   1.00 15.00 ? 101 GLY A O   1 
ATOM   811  N N   . PRO A 1 102 ? -22.325 -6.469  8.889   1.00 15.00 ? 102 PRO A N   1 
ATOM   812  C CA  . PRO A 1 102 ? -21.130 -6.767  9.644   1.00 15.00 ? 102 PRO A CA  1 
ATOM   813  C C   . PRO A 1 102 ? -19.887 -6.839  8.791   1.00 15.00 ? 102 PRO A C   1 
ATOM   814  O O   . PRO A 1 102 ? -19.891 -7.200  7.602   1.00 15.00 ? 102 PRO A O   1 
ATOM   815  C CB  . PRO A 1 102 ? -21.442 -8.064  10.342  1.00 15.00 ? 102 PRO A CB  1 
ATOM   816  C CG  . PRO A 1 102 ? -22.254 -8.771  9.274   1.00 15.00 ? 102 PRO A CG  1 
ATOM   817  C CD  . PRO A 1 102 ? -23.148 -7.656  8.726   1.00 15.00 ? 102 PRO A CD  1 
ATOM   818  N N   . TYR A 1 103 ? -18.828 -6.459  9.498   1.00 15.00 ? 103 TYR A N   1 
ATOM   819  C CA  . TYR A 1 103 ? -17.507 -6.362  8.936   1.00 15.00 ? 103 TYR A CA  1 
ATOM   820  C C   . TYR A 1 103 ? -17.073 -7.746  8.574   1.00 15.00 ? 103 TYR A C   1 
ATOM   821  O O   . TYR A 1 103 ? -17.346 -8.706  9.274   1.00 15.00 ? 103 TYR A O   1 
ATOM   822  C CB  . TYR A 1 103 ? -16.562 -5.725  9.974   1.00 15.00 ? 103 TYR A CB  1 
ATOM   823  C CG  . TYR A 1 103 ? -16.842 -4.242  10.198  1.00 15.00 ? 103 TYR A CG  1 
ATOM   824  C CD1 . TYR A 1 103 ? -16.665 -3.352  9.151   1.00 15.00 ? 103 TYR A CD1 1 
ATOM   825  C CD2 . TYR A 1 103 ? -17.259 -3.781  11.430  1.00 15.00 ? 103 TYR A CD2 1 
ATOM   826  C CE1 . TYR A 1 103 ? -16.883 -2.006  9.308   1.00 15.00 ? 103 TYR A CE1 1 
ATOM   827  C CE2 . TYR A 1 103 ? -17.490 -2.427  11.592  1.00 15.00 ? 103 TYR A CE2 1 
ATOM   828  C CZ  . TYR A 1 103 ? -17.297 -1.551  10.535  1.00 15.00 ? 103 TYR A CZ  1 
ATOM   829  O OH  . TYR A 1 103 ? -17.503 -0.182  10.701  1.00 15.00 ? 103 TYR A OH  1 
ATOM   830  N N   . ALA A 1 104 ? -16.414 -7.825  7.464   1.00 15.00 ? 104 ALA A N   1 
ATOM   831  C CA  . ALA A 1 104 ? -15.882 -9.076  6.992   1.00 15.00 ? 104 ALA A CA  1 
ATOM   832  C C   . ALA A 1 104 ? -14.623 -9.585  7.676   1.00 15.00 ? 104 ALA A C   1 
ATOM   833  O O   . ALA A 1 104 ? -14.297 -10.775 7.597   1.00 15.00 ? 104 ALA A O   1 
ATOM   834  C CB  . ALA A 1 104 ? -15.590 -8.932  5.517   1.00 15.00 ? 104 ALA A CB  1 
ATOM   835  N N   . ALA A 1 105 ? -13.837 -8.620  8.186   1.00 15.00 ? 105 ALA A N   1 
ATOM   836  C CA  . ALA A 1 105 ? -12.556 -8.828  8.839   1.00 15.00 ? 105 ALA A CA  1 
ATOM   837  C C   . ALA A 1 105 ? -12.271 -7.604  9.690   1.00 15.00 ? 105 ALA A C   1 
ATOM   838  O O   . ALA A 1 105 ? -12.862 -6.529  9.528   1.00 15.00 ? 105 ALA A O   1 
ATOM   839  C CB  . ALA A 1 105 ? -11.412 -8.948  7.847   1.00 15.00 ? 105 ALA A CB  1 
ATOM   840  N N   . LYS A 1 106 ? -11.364 -7.806  10.634  1.00 15.00 ? 106 LYS A N   1 
ATOM   841  C CA  . LYS A 1 106 ? -10.935 -6.782  11.547  1.00 15.00 ? 106 LYS A CA  1 
ATOM   842  C C   . LYS A 1 106 ? -9.513  -7.169  11.921  1.00 15.00 ? 106 LYS A C   1 
ATOM   843  O O   . LYS A 1 106 ? -9.119  -8.345  11.844  1.00 15.00 ? 106 LYS A O   1 
ATOM   844  C CB  . LYS A 1 106 ? -11.937 -6.761  12.718  1.00 15.00 ? 106 LYS A CB  1 
ATOM   845  C CG  . LYS A 1 106 ? -11.552 -6.782  14.196  1.00 15.00 ? 106 LYS A CG  1 
ATOM   846  C CD  . LYS A 1 106 ? -11.117 -8.208  14.583  1.00 15.00 ? 106 LYS A CD  1 
ATOM   847  C CE  . LYS A 1 106 ? -11.013 -8.462  16.080  1.00 15.00 ? 106 LYS A CE  1 
ATOM   848  N NZ  . LYS A 1 106 ? -11.428 -9.843  16.342  1.00 15.00 ? 106 LYS A NZ  1 
ATOM   849  N N   . THR A 1 107 ? -8.774  -6.112  12.245  1.00 15.00 ? 107 THR A N   1 
ATOM   850  C CA  . THR A 1 107 ? -7.373  -6.167  12.581  1.00 15.00 ? 107 THR A CA  1 
ATOM   851  C C   . THR A 1 107 ? -7.198  -5.832  14.056  1.00 15.00 ? 107 THR A C   1 
ATOM   852  O O   . THR A 1 107 ? -8.122  -5.342  14.709  1.00 15.00 ? 107 THR A O   1 
ATOM   853  C CB  . THR A 1 107 ? -6.701  -5.178  11.626  1.00 15.00 ? 107 THR A CB  1 
ATOM   854  O OG1 . THR A 1 107 ? -6.918  -5.672  10.311  1.00 15.00 ? 107 THR A OG1 1 
ATOM   855  C CG2 . THR A 1 107 ? -5.236  -5.168  11.694  1.00 15.00 ? 107 THR A CG2 1 
ATOM   856  N N   . ASP A 1 108 ? -6.011  -6.068  14.618  1.00 15.00 ? 108 ASP A N   1 
ATOM   857  C CA  . ASP A 1 108 ? -5.737  -5.712  16.006  1.00 15.00 ? 108 ASP A CA  1 
ATOM   858  C C   . ASP A 1 108 ? -4.913  -4.465  16.232  1.00 15.00 ? 108 ASP A C   1 
ATOM   859  O O   . ASP A 1 108 ? -4.911  -3.966  17.360  1.00 15.00 ? 108 ASP A O   1 
ATOM   860  C CB  . ASP A 1 108 ? -5.042  -6.868  16.737  1.00 15.00 ? 108 ASP A CB  1 
ATOM   861  C CG  . ASP A 1 108 ? -6.045  -7.985  16.868  1.00 15.00 ? 108 ASP A CG  1 
ATOM   862  O OD1 . ASP A 1 108 ? -7.137  -7.745  17.404  1.00 15.00 ? 108 ASP A OD1 1 
ATOM   863  O OD2 . ASP A 1 108 ? -5.758  -9.070  16.389  1.00 15.00 ? 108 ASP A OD2 1 
ATOM   864  N N   . GLY A 1 109 ? -4.222  -3.897  15.243  1.00 15.00 ? 109 GLY A N   1 
ATOM   865  C CA  . GLY A 1 109 ? -3.408  -2.734  15.494  1.00 15.00 ? 109 GLY A CA  1 
ATOM   866  C C   . GLY A 1 109 ? -2.636  -2.319  14.266  1.00 15.00 ? 109 GLY A C   1 
ATOM   867  O O   . GLY A 1 109 ? -2.718  -2.959  13.218  1.00 15.00 ? 109 GLY A O   1 
ATOM   868  N N   . VAL A 1 110 ? -1.875  -1.252  14.436  1.00 15.00 ? 110 VAL A N   1 
ATOM   869  C CA  . VAL A 1 110 ? -1.112  -0.664  13.373  1.00 15.00 ? 110 VAL A CA  1 
ATOM   870  C C   . VAL A 1 110 ? 0.267   -0.462  13.996  1.00 15.00 ? 110 VAL A C   1 
ATOM   871  O O   . VAL A 1 110 ? 0.332   0.050   15.126  1.00 15.00 ? 110 VAL A O   1 
ATOM   872  C CB  . VAL A 1 110 ? -1.573  0.720   12.984  1.00 15.00 ? 110 VAL A CB  1 
ATOM   873  C CG1 . VAL A 1 110 ? -1.030  0.984   11.606  1.00 15.00 ? 110 VAL A CG1 1 
ATOM   874  C CG2 . VAL A 1 110 ? -3.054  0.864   13.076  1.00 15.00 ? 110 VAL A CG2 1 
ATOM   875  N N   . ARG A 1 111 ? 1.344   -0.824  13.296  1.00 15.00 ? 111 ARG A N   1 
ATOM   876  C CA  . ARG A 1 111 ? 2.704   -0.519  13.712  1.00 15.00 ? 111 ARG A CA  1 
ATOM   877  C C   . ARG A 1 111 ? 3.420   0.280   12.648  1.00 15.00 ? 111 ARG A C   1 
ATOM   878  O O   . ARG A 1 111 ? 3.112   0.158   11.463  1.00 15.00 ? 111 ARG A O   1 
ATOM   879  C CB  . ARG A 1 111 ? 3.560   -1.718  13.900  1.00 15.00 ? 111 ARG A CB  1 
ATOM   880  C CG  . ARG A 1 111 ? 2.991   -2.653  14.912  1.00 15.00 ? 111 ARG A CG  1 
ATOM   881  C CD  . ARG A 1 111 ? 3.979   -2.901  16.040  1.00 15.00 ? 111 ARG A CD  1 
ATOM   882  N NE  . ARG A 1 111 ? 3.263   -2.858  17.307  1.00 15.00 ? 111 ARG A NE  1 
ATOM   883  C CZ  . ARG A 1 111 ? 2.809   -3.950  17.927  1.00 15.00 ? 111 ARG A CZ  1 
ATOM   884  N NH1 . ARG A 1 111 ? 3.011   -5.192  17.435  1.00 15.00 ? 111 ARG A NH1 1 
ATOM   885  N NH2 . ARG A 1 111 ? 2.158   -3.757  19.078  1.00 15.00 ? 111 ARG A NH2 1 
ATOM   886  N N   . GLN A 1 112 ? 4.392   1.085   13.050  1.00 15.00 ? 112 GLN A N   1 
ATOM   887  C CA  . GLN A 1 112 ? 5.210   1.799   12.113  1.00 15.00 ? 112 GLN A CA  1 
ATOM   888  C C   . GLN A 1 112 ? 6.589   1.134   12.085  1.00 15.00 ? 112 GLN A C   1 
ATOM   889  O O   . GLN A 1 112 ? 7.100   0.638   13.096  1.00 15.00 ? 112 GLN A O   1 
ATOM   890  C CB  . GLN A 1 112 ? 5.358   3.246   12.521  1.00 15.00 ? 112 GLN A CB  1 
ATOM   891  C CG  . GLN A 1 112 ? 6.066   3.992   11.382  1.00 15.00 ? 112 GLN A CG  1 
ATOM   892  C CD  . GLN A 1 112 ? 6.272   5.456   11.637  1.00 15.00 ? 112 GLN A CD  1 
ATOM   893  O OE1 . GLN A 1 112 ? 5.977   5.975   12.713  1.00 15.00 ? 112 GLN A OE1 1 
ATOM   894  N NE2 . GLN A 1 112 ? 6.751   6.192   10.643  1.00 15.00 ? 112 GLN A NE2 1 
ATOM   895  N N   . VAL A 1 113 ? 7.168   1.049   10.887  1.00 15.00 ? 113 VAL A N   1 
ATOM   896  C CA  . VAL A 1 113 ? 8.531   0.580   10.674  1.00 15.00 ? 113 VAL A CA  1 
ATOM   897  C C   . VAL A 1 113 ? 9.443   1.763   11.024  1.00 15.00 ? 113 VAL A C   1 
ATOM   898  O O   . VAL A 1 113 ? 9.098   2.935   10.746  1.00 15.00 ? 113 VAL A O   1 
ATOM   899  C CB  . VAL A 1 113 ? 8.707   0.176   9.203   1.00 15.00 ? 113 VAL A CB  1 
ATOM   900  C CG1 . VAL A 1 113 ? 10.098  -0.312  8.972   1.00 15.00 ? 113 VAL A CG1 1 
ATOM   901  C CG2 . VAL A 1 113 ? 7.756   -0.958  8.865   1.00 15.00 ? 113 VAL A CG2 1 
ATOM   902  N N   . GLN A 1 114 ? 10.605  1.462   11.632  1.00 15.00 ? 114 GLN A N   1 
ATOM   903  C CA  . GLN A 1 114 ? 11.549  2.491   11.949  1.00 15.00 ? 114 GLN A CA  1 
ATOM   904  C C   . GLN A 1 114 ? 12.000  3.079   10.627  1.00 15.00 ? 114 GLN A C   1 
ATOM   905  O O   . GLN A 1 114 ? 12.411  2.331   9.731   1.00 15.00 ? 114 GLN A O   1 
ATOM   906  C CB  . GLN A 1 114 ? 12.761  1.947   12.673  1.00 15.00 ? 114 GLN A CB  1 
ATOM   907  C CG  . GLN A 1 114 ? 13.540  3.105   13.334  1.00 15.00 ? 114 GLN A CG  1 
ATOM   908  C CD  . GLN A 1 114 ? 15.048  2.984   13.225  1.00 15.00 ? 114 GLN A CD  1 
ATOM   909  O OE1 . GLN A 1 114 ? 15.656  1.928   13.443  1.00 15.00 ? 114 GLN A OE1 1 
ATOM   910  N NE2 . GLN A 1 114 ? 15.713  4.072   12.867  1.00 15.00 ? 114 GLN A NE2 1 
ATOM   911  N N   . PRO A 1 115 ? 11.823  4.403   10.466  1.00 15.00 ? 115 PRO A N   1 
ATOM   912  C CA  . PRO A 1 115 ? 12.059  5.082   9.206   1.00 15.00 ? 115 PRO A CA  1 
ATOM   913  C C   . PRO A 1 115 ? 13.528  5.212   8.880   1.00 15.00 ? 115 PRO A C   1 
ATOM   914  O O   . PRO A 1 115 ? 14.396  5.027   9.735   1.00 15.00 ? 115 PRO A O   1 
ATOM   915  C CB  . PRO A 1 115 ? 11.364  6.407   9.350   1.00 15.00 ? 115 PRO A CB  1 
ATOM   916  C CG  . PRO A 1 115 ? 11.309  6.668   10.823  1.00 15.00 ? 115 PRO A CG  1 
ATOM   917  C CD  . PRO A 1 115 ? 11.204  5.298   11.443  1.00 15.00 ? 115 PRO A CD  1 
ATOM   918  N N   . TYR A 1 116 ? 13.786  5.500   7.621   1.00 15.00 ? 116 TYR A N   1 
ATOM   919  C CA  . TYR A 1 116 ? 15.122  5.747   7.103   1.00 15.00 ? 116 TYR A CA  1 
ATOM   920  C C   . TYR A 1 116 ? 16.046  4.620   7.475   1.00 15.00 ? 116 TYR A C   1 
ATOM   921  O O   . TYR A 1 116 ? 17.236  4.846   7.717   1.00 15.00 ? 116 TYR A O   1 
ATOM   922  C CB  . TYR A 1 116 ? 15.681  7.083   7.650   1.00 15.00 ? 116 TYR A CB  1 
ATOM   923  C CG  . TYR A 1 116 ? 14.751  8.252   7.416   1.00 15.00 ? 116 TYR A CG  1 
ATOM   924  C CD1 . TYR A 1 116 ? 14.322  8.603   6.149   1.00 15.00 ? 116 TYR A CD1 1 
ATOM   925  C CD2 . TYR A 1 116 ? 14.327  8.935   8.526   1.00 15.00 ? 116 TYR A CD2 1 
ATOM   926  C CE1 . TYR A 1 116 ? 13.449  9.664   6.001   1.00 15.00 ? 116 TYR A CE1 1 
ATOM   927  C CE2 . TYR A 1 116 ? 13.455  9.995   8.386   1.00 15.00 ? 116 TYR A CE2 1 
ATOM   928  C CZ  . TYR A 1 116 ? 13.025  10.349  7.128   1.00 15.00 ? 116 TYR A CZ  1 
ATOM   929  O OH  . TYR A 1 116 ? 12.137  11.407  7.030   1.00 15.00 ? 116 TYR A OH  1 
ATOM   930  N N   . ASN A 1 117 ? 15.497  3.411   7.506   1.00 15.00 ? 117 ASN A N   1 
ATOM   931  C CA  . ASN A 1 117 ? 16.285  2.278   7.870   1.00 15.00 ? 117 ASN A CA  1 
ATOM   932  C C   . ASN A 1 117 ? 15.893  1.164   6.905   1.00 15.00 ? 117 ASN A C   1 
ATOM   933  O O   . ASN A 1 117 ? 14.820  0.557   7.042   1.00 15.00 ? 117 ASN A O   1 
ATOM   934  C CB  . ASN A 1 117 ? 15.964  1.948   9.314   1.00 15.00 ? 117 ASN A CB  1 
ATOM   935  C CG  . ASN A 1 117 ? 16.751  0.763   9.861   1.00 15.00 ? 117 ASN A CG  1 
ATOM   936  O OD1 . ASN A 1 117 ? 17.254  -0.110  9.153   1.00 15.00 ? 117 ASN A OD1 1 
ATOM   937  N ND2 . ASN A 1 117 ? 16.849  0.576   11.166  1.00 15.00 ? 117 ASN A ND2 1 
ATOM   938  N N   . GLN A 1 118 ? 16.741  0.869   5.900   1.00 15.00 ? 118 GLN A N   1 
ATOM   939  C CA  . GLN A 1 118 ? 16.415  -0.153  4.914   1.00 15.00 ? 118 GLN A CA  1 
ATOM   940  C C   . GLN A 1 118 ? 16.204  -1.549  5.532   1.00 15.00 ? 118 GLN A C   1 
ATOM   941  O O   . GLN A 1 118 ? 15.198  -2.219  5.265   1.00 15.00 ? 118 GLN A O   1 
ATOM   942  C CB  . GLN A 1 118 ? 17.523  -0.218  3.863   1.00 15.00 ? 118 GLN A CB  1 
ATOM   943  C CG  . GLN A 1 118 ? 17.242  -1.222  2.764   1.00 15.00 ? 118 GLN A CG  1 
ATOM   944  C CD  . GLN A 1 118 ? 18.250  -1.108  1.665   1.00 15.00 ? 118 GLN A CD  1 
ATOM   945  O OE1 . GLN A 1 118 ? 18.362  -0.073  1.039   1.00 15.00 ? 118 GLN A OE1 1 
ATOM   946  N NE2 . GLN A 1 118 ? 19.017  -2.117  1.346   1.00 15.00 ? 118 GLN A NE2 1 
ATOM   947  N N   . GLY A 1 119 ? 17.086  -2.020  6.415   1.00 15.00 ? 119 GLY A N   1 
ATOM   948  C CA  . GLY A 1 119 ? 16.988  -3.341  7.000   1.00 15.00 ? 119 GLY A CA  1 
ATOM   949  C C   . GLY A 1 119 ? 15.722  -3.440  7.816   1.00 15.00 ? 119 GLY A C   1 
ATOM   950  O O   . GLY A 1 119 ? 15.150  -4.512  7.888   1.00 15.00 ? 119 GLY A O   1 
ATOM   951  N N   . ALA A 1 120 ? 15.207  -2.387  8.426   1.00 15.00 ? 120 ALA A N   1 
ATOM   952  C CA  . ALA A 1 120 ? 13.985  -2.499  9.215   1.00 15.00 ? 120 ALA A CA  1 
ATOM   953  C C   . ALA A 1 120 ? 12.782  -2.799  8.319   1.00 15.00 ? 120 ALA A C   1 
ATOM   954  O O   . ALA A 1 120 ? 11.940  -3.620  8.654   1.00 15.00 ? 120 ALA A O   1 
ATOM   955  C CB  . ALA A 1 120 ? 13.717  -1.186  9.977   1.00 15.00 ? 120 ALA A CB  1 
ATOM   956  N N   . LEU A 1 121 ? 12.693  -2.126  7.182   1.00 15.00 ? 121 LEU A N   1 
ATOM   957  C CA  . LEU A 1 121 ? 11.658  -2.309  6.188   1.00 15.00 ? 121 LEU A CA  1 
ATOM   958  C C   . LEU A 1 121 ? 11.723  -3.697  5.593   1.00 15.00 ? 121 LEU A C   1 
ATOM   959  O O   . LEU A 1 121 ? 10.705  -4.392  5.484   1.00 15.00 ? 121 LEU A O   1 
ATOM   960  C CB  . LEU A 1 121 ? 11.841  -1.289  5.101   1.00 15.00 ? 121 LEU A CB  1 
ATOM   961  C CG  . LEU A 1 121 ? 10.852  -1.345  3.971   1.00 15.00 ? 121 LEU A CG  1 
ATOM   962  C CD1 . LEU A 1 121 ? 9.422   -1.229  4.473   1.00 15.00 ? 121 LEU A CD1 1 
ATOM   963  C CD2 . LEU A 1 121 ? 11.150  -0.221  3.051   1.00 15.00 ? 121 LEU A CD2 1 
ATOM   964  N N   . LEU A 1 122 ? 12.922  -4.130  5.197   1.00 15.00 ? 122 LEU A N   1 
ATOM   965  C CA  . LEU A 1 122 ? 13.106  -5.458  4.639   1.00 15.00 ? 122 LEU A CA  1 
ATOM   966  C C   . LEU A 1 122 ? 12.740  -6.485  5.683   1.00 15.00 ? 122 LEU A C   1 
ATOM   967  O O   . LEU A 1 122 ? 12.138  -7.467  5.267   1.00 15.00 ? 122 LEU A O   1 
ATOM   968  C CB  . LEU A 1 122 ? 14.541  -5.741  4.220   1.00 15.00 ? 122 LEU A CB  1 
ATOM   969  C CG  . LEU A 1 122 ? 15.270  -4.959  3.156   1.00 15.00 ? 122 LEU A CG  1 
ATOM   970  C CD1 . LEU A 1 122 ? 16.619  -5.645  2.920   1.00 15.00 ? 122 LEU A CD1 1 
ATOM   971  C CD2 . LEU A 1 122 ? 14.449  -4.887  1.879   1.00 15.00 ? 122 LEU A CD2 1 
ATOM   972  N N   . TYR A 1 123 ? 13.039  -6.383  6.998   1.00 15.00 ? 123 TYR A N   1 
ATOM   973  C CA  . TYR A 1 123 ? 12.525  -7.356  7.956   1.00 15.00 ? 123 TYR A CA  1 
ATOM   974  C C   . TYR A 1 123 ? 10.961  -7.332  8.028   1.00 15.00 ? 123 TYR A C   1 
ATOM   975  O O   . TYR A 1 123 ? 10.347  -8.395  8.118   1.00 15.00 ? 123 TYR A O   1 
ATOM   976  C CB  . TYR A 1 123 ? 13.168  -7.051  9.340   1.00 15.00 ? 123 TYR A CB  1 
ATOM   977  C CG  . TYR A 1 123 ? 12.792  -8.066  10.436  1.00 15.00 ? 123 TYR A CG  1 
ATOM   978  C CD1 . TYR A 1 123 ? 13.469  -9.263  10.560  1.00 15.00 ? 123 TYR A CD1 1 
ATOM   979  C CD2 . TYR A 1 123 ? 11.714  -7.807  11.285  1.00 15.00 ? 123 TYR A CD2 1 
ATOM   980  C CE1 . TYR A 1 123 ? 13.066  -10.185 11.508  1.00 15.00 ? 123 TYR A CE1 1 
ATOM   981  C CE2 . TYR A 1 123 ? 11.308  -8.736  12.231  1.00 15.00 ? 123 TYR A CE2 1 
ATOM   982  C CZ  . TYR A 1 123 ? 11.988  -9.921  12.331  1.00 15.00 ? 123 TYR A CZ  1 
ATOM   983  O OH  . TYR A 1 123 ? 11.554  -10.873 13.246  1.00 15.00 ? 123 TYR A OH  1 
ATOM   984  N N   . SER A 1 124 ? 10.250  -6.200  7.989   1.00 15.00 ? 124 SER A N   1 
ATOM   985  C CA  . SER A 1 124 ? 8.803   -6.156  7.968   1.00 15.00 ? 124 SER A CA  1 
ATOM   986  C C   . SER A 1 124 ? 8.224   -6.804  6.719   1.00 15.00 ? 124 SER A C   1 
ATOM   987  O O   . SER A 1 124 ? 7.286   -7.604  6.831   1.00 15.00 ? 124 SER A O   1 
ATOM   988  C CB  . SER A 1 124 ? 8.403   -4.745  8.038   1.00 15.00 ? 124 SER A CB  1 
ATOM   989  O OG  . SER A 1 124 ? 8.794   -4.384  9.331   1.00 15.00 ? 124 SER A OG  1 
ATOM   990  N N   . ILE A 1 125 ? 8.790   -6.522  5.526   1.00 15.00 ? 125 ILE A N   1 
ATOM   991  C CA  . ILE A 1 125 ? 8.318   -7.126  4.273   1.00 15.00 ? 125 ILE A CA  1 
ATOM   992  C C   . ILE A 1 125 ? 8.516   -8.642  4.361   1.00 15.00 ? 125 ILE A C   1 
ATOM   993  O O   . ILE A 1 125 ? 7.654   -9.362  3.869   1.00 15.00 ? 125 ILE A O   1 
ATOM   994  C CB  . ILE A 1 125 ? 9.094   -6.575  3.021   1.00 15.00 ? 125 ILE A CB  1 
ATOM   995  C CG1 . ILE A 1 125 ? 8.893   -5.083  2.894   1.00 15.00 ? 125 ILE A CG1 1 
ATOM   996  C CG2 . ILE A 1 125 ? 8.571   -7.244  1.743   1.00 15.00 ? 125 ILE A CG2 1 
ATOM   997  C CD1 . ILE A 1 125 ? 9.881   -4.345  1.953   1.00 15.00 ? 125 ILE A CD1 1 
ATOM   998  N N   . ALA A 1 126 ? 9.588   -9.192  4.962   1.00 15.00 ? 126 ALA A N   1 
ATOM   999  C CA  . ALA A 1 126 ? 9.744   -10.624 5.052   1.00 15.00 ? 126 ALA A CA  1 
ATOM   1000 C C   . ALA A 1 126 ? 8.587   -11.186 5.883   1.00 15.00 ? 126 ALA A C   1 
ATOM   1001 O O   . ALA A 1 126 ? 8.280   -12.367 5.740   1.00 15.00 ? 126 ALA A O   1 
ATOM   1002 C CB  . ALA A 1 126 ? 11.067  -11.015 5.726   1.00 15.00 ? 126 ALA A CB  1 
ATOM   1003 N N   . ASN A 1 127 ? 7.898   -10.438 6.755   1.00 15.00 ? 127 ASN A N   1 
ATOM   1004 C CA  . ASN A 1 127 ? 6.774   -10.947 7.544   1.00 15.00 ? 127 ASN A CA  1 
ATOM   1005 C C   . ASN A 1 127 ? 5.380   -10.744 6.962   1.00 15.00 ? 127 ASN A C   1 
ATOM   1006 O O   . ASN A 1 127 ? 4.507   -11.570 7.273   1.00 15.00 ? 127 ASN A O   1 
ATOM   1007 C CB  . ASN A 1 127 ? 6.739   -10.332 8.940   1.00 15.00 ? 127 ASN A CB  1 
ATOM   1008 C CG  . ASN A 1 127 ? 7.770   -10.919 9.887   1.00 15.00 ? 127 ASN A CG  1 
ATOM   1009 O OD1 . ASN A 1 127 ? 8.491   -10.182 10.541  1.00 15.00 ? 127 ASN A OD1 1 
ATOM   1010 N ND2 . ASN A 1 127 ? 7.924   -12.218 10.053  1.00 15.00 ? 127 ASN A ND2 1 
ATOM   1011 N N   . GLN A 1 128 ? 5.140   -9.707  6.132   1.00 15.00 ? 128 GLN A N   1 
ATOM   1012 C CA  . GLN A 1 128 ? 3.840   -9.369  5.532   1.00 15.00 ? 128 GLN A CA  1 
ATOM   1013 C C   . GLN A 1 128 ? 3.995   -8.161  4.608   1.00 15.00 ? 128 GLN A C   1 
ATOM   1014 O O   . GLN A 1 128 ? 4.980   -7.413  4.794   1.00 15.00 ? 128 GLN A O   1 
ATOM   1015 C CB  . GLN A 1 128 ? 2.843   -9.011  6.623   1.00 15.00 ? 128 GLN A CB  1 
ATOM   1016 C CG  . GLN A 1 128 ? 3.201   -7.704  7.325   1.00 15.00 ? 128 GLN A CG  1 
ATOM   1017 C CD  . GLN A 1 128 ? 2.655   -7.617  8.723   1.00 15.00 ? 128 GLN A CD  1 
ATOM   1018 O OE1 . GLN A 1 128 ? 3.329   -7.955  9.697   1.00 15.00 ? 128 GLN A OE1 1 
ATOM   1019 N NE2 . GLN A 1 128 ? 1.409   -7.185  8.845   1.00 15.00 ? 128 GLN A NE2 1 
ATOM   1020 N N   . PRO A 1 129 ? 3.084   -7.880  3.647   1.00 15.00 ? 129 PRO A N   1 
ATOM   1021 C CA  . PRO A 1 129 ? 3.071   -6.643  2.875   1.00 15.00 ? 129 PRO A CA  1 
ATOM   1022 C C   . PRO A 1 129 ? 3.038   -5.381  3.759   1.00 15.00 ? 129 PRO A C   1 
ATOM   1023 O O   . PRO A 1 129 ? 2.362   -5.334  4.808   1.00 15.00 ? 129 PRO A O   1 
ATOM   1024 C CB  . PRO A 1 129 ? 1.866   -6.812  1.998   1.00 15.00 ? 129 PRO A CB  1 
ATOM   1025 C CG  . PRO A 1 129 ? 1.785   -8.297  1.776   1.00 15.00 ? 129 PRO A CG  1 
ATOM   1026 C CD  . PRO A 1 129 ? 2.049   -8.798  3.176   1.00 15.00 ? 129 PRO A CD  1 
ATOM   1027 N N   . VAL A 1 130 ? 3.722   -4.301  3.374   1.00 15.00 ? 130 VAL A N   1 
ATOM   1028 C CA  . VAL A 1 130 ? 3.828   -3.102  4.216   1.00 15.00 ? 130 VAL A CA  1 
ATOM   1029 C C   . VAL A 1 130 ? 3.328   -1.918  3.389   1.00 15.00 ? 130 VAL A C   1 
ATOM   1030 O O   . VAL A 1 130 ? 3.515   -1.955  2.167   1.00 15.00 ? 130 VAL A O   1 
ATOM   1031 C CB  . VAL A 1 130 ? 5.360   -2.921  4.642   1.00 15.00 ? 130 VAL A CB  1 
ATOM   1032 C CG1 . VAL A 1 130 ? 5.598   -1.679  5.510   1.00 15.00 ? 130 VAL A CG1 1 
ATOM   1033 C CG2 . VAL A 1 130 ? 5.782   -4.073  5.505   1.00 15.00 ? 130 VAL A CG2 1 
ATOM   1034 N N   . SER A 1 131 ? 2.720   -0.880  3.961   1.00 15.00 ? 131 SER A N   1 
ATOM   1035 C CA  . SER A 1 131 ? 2.340   0.338   3.251   1.00 15.00 ? 131 SER A CA  1 
ATOM   1036 C C   . SER A 1 131 ? 3.549   1.237   3.170   1.00 15.00 ? 131 SER A C   1 
ATOM   1037 O O   . SER A 1 131 ? 4.164   1.415   4.200   1.00 15.00 ? 131 SER A O   1 
ATOM   1038 C CB  . SER A 1 131 ? 1.273   1.073   4.007   1.00 15.00 ? 131 SER A CB  1 
ATOM   1039 O OG  . SER A 1 131 ? 1.114   2.364   3.449   1.00 15.00 ? 131 SER A OG  1 
ATOM   1040 N N   . VAL A 1 132 ? 3.872   1.910   2.097   1.00 15.00 ? 132 VAL A N   1 
ATOM   1041 C CA  . VAL A 1 132 ? 5.140   2.598   1.992   1.00 15.00 ? 132 VAL A CA  1 
ATOM   1042 C C   . VAL A 1 132 ? 4.812   3.859   1.206   1.00 15.00 ? 132 VAL A C   1 
ATOM   1043 O O   . VAL A 1 132 ? 3.834   3.837   0.451   1.00 15.00 ? 132 VAL A O   1 
ATOM   1044 C CB  . VAL A 1 132 ? 5.944   1.471   1.333   1.00 15.00 ? 132 VAL A CB  1 
ATOM   1045 C CG1 . VAL A 1 132 ? 6.307   1.854   -0.043  1.00 15.00 ? 132 VAL A CG1 1 
ATOM   1046 C CG2 . VAL A 1 132 ? 7.085   1.081   2.189   1.00 15.00 ? 132 VAL A CG2 1 
ATOM   1047 N N   . VAL A 1 133 ? 5.501   4.993   1.350   1.00 15.00 ? 133 VAL A N   1 
ATOM   1048 C CA  . VAL A 1 133 ? 5.261   6.157   0.512   1.00 15.00 ? 133 VAL A CA  1 
ATOM   1049 C C   . VAL A 1 133 ? 6.469   6.406   -0.383  1.00 15.00 ? 133 VAL A C   1 
ATOM   1050 O O   . VAL A 1 133 ? 7.564   5.927   -0.053  1.00 15.00 ? 133 VAL A O   1 
ATOM   1051 C CB  . VAL A 1 133 ? 5.007   7.434   1.350   1.00 15.00 ? 133 VAL A CB  1 
ATOM   1052 C CG1 . VAL A 1 133 ? 3.721   7.264   2.098   1.00 15.00 ? 133 VAL A CG1 1 
ATOM   1053 C CG2 . VAL A 1 133 ? 6.104   7.672   2.403   1.00 15.00 ? 133 VAL A CG2 1 
ATOM   1054 N N   . LEU A 1 134 ? 6.319   7.158   -1.478  1.00 15.00 ? 134 LEU A N   1 
ATOM   1055 C CA  . LEU A 1 134 ? 7.405   7.514   -2.366  1.00 15.00 ? 134 LEU A CA  1 
ATOM   1056 C C   . LEU A 1 134 ? 7.013   8.734   -3.180  1.00 15.00 ? 134 LEU A C   1 
ATOM   1057 O O   . LEU A 1 134 ? 5.850   9.168   -3.123  1.00 15.00 ? 134 LEU A O   1 
ATOM   1058 C CB  . LEU A 1 134 ? 7.776   6.328   -3.310  1.00 15.00 ? 134 LEU A CB  1 
ATOM   1059 C CG  . LEU A 1 134 ? 6.779   5.401   -4.050  1.00 15.00 ? 134 LEU A CG  1 
ATOM   1060 C CD1 . LEU A 1 134 ? 6.081   6.086   -5.189  1.00 15.00 ? 134 LEU A CD1 1 
ATOM   1061 C CD2 . LEU A 1 134 ? 7.561   4.288   -4.714  1.00 15.00 ? 134 LEU A CD2 1 
ATOM   1062 N N   . GLN A 1 135 ? 7.980   9.379   -3.863  1.00 15.00 ? 135 GLN A N   1 
ATOM   1063 C CA  . GLN A 1 135 ? 7.780   10.520  -4.735  1.00 15.00 ? 135 GLN A CA  1 
ATOM   1064 C C   . GLN A 1 135 ? 7.448   9.934   -6.097  1.00 15.00 ? 135 GLN A C   1 
ATOM   1065 O O   . GLN A 1 135 ? 8.286   9.350   -6.792  1.00 15.00 ? 135 GLN A O   1 
ATOM   1066 C CB  . GLN A 1 135 ? 9.043   11.319  -4.836  1.00 15.00 ? 135 GLN A CB  1 
ATOM   1067 C CG  . GLN A 1 135 ? 8.777   12.518  -5.705  1.00 15.00 ? 135 GLN A CG  1 
ATOM   1068 C CD  . GLN A 1 135 ? 10.048  13.193  -6.150  1.00 15.00 ? 135 GLN A CD  1 
ATOM   1069 O OE1 . GLN A 1 135 ? 10.627  12.856  -7.177  1.00 15.00 ? 135 GLN A OE1 1 
ATOM   1070 N NE2 . GLN A 1 135 ? 10.527  14.187  -5.442  1.00 15.00 ? 135 GLN A NE2 1 
ATOM   1071 N N   . ALA A 1 136 ? 6.248   10.180  -6.583  1.00 15.00 ? 136 ALA A N   1 
ATOM   1072 C CA  . ALA A 1 136 ? 5.798   9.565   -7.807  1.00 15.00 ? 136 ALA A CA  1 
ATOM   1073 C C   . ALA A 1 136 ? 5.523   10.615  -8.858  1.00 15.00 ? 136 ALA A C   1 
ATOM   1074 O O   . ALA A 1 136 ? 5.127   10.293  -9.970  1.00 15.00 ? 136 ALA A O   1 
ATOM   1075 C CB  . ALA A 1 136 ? 4.510   8.773   -7.571  1.00 15.00 ? 136 ALA A CB  1 
ATOM   1076 N N   . ALA A 1 137 ? 5.778   11.891  -8.525  1.00 15.00 ? 137 ALA A N   1 
ATOM   1077 C CA  . ALA A 1 137 ? 5.498   12.999  -9.429  1.00 15.00 ? 137 ALA A CA  1 
ATOM   1078 C C   . ALA A 1 137 ? 6.401   13.198  -10.633 1.00 15.00 ? 137 ALA A C   1 
ATOM   1079 O O   . ALA A 1 137 ? 5.921   13.755  -11.622 1.00 15.00 ? 137 ALA A O   1 
ATOM   1080 C CB  . ALA A 1 137 ? 5.539   14.309  -8.692  1.00 15.00 ? 137 ALA A CB  1 
ATOM   1081 N N   . GLY A 1 138 ? 7.665   12.762  -10.631 1.00 15.00 ? 138 GLY A N   1 
ATOM   1082 C CA  . GLY A 1 138 ? 8.527   12.986  -11.778 1.00 15.00 ? 138 GLY A CA  1 
ATOM   1083 C C   . GLY A 1 138 ? 8.110   12.173  -12.987 1.00 15.00 ? 138 GLY A C   1 
ATOM   1084 O O   . GLY A 1 138 ? 7.732   11.019  -12.792 1.00 15.00 ? 138 GLY A O   1 
ATOM   1085 N N   . LYS A 1 139 ? 8.190   12.638  -14.236 1.00 15.00 ? 139 LYS A N   1 
ATOM   1086 C CA  . LYS A 1 139 ? 7.735   11.814  -15.338 1.00 15.00 ? 139 LYS A CA  1 
ATOM   1087 C C   . LYS A 1 139 ? 8.560   10.557  -15.486 1.00 15.00 ? 139 LYS A C   1 
ATOM   1088 O O   . LYS A 1 139 ? 8.132   9.629   -16.137 1.00 15.00 ? 139 LYS A O   1 
ATOM   1089 C CB  . LYS A 1 139 ? 7.773   12.561  -16.643 1.00 15.00 ? 139 LYS A CB  1 
ATOM   1090 C CG  . LYS A 1 139 ? 9.149   13.043  -16.956 1.00 15.00 ? 139 LYS A CG  1 
ATOM   1091 C CD  . LYS A 1 139 ? 9.343   13.213  -18.452 1.00 15.00 ? 139 LYS A CD  1 
ATOM   1092 C CE  . LYS A 1 139 ? 10.795  13.666  -18.730 1.00 15.00 ? 139 LYS A CE  1 
ATOM   1093 N NZ  . LYS A 1 139 ? 10.901  15.118  -18.638 1.00 15.00 ? 139 LYS A NZ  1 
ATOM   1094 N N   . ASP A 1 140 ? 9.735   10.395  -14.899 1.00 15.00 ? 140 ASP A N   1 
ATOM   1095 C CA  . ASP A 1 140 ? 10.484  9.139   -14.960 1.00 15.00 ? 140 ASP A CA  1 
ATOM   1096 C C   . ASP A 1 140 ? 9.723   8.015   -14.242 1.00 15.00 ? 140 ASP A C   1 
ATOM   1097 O O   . ASP A 1 140 ? 9.712   6.886   -14.715 1.00 15.00 ? 140 ASP A O   1 
ATOM   1098 C CB  . ASP A 1 140 ? 11.843  9.267   -14.287 1.00 15.00 ? 140 ASP A CB  1 
ATOM   1099 C CG  . ASP A 1 140 ? 12.747  10.233  -15.015 1.00 15.00 ? 140 ASP A CG  1 
ATOM   1100 O OD1 . ASP A 1 140 ? 13.324  9.817   -16.019 1.00 15.00 ? 140 ASP A OD1 1 
ATOM   1101 O OD2 . ASP A 1 140 ? 12.872  11.381  -14.593 1.00 15.00 ? 140 ASP A OD2 1 
ATOM   1102 N N   . PHE A 1 141 ? 9.122   8.301   -13.084 1.00 15.00 ? 141 PHE A N   1 
ATOM   1103 C CA  . PHE A 1 141 ? 8.341   7.342   -12.340 1.00 15.00 ? 141 PHE A CA  1 
ATOM   1104 C C   . PHE A 1 141 ? 7.078   7.078   -13.147 1.00 15.00 ? 141 PHE A C   1 
ATOM   1105 O O   . PHE A 1 141 ? 6.661   5.940   -13.319 1.00 15.00 ? 141 PHE A O   1 
ATOM   1106 C CB  . PHE A 1 141 ? 7.970   7.917   -11.007 1.00 15.00 ? 141 PHE A CB  1 
ATOM   1107 C CG  . PHE A 1 141 ? 7.440   6.844   -10.109 1.00 15.00 ? 141 PHE A CG  1 
ATOM   1108 C CD1 . PHE A 1 141 ? 8.323   6.098   -9.357  1.00 15.00 ? 141 PHE A CD1 1 
ATOM   1109 C CD2 . PHE A 1 141 ? 6.075   6.590   -10.093 1.00 15.00 ? 141 PHE A CD2 1 
ATOM   1110 C CE1 . PHE A 1 141 ? 7.840   5.077   -8.586  1.00 15.00 ? 141 PHE A CE1 1 
ATOM   1111 C CE2 . PHE A 1 141 ? 5.589   5.554   -9.308  1.00 15.00 ? 141 PHE A CE2 1 
ATOM   1112 C CZ  . PHE A 1 141 ? 6.480   4.803   -8.559  1.00 15.00 ? 141 PHE A CZ  1 
ATOM   1113 N N   . GLN A 1 142 ? 6.451   8.120   -13.668 1.00 15.00 ? 142 GLN A N   1 
ATOM   1114 C CA  . GLN A 1 142 ? 5.196   7.966   -14.409 1.00 15.00 ? 142 GLN A CA  1 
ATOM   1115 C C   . GLN A 1 142 ? 5.331   7.170   -15.677 1.00 15.00 ? 142 GLN A C   1 
ATOM   1116 O O   . GLN A 1 142 ? 4.486   6.346   -15.969 1.00 15.00 ? 142 GLN A O   1 
ATOM   1117 C CB  . GLN A 1 142 ? 4.598   9.300   -14.799 1.00 15.00 ? 142 GLN A CB  1 
ATOM   1118 C CG  . GLN A 1 142 ? 4.535   10.142  -13.550 1.00 15.00 ? 142 GLN A CG  1 
ATOM   1119 C CD  . GLN A 1 142 ? 3.492   11.221  -13.599 1.00 15.00 ? 142 GLN A CD  1 
ATOM   1120 O OE1 . GLN A 1 142 ? 3.057   11.691  -14.650 1.00 15.00 ? 142 GLN A OE1 1 
ATOM   1121 N NE2 . GLN A 1 142 ? 3.039   11.600  -12.421 1.00 15.00 ? 142 GLN A NE2 1 
ATOM   1122 N N   . LEU A 1 143 ? 6.391   7.391   -16.417 1.00 15.00 ? 143 LEU A N   1 
ATOM   1123 C CA  . LEU A 1 143 ? 6.661   6.643   -17.607 1.00 15.00 ? 143 LEU A CA  1 
ATOM   1124 C C   . LEU A 1 143 ? 7.426   5.365   -17.331 1.00 15.00 ? 143 LEU A C   1 
ATOM   1125 O O   . LEU A 1 143 ? 7.952   4.804   -18.288 1.00 15.00 ? 143 LEU A O   1 
ATOM   1126 C CB  . LEU A 1 143 ? 7.447   7.495   -18.552 1.00 15.00 ? 143 LEU A CB  1 
ATOM   1127 C CG  . LEU A 1 143 ? 6.690   8.333   -19.566 1.00 15.00 ? 143 LEU A CG  1 
ATOM   1128 C CD1 . LEU A 1 143 ? 5.444   8.993   -19.002 1.00 15.00 ? 143 LEU A CD1 1 
ATOM   1129 C CD2 . LEU A 1 143 ? 7.698   9.378   -20.064 1.00 15.00 ? 143 LEU A CD2 1 
ATOM   1130 N N   . TYR A 1 144 ? 7.551   4.840   -16.113 1.00 15.00 ? 144 TYR A N   1 
ATOM   1131 C CA  . TYR A 1 144 ? 8.231   3.588   -15.892 1.00 15.00 ? 144 TYR A CA  1 
ATOM   1132 C C   . TYR A 1 144 ? 7.596   2.446   -16.699 1.00 15.00 ? 144 TYR A C   1 
ATOM   1133 O O   . TYR A 1 144 ? 6.392   2.203   -16.640 1.00 15.00 ? 144 TYR A O   1 
ATOM   1134 C CB  . TYR A 1 144 ? 8.208   3.294   -14.396 1.00 15.00 ? 144 TYR A CB  1 
ATOM   1135 C CG  . TYR A 1 144 ? 8.750   1.911   -14.035 1.00 15.00 ? 144 TYR A CG  1 
ATOM   1136 C CD1 . TYR A 1 144 ? 10.122  1.631   -14.012 1.00 15.00 ? 144 TYR A CD1 1 
ATOM   1137 C CD2 . TYR A 1 144 ? 7.844   0.908   -13.712 1.00 15.00 ? 144 TYR A CD2 1 
ATOM   1138 C CE1 . TYR A 1 144 ? 10.569  0.364   -13.655 1.00 15.00 ? 144 TYR A CE1 1 
ATOM   1139 C CE2 . TYR A 1 144 ? 8.274   -0.358  -13.361 1.00 15.00 ? 144 TYR A CE2 1 
ATOM   1140 C CZ  . TYR A 1 144 ? 9.632   -0.614  -13.321 1.00 15.00 ? 144 TYR A CZ  1 
ATOM   1141 O OH  . TYR A 1 144 ? 10.032  -1.836  -12.823 1.00 15.00 ? 144 TYR A OH  1 
ATOM   1142 N N   . ARG A 1 145 ? 8.382   1.728   -17.500 1.00 15.00 ? 145 ARG A N   1 
ATOM   1143 C CA  . ARG A 1 145 ? 7.834   0.594   -18.199 1.00 15.00 ? 145 ARG A CA  1 
ATOM   1144 C C   . ARG A 1 145 ? 8.483   -0.745  -17.822 1.00 15.00 ? 145 ARG A C   1 
ATOM   1145 O O   . ARG A 1 145 ? 8.051   -1.803  -18.284 1.00 15.00 ? 145 ARG A O   1 
ATOM   1146 C CB  . ARG A 1 145 ? 7.907   0.853   -19.726 1.00 15.00 ? 145 ARG A CB  1 
ATOM   1147 C CG  . ARG A 1 145 ? 9.220   0.736   -20.531 1.00 15.00 ? 145 ARG A CG  1 
ATOM   1148 C CD  . ARG A 1 145 ? 8.932   0.446   -22.041 1.00 15.00 ? 145 ARG A CD  1 
ATOM   1149 N NE  . ARG A 1 145 ? 9.220   -0.918  -22.562 1.00 15.00 ? 145 ARG A NE  1 
ATOM   1150 C CZ  . ARG A 1 145 ? 8.336   -1.946  -22.697 1.00 15.00 ? 145 ARG A CZ  1 
ATOM   1151 N NH1 . ARG A 1 145 ? 7.044   -1.879  -22.309 1.00 15.00 ? 145 ARG A NH1 1 
ATOM   1152 N NH2 . ARG A 1 145 ? 8.794   -3.102  -23.208 1.00 15.00 ? 145 ARG A NH2 1 
ATOM   1153 N N   . GLY A 1 146 ? 9.503   -0.801  -16.966 1.00 15.00 ? 146 GLY A N   1 
ATOM   1154 C CA  . GLY A 1 146 ? 10.062  -2.065  -16.528 1.00 15.00 ? 146 GLY A CA  1 
ATOM   1155 C C   . GLY A 1 146 ? 11.506  -1.886  -16.103 1.00 15.00 ? 146 GLY A C   1 
ATOM   1156 O O   . GLY A 1 146 ? 12.092  -0.830  -16.355 1.00 15.00 ? 146 GLY A O   1 
ATOM   1157 N N   . GLY A 1 147 ? 12.118  -2.882  -15.494 1.00 15.00 ? 147 GLY A N   1 
ATOM   1158 C CA  . GLY A 1 147 ? 13.484  -2.760  -15.036 1.00 15.00 ? 147 GLY A CA  1 
ATOM   1159 C C   . GLY A 1 147 ? 13.566  -2.321  -13.594 1.00 15.00 ? 147 GLY A C   1 
ATOM   1160 O O   . GLY A 1 147 ? 12.559  -2.193  -12.896 1.00 15.00 ? 147 GLY A O   1 
ATOM   1161 N N   . ILE A 1 148 ? 14.786  -2.150  -13.073 1.00 15.00 ? 148 ILE A N   1 
ATOM   1162 C CA  . ILE A 1 148 ? 14.955  -1.714  -11.700 1.00 15.00 ? 148 ILE A CA  1 
ATOM   1163 C C   . ILE A 1 148 ? 15.103  -0.222  -11.841 1.00 15.00 ? 148 ILE A C   1 
ATOM   1164 O O   . ILE A 1 148 ? 15.936  0.264   -12.605 1.00 15.00 ? 148 ILE A O   1 
ATOM   1165 C CB  . ILE A 1 148 ? 16.179  -2.434  -11.098 1.00 15.00 ? 148 ILE A CB  1 
ATOM   1166 C CG1 . ILE A 1 148 ? 15.702  -3.823  -10.741 1.00 15.00 ? 148 ILE A CG1 1 
ATOM   1167 C CG2 . ILE A 1 148 ? 16.702  -1.781  -9.836  1.00 15.00 ? 148 ILE A CG2 1 
ATOM   1168 C CD1 . ILE A 1 148 ? 16.663  -4.669  -9.948  1.00 15.00 ? 148 ILE A CD1 1 
ATOM   1169 N N   . PHE A 1 149 ? 14.187  0.486   -11.200 1.00 15.00 ? 149 PHE A N   1 
ATOM   1170 C CA  . PHE A 1 149 ? 14.138  1.920   -11.301 1.00 15.00 ? 149 PHE A CA  1 
ATOM   1171 C C   . PHE A 1 149 ? 15.084  2.500   -10.252 1.00 15.00 ? 149 PHE A C   1 
ATOM   1172 O O   . PHE A 1 149 ? 15.047  2.138   -9.060  1.00 15.00 ? 149 PHE A O   1 
ATOM   1173 C CB  . PHE A 1 149 ? 12.673  2.300   -11.092 1.00 15.00 ? 149 PHE A CB  1 
ATOM   1174 C CG  . PHE A 1 149 ? 12.371  3.777   -11.091 1.00 15.00 ? 149 PHE A CG  1 
ATOM   1175 C CD1 . PHE A 1 149 ? 12.218  4.439   -12.273 1.00 15.00 ? 149 PHE A CD1 1 
ATOM   1176 C CD2 . PHE A 1 149 ? 12.250  4.441   -9.897  1.00 15.00 ? 149 PHE A CD2 1 
ATOM   1177 C CE1 . PHE A 1 149 ? 11.937  5.793   -12.242 1.00 15.00 ? 149 PHE A CE1 1 
ATOM   1178 C CE2 . PHE A 1 149 ? 11.975  5.785   -9.878  1.00 15.00 ? 149 PHE A CE2 1 
ATOM   1179 C CZ  . PHE A 1 149 ? 11.815  6.469   -11.047 1.00 15.00 ? 149 PHE A CZ  1 
ATOM   1180 N N   . VAL A 1 150 ? 15.971  3.379   -10.735 1.00 15.00 ? 150 VAL A N   1 
ATOM   1181 C CA  . VAL A 1 150 ? 16.981  4.018   -9.892  1.00 15.00 ? 150 VAL A CA  1 
ATOM   1182 C C   . VAL A 1 150 ? 16.716  5.509   -9.753  1.00 15.00 ? 150 VAL A C   1 
ATOM   1183 O O   . VAL A 1 150 ? 17.467  6.236   -9.097  1.00 15.00 ? 150 VAL A O   1 
ATOM   1184 C CB  . VAL A 1 150 ? 18.394  3.844   -10.478 1.00 15.00 ? 150 VAL A CB  1 
ATOM   1185 C CG1 . VAL A 1 150 ? 18.740  2.387   -10.644 1.00 15.00 ? 150 VAL A CG1 1 
ATOM   1186 C CG2 . VAL A 1 150 ? 18.448  4.512   -11.845 1.00 15.00 ? 150 VAL A CG2 1 
ATOM   1187 N N   . GLY A 1 151 ? 15.674  6.017   -10.395 1.00 15.00 ? 151 GLY A N   1 
ATOM   1188 C CA  . GLY A 1 151 ? 15.346  7.416   -10.420 1.00 15.00 ? 151 GLY A CA  1 
ATOM   1189 C C   . GLY A 1 151 ? 15.521  7.877   -11.863 1.00 15.00 ? 151 GLY A C   1 
ATOM   1190 O O   . GLY A 1 151 ? 15.504  7.017   -12.741 1.00 15.00 ? 151 GLY A O   1 
ATOM   1191 N N   . PRO A 1 152 ? 15.767  9.144   -12.206 1.00 15.00 ? 152 PRO A N   1 
ATOM   1192 C CA  . PRO A 1 152 ? 15.841  10.186  -11.226 1.00 15.00 ? 152 PRO A CA  1 
ATOM   1193 C C   . PRO A 1 152 ? 14.527  10.515  -10.504 1.00 15.00 ? 152 PRO A C   1 
ATOM   1194 O O   . PRO A 1 152 ? 13.408  10.419  -11.029 1.00 15.00 ? 152 PRO A O   1 
ATOM   1195 C CB  . PRO A 1 152 ? 16.467  11.314  -12.015 1.00 15.00 ? 152 PRO A CB  1 
ATOM   1196 C CG  . PRO A 1 152 ? 16.262  11.025  -13.449 1.00 15.00 ? 152 PRO A CG  1 
ATOM   1197 C CD  . PRO A 1 152 ? 16.297  9.543   -13.496 1.00 15.00 ? 152 PRO A CD  1 
ATOM   1198 N N   . CYS A 1 153 ? 14.660  10.701  -9.203  1.00 15.00 ? 153 CYS A N   1 
ATOM   1199 C CA  . CYS A 1 153 ? 13.551  11.151  -8.384  1.00 15.00 ? 153 CYS A CA  1 
ATOM   1200 C C   . CYS A 1 153 ? 14.123  11.750  -7.098  1.00 15.00 ? 153 CYS A C   1 
ATOM   1201 O O   . CYS A 1 153 ? 15.230  11.375  -6.653  1.00 15.00 ? 153 CYS A O   1 
ATOM   1202 C CB  . CYS A 1 153 ? 12.649  9.995   -8.039  1.00 15.00 ? 153 CYS A CB  1 
ATOM   1203 S SG  . CYS A 1 153 ? 13.556  8.678   -7.213  1.00 15.00 ? 153 CYS A SG  1 
ATOM   1204 N N   . GLY A 1 154 ? 13.386  12.717  -6.539  1.00 15.00 ? 154 GLY A N   1 
ATOM   1205 C CA  . GLY A 1 154 ? 13.749  13.326  -5.283  1.00 15.00 ? 154 GLY A CA  1 
ATOM   1206 C C   . GLY A 1 154 ? 13.089  12.539  -4.159  1.00 15.00 ? 154 GLY A C   1 
ATOM   1207 O O   . GLY A 1 154 ? 12.580  11.430  -4.340  1.00 15.00 ? 154 GLY A O   1 
ATOM   1208 N N   . ASN A 1 155 ? 12.998  13.148  -2.991  1.00 15.00 ? 155 ASN A N   1 
ATOM   1209 C CA  . ASN A 1 155 ? 12.404  12.512  -1.834  1.00 15.00 ? 155 ASN A CA  1 
ATOM   1210 C C   . ASN A 1 155 ? 11.115  13.233  -1.398  1.00 15.00 ? 155 ASN A C   1 
ATOM   1211 O O   . ASN A 1 155 ? 10.686  13.123  -0.250  1.00 15.00 ? 155 ASN A O   1 
ATOM   1212 C CB  . ASN A 1 155 ? 13.458  12.508  -0.732  1.00 15.00 ? 155 ASN A CB  1 
ATOM   1213 C CG  . ASN A 1 155 ? 13.790  13.943  -0.305  1.00 15.00 ? 155 ASN A CG  1 
ATOM   1214 O OD1 . ASN A 1 155 ? 14.079  14.824  -1.150  1.00 15.00 ? 155 ASN A OD1 1 
ATOM   1215 N ND2 . ASN A 1 155 ? 13.682  14.223  0.994   1.00 15.00 ? 155 ASN A ND2 1 
ATOM   1216 N N   . LYS A 1 156 ? 10.400  13.949  -2.274  1.00 15.00 ? 156 LYS A N   1 
ATOM   1217 C CA  . LYS A 1 156 ? 9.167   14.675  -1.915  1.00 15.00 ? 156 LYS A CA  1 
ATOM   1218 C C   . LYS A 1 156 ? 7.965   13.736  -2.016  1.00 15.00 ? 156 LYS A C   1 
ATOM   1219 O O   . LYS A 1 156 ? 7.193   13.734  -2.972  1.00 15.00 ? 156 LYS A O   1 
ATOM   1220 C CB  . LYS A 1 156 ? 8.956   15.875  -2.861  1.00 15.00 ? 156 LYS A CB  1 
ATOM   1221 C CG  . LYS A 1 156 ? 10.084  16.953  -2.999  1.00 15.00 ? 156 LYS A CG  1 
ATOM   1222 C CD  . LYS A 1 156 ? 10.510  17.270  -4.471  1.00 15.00 ? 156 LYS A CD  1 
ATOM   1223 C CE  . LYS A 1 156 ? 9.296   17.763  -5.300  1.00 15.00 ? 156 LYS A CE  1 
ATOM   1224 N NZ  . LYS A 1 156 ? 9.498   17.757  -6.741  1.00 15.00 ? 156 LYS A NZ  1 
ATOM   1225 N N   . VAL A 1 157 ? 7.896   12.827  -1.070  1.00 15.00 ? 157 VAL A N   1 
ATOM   1226 C CA  . VAL A 1 157 ? 6.873   11.814  -1.090  1.00 15.00 ? 157 VAL A CA  1 
ATOM   1227 C C   . VAL A 1 157 ? 5.463   12.382  -1.141  1.00 15.00 ? 157 VAL A C   1 
ATOM   1228 O O   . VAL A 1 157 ? 5.063   13.345  -0.472  1.00 15.00 ? 157 VAL A O   1 
ATOM   1229 C CB  . VAL A 1 157 ? 6.975   10.830  0.116   1.00 15.00 ? 157 VAL A CB  1 
ATOM   1230 C CG1 . VAL A 1 157 ? 8.351   10.231  0.056   1.00 15.00 ? 157 VAL A CG1 1 
ATOM   1231 C CG2 . VAL A 1 157 ? 6.729   11.453  1.464   1.00 15.00 ? 157 VAL A CG2 1 
ATOM   1232 N N   . ASP A 1 158 ? 4.726   11.717  -2.041  1.00 15.00 ? 158 ASP A N   1 
ATOM   1233 C CA  . ASP A 1 158 ? 3.368   12.105  -2.385  1.00 15.00 ? 158 ASP A CA  1 
ATOM   1234 C C   . ASP A 1 158 ? 2.434   10.944  -2.759  1.00 15.00 ? 158 ASP A C   1 
ATOM   1235 O O   . ASP A 1 158 ? 1.287   11.172  -3.110  1.00 15.00 ? 158 ASP A O   1 
ATOM   1236 C CB  . ASP A 1 158 ? 3.487   13.105  -3.548  1.00 15.00 ? 158 ASP A CB  1 
ATOM   1237 C CG  . ASP A 1 158 ? 3.988   12.543  -4.861  1.00 15.00 ? 158 ASP A CG  1 
ATOM   1238 O OD1 . ASP A 1 158 ? 4.391   11.392  -4.961  1.00 15.00 ? 158 ASP A OD1 1 
ATOM   1239 O OD2 . ASP A 1 158 ? 3.952   13.282  -5.833  1.00 15.00 ? 158 ASP A OD2 1 
ATOM   1240 N N   . HIS A 1 159 ? 2.866   9.681   -2.733  1.00 15.00 ? 159 HIS A N   1 
ATOM   1241 C CA  . HIS A 1 159 ? 2.104   8.552   -3.252  1.00 15.00 ? 159 HIS A CA  1 
ATOM   1242 C C   . HIS A 1 159 ? 2.288   7.379   -2.323  1.00 15.00 ? 159 HIS A C   1 
ATOM   1243 O O   . HIS A 1 159 ? 3.428   7.048   -2.028  1.00 15.00 ? 159 HIS A O   1 
ATOM   1244 C CB  . HIS A 1 159 ? 2.628   8.245   -4.635  1.00 15.00 ? 159 HIS A CB  1 
ATOM   1245 C CG  . HIS A 1 159 ? 1.737   7.305   -5.408  1.00 15.00 ? 159 HIS A CG  1 
ATOM   1246 N ND1 . HIS A 1 159 ? 0.444   7.450   -5.600  1.00 15.00 ? 159 HIS A ND1 1 
ATOM   1247 C CD2 . HIS A 1 159 ? 2.122   6.132   -5.994  1.00 15.00 ? 159 HIS A CD2 1 
ATOM   1248 C CE1 . HIS A 1 159 ? 0.024   6.393   -6.266  1.00 15.00 ? 159 HIS A CE1 1 
ATOM   1249 N NE2 . HIS A 1 159 ? 1.037   5.619   -6.494  1.00 15.00 ? 159 HIS A NE2 1 
ATOM   1250 N N   . ALA A 1 160 ? 1.233   6.773   -1.777  1.00 15.00 ? 160 ALA A N   1 
ATOM   1251 C CA  . ALA A 1 160 ? 1.341   5.636   -0.890  1.00 15.00 ? 160 ALA A CA  1 
ATOM   1252 C C   . ALA A 1 160 ? 1.152   4.423   -1.788  1.00 15.00 ? 160 ALA A C   1 
ATOM   1253 O O   . ALA A 1 160 ? 0.290   4.448   -2.681  1.00 15.00 ? 160 ALA A O   1 
ATOM   1254 C CB  . ALA A 1 160 ? 0.225   5.734   0.151   1.00 15.00 ? 160 ALA A CB  1 
ATOM   1255 N N   . VAL A 1 161 ? 1.904   3.361   -1.599  1.00 15.00 ? 161 VAL A N   1 
ATOM   1256 C CA  . VAL A 1 161 ? 1.906   2.189   -2.466  1.00 15.00 ? 161 VAL A CA  1 
ATOM   1257 C C   . VAL A 1 161 ? 2.146   1.053   -1.490  1.00 15.00 ? 161 VAL A C   1 
ATOM   1258 O O   . VAL A 1 161 ? 2.178   1.303   -0.281  1.00 15.00 ? 161 VAL A O   1 
ATOM   1259 C CB  . VAL A 1 161 ? 3.007   2.616   -3.436  1.00 15.00 ? 161 VAL A CB  1 
ATOM   1260 C CG1 . VAL A 1 161 ? 4.332   2.009   -3.061  1.00 15.00 ? 161 VAL A CG1 1 
ATOM   1261 C CG2 . VAL A 1 161 ? 2.449   2.447   -4.797  1.00 15.00 ? 161 VAL A CG2 1 
ATOM   1262 N N   . ALA A 1 162 ? 2.310   -0.197  -1.884  1.00 15.00 ? 162 ALA A N   1 
ATOM   1263 C CA  . ALA A 1 162 ? 2.554   -1.223  -0.908  1.00 15.00 ? 162 ALA A CA  1 
ATOM   1264 C C   . ALA A 1 162 ? 3.730   -2.051  -1.353  1.00 15.00 ? 162 ALA A C   1 
ATOM   1265 O O   . ALA A 1 162 ? 3.889   -2.344  -2.535  1.00 15.00 ? 162 ALA A O   1 
ATOM   1266 C CB  . ALA A 1 162 ? 1.337   -2.106  -0.784  1.00 15.00 ? 162 ALA A CB  1 
ATOM   1267 N N   . ALA A 1 163 ? 4.612   -2.429  -0.458  1.00 15.00 ? 163 ALA A N   1 
ATOM   1268 C CA  . ALA A 1 163 ? 5.719   -3.295  -0.795  1.00 15.00 ? 163 ALA A CA  1 
ATOM   1269 C C   . ALA A 1 163 ? 5.357   -4.738  -0.474  1.00 15.00 ? 163 ALA A C   1 
ATOM   1270 O O   . ALA A 1 163 ? 4.979   -5.045  0.667   1.00 15.00 ? 163 ALA A O   1 
ATOM   1271 C CB  . ALA A 1 163 ? 6.935   -2.913  0.014   1.00 15.00 ? 163 ALA A CB  1 
ATOM   1272 N N   . VAL A 1 164 ? 5.486   -5.611  -1.485  1.00 15.00 ? 164 VAL A N   1 
ATOM   1273 C CA  . VAL A 1 164 ? 5.124   -7.021  -1.374  1.00 15.00 ? 164 VAL A CA  1 
ATOM   1274 C C   . VAL A 1 164 ? 6.305   -7.973  -1.623  1.00 15.00 ? 164 VAL A C   1 
ATOM   1275 O O   . VAL A 1 164 ? 6.116   -9.167  -1.915  1.00 15.00 ? 164 VAL A O   1 
ATOM   1276 C CB  . VAL A 1 164 ? 3.973   -7.367  -2.371  1.00 15.00 ? 164 VAL A CB  1 
ATOM   1277 C CG1 . VAL A 1 164 ? 2.726   -6.601  -1.972  1.00 15.00 ? 164 VAL A CG1 1 
ATOM   1278 C CG2 . VAL A 1 164 ? 4.323   -7.003  -3.791  1.00 15.00 ? 164 VAL A CG2 1 
ATOM   1279 N N   . GLY A 1 165 ? 7.561   -7.525  -1.613  1.00 15.00 ? 165 GLY A N   1 
ATOM   1280 C CA  . GLY A 1 165 ? 8.676   -8.424  -1.775  1.00 15.00 ? 165 GLY A CA  1 
ATOM   1281 C C   . GLY A 1 165 ? 9.948   -7.625  -1.904  1.00 15.00 ? 165 GLY A C   1 
ATOM   1282 O O   . GLY A 1 165 ? 9.909   -6.391  -1.841  1.00 15.00 ? 165 GLY A O   1 
ATOM   1283 N N   . TYR A 1 166 ? 11.069  -8.307  -2.111  1.00 15.00 ? 166 TYR A N   1 
ATOM   1284 C CA  . TYR A 1 166 ? 12.352  -7.664  -2.302  1.00 15.00 ? 166 TYR A CA  1 
ATOM   1285 C C   . TYR A 1 166 ? 13.305  -8.671  -2.870  1.00 15.00 ? 166 TYR A C   1 
ATOM   1286 O O   . TYR A 1 166 ? 13.027  -9.882  -2.850  1.00 15.00 ? 166 TYR A O   1 
ATOM   1287 C CB  . TYR A 1 166 ? 12.944  -7.139  -0.996  1.00 15.00 ? 166 TYR A CB  1 
ATOM   1288 C CG  . TYR A 1 166 ? 13.249  -8.150  0.092   1.00 15.00 ? 166 TYR A CG  1 
ATOM   1289 C CD1 . TYR A 1 166 ? 14.384  -8.944  0.060   1.00 15.00 ? 166 TYR A CD1 1 
ATOM   1290 C CD2 . TYR A 1 166 ? 12.360  -8.257  1.130   1.00 15.00 ? 166 TYR A CD2 1 
ATOM   1291 C CE1 . TYR A 1 166 ? 14.621  -9.852  1.056   1.00 15.00 ? 166 TYR A CE1 1 
ATOM   1292 C CE2 . TYR A 1 166 ? 12.603  -9.159  2.137   1.00 15.00 ? 166 TYR A CE2 1 
ATOM   1293 C CZ  . TYR A 1 166 ? 13.722  -9.949  2.090   1.00 15.00 ? 166 TYR A CZ  1 
ATOM   1294 O OH  . TYR A 1 166 ? 13.901  -10.896 3.092   1.00 15.00 ? 166 TYR A OH  1 
ATOM   1295 N N   . GLY A 1 167 ? 14.408  -8.175  -3.369  1.00 15.00 ? 167 GLY A N   1 
ATOM   1296 C CA  . GLY A 1 167 ? 15.449  -9.032  -3.848  1.00 15.00 ? 167 GLY A CA  1 
ATOM   1297 C C   . GLY A 1 167 ? 16.743  -8.415  -3.415  1.00 15.00 ? 167 GLY A C   1 
ATOM   1298 O O   . GLY A 1 167 ? 16.735  -7.376  -2.775  1.00 15.00 ? 167 GLY A O   1 
ATOM   1299 N N   . PRO A 1 168 ? 17.886  -8.910  -3.882  1.00 15.00 ? 168 PRO A N   1 
ATOM   1300 C CA  . PRO A 1 168 ? 19.228  -8.437  -3.522  1.00 15.00 ? 168 PRO A CA  1 
ATOM   1301 C C   . PRO A 1 168 ? 19.490  -6.974  -3.810  1.00 15.00 ? 168 PRO A C   1 
ATOM   1302 O O   . PRO A 1 168 ? 20.194  -6.279  -3.101  1.00 15.00 ? 168 PRO A O   1 
ATOM   1303 C CB  . PRO A 1 168 ? 20.136  -9.368  -4.294  1.00 15.00 ? 168 PRO A CB  1 
ATOM   1304 C CG  . PRO A 1 168 ? 19.333  -10.663 -4.391  1.00 15.00 ? 168 PRO A CG  1 
ATOM   1305 C CD  . PRO A 1 168 ? 17.980  -10.078 -4.751  1.00 15.00 ? 168 PRO A CD  1 
ATOM   1306 N N   . ASN A 1 169 ? 18.875  -6.490  -4.884  1.00 15.00 ? 169 ASN A N   1 
ATOM   1307 C CA  . ASN A 1 169 ? 19.063  -5.127  -5.369  1.00 15.00 ? 169 ASN A CA  1 
ATOM   1308 C C   . ASN A 1 169 ? 17.745  -4.360  -5.568  1.00 15.00 ? 169 ASN A C   1 
ATOM   1309 O O   . ASN A 1 169 ? 17.738  -3.325  -6.225  1.00 15.00 ? 169 ASN A O   1 
ATOM   1310 C CB  . ASN A 1 169 ? 19.880  -5.228  -6.670  1.00 15.00 ? 169 ASN A CB  1 
ATOM   1311 C CG  . ASN A 1 169 ? 19.318  -6.166  -7.753  1.00 15.00 ? 169 ASN A CG  1 
ATOM   1312 O OD1 . ASN A 1 169 ? 19.548  -5.869  -8.918  1.00 15.00 ? 169 ASN A OD1 1 
ATOM   1313 N ND2 . ASN A 1 169 ? 18.694  -7.363  -7.607  1.00 15.00 ? 169 ASN A ND2 1 
ATOM   1314 N N   . TYR A 1 170 ? 16.600  -4.784  -5.021  1.00 15.00 ? 170 TYR A N   1 
ATOM   1315 C CA  . TYR A 1 170 ? 15.352  -4.042  -5.253  1.00 15.00 ? 170 TYR A CA  1 
ATOM   1316 C C   . TYR A 1 170 ? 14.298  -4.332  -4.181  1.00 15.00 ? 170 TYR A C   1 
ATOM   1317 O O   . TYR A 1 170 ? 14.383  -5.316  -3.441  1.00 15.00 ? 170 TYR A O   1 
ATOM   1318 C CB  . TYR A 1 170 ? 14.727  -4.382  -6.642  1.00 15.00 ? 170 TYR A CB  1 
ATOM   1319 C CG  . TYR A 1 170 ? 14.277  -5.837  -6.776  1.00 15.00 ? 170 TYR A CG  1 
ATOM   1320 C CD1 . TYR A 1 170 ? 13.030  -6.243  -6.326  1.00 15.00 ? 170 TYR A CD1 1 
ATOM   1321 C CD2 . TYR A 1 170 ? 15.121  -6.770  -7.334  1.00 15.00 ? 170 TYR A CD2 1 
ATOM   1322 C CE1 . TYR A 1 170 ? 12.620  -7.562  -6.414  1.00 15.00 ? 170 TYR A CE1 1 
ATOM   1323 C CE2 . TYR A 1 170 ? 14.729  -8.096  -7.438  1.00 15.00 ? 170 TYR A CE2 1 
ATOM   1324 C CZ  . TYR A 1 170 ? 13.485  -8.470  -6.971  1.00 15.00 ? 170 TYR A CZ  1 
ATOM   1325 O OH  . TYR A 1 170 ? 13.126  -9.788  -7.038  1.00 15.00 ? 170 TYR A OH  1 
ATOM   1326 N N   . ILE A 1 171 ? 13.281  -3.494  -4.103  1.00 15.00 ? 171 ILE A N   1 
ATOM   1327 C CA  . ILE A 1 171 ? 12.105  -3.756  -3.296  1.00 15.00 ? 171 ILE A CA  1 
ATOM   1328 C C   . ILE A 1 171 ? 10.952  -3.780  -4.319  1.00 15.00 ? 171 ILE A C   1 
ATOM   1329 O O   . ILE A 1 171 ? 10.900  -2.994  -5.267  1.00 15.00 ? 171 ILE A O   1 
ATOM   1330 C CB  . ILE A 1 171 ? 12.003  -2.636  -2.221  1.00 15.00 ? 171 ILE A CB  1 
ATOM   1331 C CG1 . ILE A 1 171 ? 13.059  -2.897  -1.164  1.00 15.00 ? 171 ILE A CG1 1 
ATOM   1332 C CG2 . ILE A 1 171 ? 10.649  -2.634  -1.519  1.00 15.00 ? 171 ILE A CG2 1 
ATOM   1333 C CD1 . ILE A 1 171 ? 13.082  -1.809  -0.100  1.00 15.00 ? 171 ILE A CD1 1 
ATOM   1334 N N   . LEU A 1 172 ? 10.057  -4.748  -4.173  1.00 15.00 ? 172 LEU A N   1 
ATOM   1335 C CA  . LEU A 1 172 ? 8.954   -5.001  -5.092  1.00 15.00 ? 172 LEU A CA  1 
ATOM   1336 C C   . LEU A 1 172 ? 7.717   -4.281  -4.615  1.00 15.00 ? 172 LEU A C   1 
ATOM   1337 O O   . LEU A 1 172 ? 7.240   -4.492  -3.498  1.00 15.00 ? 172 LEU A O   1 
ATOM   1338 C CB  . LEU A 1 172 ? 8.693   -6.482  -5.152  1.00 15.00 ? 172 LEU A CB  1 
ATOM   1339 C CG  . LEU A 1 172 ? 7.581   -6.950  -6.022  1.00 15.00 ? 172 LEU A CG  1 
ATOM   1340 C CD1 . LEU A 1 172 ? 7.857   -6.570  -7.457  1.00 15.00 ? 172 LEU A CD1 1 
ATOM   1341 C CD2 . LEU A 1 172 ? 7.415   -8.417  -5.803  1.00 15.00 ? 172 LEU A CD2 1 
ATOM   1342 N N   . ILE A 1 173 ? 7.169   -3.439  -5.465  1.00 15.00 ? 173 ILE A N   1 
ATOM   1343 C CA  . ILE A 1 173 ? 6.029   -2.632  -5.099  1.00 15.00 ? 173 ILE A CA  1 
ATOM   1344 C C   . ILE A 1 173 ? 4.757   -2.821  -5.934  1.00 15.00 ? 173 ILE A C   1 
ATOM   1345 O O   . ILE A 1 173 ? 4.791   -2.818  -7.162  1.00 15.00 ? 173 ILE A O   1 
ATOM   1346 C CB  . ILE A 1 173 ? 6.534   -1.155  -5.115  1.00 15.00 ? 173 ILE A CB  1 
ATOM   1347 C CG1 . ILE A 1 173 ? 7.319   -0.957  -3.820  1.00 15.00 ? 173 ILE A CG1 1 
ATOM   1348 C CG2 . ILE A 1 173 ? 5.390   -0.120  -5.254  1.00 15.00 ? 173 ILE A CG2 1 
ATOM   1349 C CD1 . ILE A 1 173 ? 8.209   0.281   -3.832  1.00 15.00 ? 173 ILE A CD1 1 
ATOM   1350 N N   . LYS A 1 174 ? 3.599   -2.967  -5.285  1.00 15.00 ? 174 LYS A N   1 
ATOM   1351 C CA  . LYS A 1 174 ? 2.298   -2.999  -5.946  1.00 15.00 ? 174 LYS A CA  1 
ATOM   1352 C C   . LYS A 1 174 ? 1.765   -1.588  -6.081  1.00 15.00 ? 174 LYS A C   1 
ATOM   1353 O O   . LYS A 1 174 ? 1.468   -0.951  -5.060  1.00 15.00 ? 174 LYS A O   1 
ATOM   1354 C CB  . LYS A 1 174 ? 1.297   -3.806  -5.135  1.00 15.00 ? 174 LYS A CB  1 
ATOM   1355 C CG  . LYS A 1 174 ? -0.039  -4.021  -5.864  1.00 15.00 ? 174 LYS A CG  1 
ATOM   1356 C CD  . LYS A 1 174 ? -0.922  -4.987  -5.067  1.00 15.00 ? 174 LYS A CD  1 
ATOM   1357 C CE  . LYS A 1 174 ? -2.247  -5.197  -5.791  1.00 15.00 ? 174 LYS A CE  1 
ATOM   1358 N NZ  . LYS A 1 174 ? -3.158  -5.931  -4.931  1.00 15.00 ? 174 LYS A NZ  1 
ATOM   1359 N N   . ASN A 1 175 ? 1.644   -1.068  -7.299  1.00 15.00 ? 175 ASN A N   1 
ATOM   1360 C CA  . ASN A 1 175 ? 1.038   0.241   -7.488  1.00 15.00 ? 175 ASN A CA  1 
ATOM   1361 C C   . ASN A 1 175 ? -0.469  0.092   -7.840  1.00 15.00 ? 175 ASN A C   1 
ATOM   1362 O O   . ASN A 1 175 ? -0.958  -1.027  -8.055  1.00 15.00 ? 175 ASN A O   1 
ATOM   1363 C CB  . ASN A 1 175 ? 1.834   0.965   -8.591  1.00 15.00 ? 175 ASN A CB  1 
ATOM   1364 C CG  . ASN A 1 175 ? 1.633   2.472   -8.651  1.00 15.00 ? 175 ASN A CG  1 
ATOM   1365 O OD1 . ASN A 1 175 ? 1.052   3.109   -7.775  1.00 15.00 ? 175 ASN A OD1 1 
ATOM   1366 N ND2 . ASN A 1 175 ? 2.077   3.176   -9.667  1.00 15.00 ? 175 ASN A ND2 1 
ATOM   1367 N N   . SER A 1 176 ? -1.241  1.186   -7.836  1.00 15.00 ? 176 SER A N   1 
ATOM   1368 C CA  . SER A 1 176 ? -2.676  1.202   -8.097  1.00 15.00 ? 176 SER A CA  1 
ATOM   1369 C C   . SER A 1 176 ? -3.018  2.018   -9.304  1.00 15.00 ? 176 SER A C   1 
ATOM   1370 O O   . SER A 1 176 ? -3.957  2.816   -9.310  1.00 15.00 ? 176 SER A O   1 
ATOM   1371 C CB  . SER A 1 176 ? -3.404  1.757   -6.874  1.00 15.00 ? 176 SER A CB  1 
ATOM   1372 O OG  . SER A 1 176 ? -2.785  2.952   -6.376  1.00 15.00 ? 176 SER A OG  1 
ATOM   1373 N N   . TRP A 1 177 ? -2.169  1.930   -10.306 1.00 15.00 ? 177 TRP A N   1 
ATOM   1374 C CA  . TRP A 1 177 ? -2.422  2.583   -11.556 1.00 15.00 ? 177 TRP A CA  1 
ATOM   1375 C C   . TRP A 1 177 ? -2.829  1.397   -12.443 1.00 15.00 ? 177 TRP A C   1 
ATOM   1376 O O   . TRP A 1 177 ? -3.192  0.352   -11.895 1.00 15.00 ? 177 TRP A O   1 
ATOM   1377 C CB  . TRP A 1 177 ? -1.128  3.303   -11.991 1.00 15.00 ? 177 TRP A CB  1 
ATOM   1378 C CG  . TRP A 1 177 ? -0.828  4.561   -11.155 1.00 15.00 ? 177 TRP A CG  1 
ATOM   1379 C CD1 . TRP A 1 177 ? -1.696  5.055   -10.199 1.00 15.00 ? 177 TRP A CD1 1 
ATOM   1380 C CD2 . TRP A 1 177 ? 0.324   5.330   -11.245 1.00 15.00 ? 177 TRP A CD2 1 
ATOM   1381 N NE1 . TRP A 1 177 ? -1.105  6.116   -9.690  1.00 15.00 ? 177 TRP A NE1 1 
ATOM   1382 C CE2 . TRP A 1 177 ? 0.102   6.314   -10.281 1.00 15.00 ? 177 TRP A CE2 1 
ATOM   1383 C CE3 . TRP A 1 177 ? 1.506   5.346   -11.970 1.00 15.00 ? 177 TRP A CE3 1 
ATOM   1384 C CZ2 . TRP A 1 177 ? 1.060   7.309   -10.055 1.00 15.00 ? 177 TRP A CZ2 1 
ATOM   1385 C CZ3 . TRP A 1 177 ? 2.453   6.343   -11.734 1.00 15.00 ? 177 TRP A CZ3 1 
ATOM   1386 C CH2 . TRP A 1 177 ? 2.239   7.325   -10.784 1.00 15.00 ? 177 TRP A CH2 1 
ATOM   1387 N N   . GLY A 1 178 ? -2.858  1.297   -13.750 1.00 15.00 ? 178 GLY A N   1 
ATOM   1388 C CA  . GLY A 1 178 ? -3.443  0.011   -14.255 1.00 15.00 ? 178 GLY A CA  1 
ATOM   1389 C C   . GLY A 1 178 ? -2.524  -1.218  -14.163 1.00 15.00 ? 178 GLY A C   1 
ATOM   1390 O O   . GLY A 1 178 ? -1.439  -1.168  -13.590 1.00 15.00 ? 178 GLY A O   1 
ATOM   1391 N N   . THR A 1 179 ? -2.894  -2.343  -14.776 1.00 15.00 ? 179 THR A N   1 
ATOM   1392 C CA  . THR A 1 179 ? -1.977  -3.450  -15.011 1.00 15.00 ? 179 THR A CA  1 
ATOM   1393 C C   . THR A 1 179 ? -1.135  -2.991  -16.192 1.00 15.00 ? 179 THR A C   1 
ATOM   1394 O O   . THR A 1 179 ? -0.176  -3.651  -16.532 1.00 15.00 ? 179 THR A O   1 
ATOM   1395 C CB  . THR A 1 179 ? -2.731  -4.815  -15.388 1.00 15.00 ? 179 THR A CB  1 
ATOM   1396 O OG1 . THR A 1 179 ? -3.752  -4.514  -16.359 1.00 15.00 ? 179 THR A OG1 1 
ATOM   1397 C CG2 . THR A 1 179 ? -3.376  -5.493  -14.194 1.00 15.00 ? 179 THR A CG2 1 
ATOM   1398 N N   . GLY A 1 180 ? -1.445  -1.897  -16.883 1.00 15.00 ? 180 GLY A N   1 
ATOM   1399 C CA  . GLY A 1 180 ? -0.677  -1.460  -18.006 1.00 15.00 ? 180 GLY A CA  1 
ATOM   1400 C C   . GLY A 1 180 ? 0.500   -0.584  -17.617 1.00 15.00 ? 180 GLY A C   1 
ATOM   1401 O O   . GLY A 1 180 ? 1.308   -0.234  -18.490 1.00 15.00 ? 180 GLY A O   1 
ATOM   1402 N N   . TRP A 1 181 ? 0.610   -0.165  -16.355 1.00 15.00 ? 181 TRP A N   1 
ATOM   1403 C CA  . TRP A 1 181 ? 1.755   0.642   -15.952 1.00 15.00 ? 181 TRP A CA  1 
ATOM   1404 C C   . TRP A 1 181 ? 2.845   -0.297  -15.454 1.00 15.00 ? 181 TRP A C   1 
ATOM   1405 O O   . TRP A 1 181 ? 2.562   -1.302  -14.799 1.00 15.00 ? 181 TRP A O   1 
ATOM   1406 C CB  . TRP A 1 181 ? 1.362   1.647   -14.826 1.00 15.00 ? 181 TRP A CB  1 
ATOM   1407 C CG  . TRP A 1 181 ? 2.553   2.494   -14.278 1.00 15.00 ? 181 TRP A CG  1 
ATOM   1408 C CD1 . TRP A 1 181 ? 2.954   3.685   -14.853 1.00 15.00 ? 181 TRP A CD1 1 
ATOM   1409 C CD2 . TRP A 1 181 ? 3.338   2.161   -13.177 1.00 15.00 ? 181 TRP A CD2 1 
ATOM   1410 N NE1 . TRP A 1 181 ? 3.971   4.086   -14.112 1.00 15.00 ? 181 TRP A NE1 1 
ATOM   1411 C CE2 . TRP A 1 181 ? 4.223   3.215   -13.112 1.00 15.00 ? 181 TRP A CE2 1 
ATOM   1412 C CE3 . TRP A 1 181 ? 3.382   1.123   -12.267 1.00 15.00 ? 181 TRP A CE3 1 
ATOM   1413 C CZ2 . TRP A 1 181 ? 5.171   3.248   -12.130 1.00 15.00 ? 181 TRP A CZ2 1 
ATOM   1414 C CZ3 . TRP A 1 181 ? 4.341   1.163   -11.288 1.00 15.00 ? 181 TRP A CZ3 1 
ATOM   1415 C CH2 . TRP A 1 181 ? 5.219   2.229   -11.228 1.00 15.00 ? 181 TRP A CH2 1 
ATOM   1416 N N   . GLY A 1 182 ? 4.098   0.050   -15.715 1.00 15.00 ? 182 GLY A N   1 
ATOM   1417 C CA  . GLY A 1 182 ? 5.200   -0.699  -15.199 1.00 15.00 ? 182 GLY A CA  1 
ATOM   1418 C C   . GLY A 1 182 ? 5.183   -2.132  -15.642 1.00 15.00 ? 182 GLY A C   1 
ATOM   1419 O O   . GLY A 1 182 ? 4.812   -2.440  -16.766 1.00 15.00 ? 182 GLY A O   1 
ATOM   1420 N N   . GLU A 1 183 ? 5.539   -2.991  -14.697 1.00 15.00 ? 183 GLU A N   1 
ATOM   1421 C CA  . GLU A 1 183 ? 5.652   -4.422  -14.876 1.00 15.00 ? 183 GLU A CA  1 
ATOM   1422 C C   . GLU A 1 183 ? 4.363   -5.096  -14.435 1.00 15.00 ? 183 GLU A C   1 
ATOM   1423 O O   . GLU A 1 183 ? 4.259   -5.719  -13.376 1.00 15.00 ? 183 GLU A O   1 
ATOM   1424 C CB  . GLU A 1 183 ? 6.819   -4.932  -14.048 1.00 15.00 ? 183 GLU A CB  1 
ATOM   1425 C CG  . GLU A 1 183 ? 8.158   -4.397  -14.537 1.00 15.00 ? 183 GLU A CG  1 
ATOM   1426 C CD  . GLU A 1 183 ? 9.400   -5.013  -13.893 1.00 15.00 ? 183 GLU A CD  1 
ATOM   1427 O OE1 . GLU A 1 183 ? 9.347   -5.604  -12.820 1.00 15.00 ? 183 GLU A OE1 1 
ATOM   1428 O OE2 . GLU A 1 183 ? 10.465  -4.892  -14.472 1.00 15.00 ? 183 GLU A OE2 1 
ATOM   1429 N N   . ASN A 1 184 ? 3.348   -4.985  -15.292 1.00 15.00 ? 184 ASN A N   1 
ATOM   1430 C CA  . ASN A 1 184 ? 1.986   -5.458  -15.033 1.00 15.00 ? 184 ASN A CA  1 
ATOM   1431 C C   . ASN A 1 184 ? 1.439   -4.848  -13.764 1.00 15.00 ? 184 ASN A C   1 
ATOM   1432 O O   . ASN A 1 184 ? 0.778   -5.510  -12.954 1.00 15.00 ? 184 ASN A O   1 
ATOM   1433 C CB  . ASN A 1 184 ? 1.919   -6.995  -14.910 1.00 15.00 ? 184 ASN A CB  1 
ATOM   1434 C CG  . ASN A 1 184 ? 2.358   -7.769  -16.160 1.00 15.00 ? 184 ASN A CG  1 
ATOM   1435 O OD1 . ASN A 1 184 ? 2.659   -8.967  -16.091 1.00 15.00 ? 184 ASN A OD1 1 
ATOM   1436 N ND2 . ASN A 1 184 ? 2.481   -7.174  -17.342 1.00 15.00 ? 184 ASN A ND2 1 
ATOM   1437 N N   . GLY A 1 185 ? 1.737   -3.564  -13.561 1.00 15.00 ? 185 GLY A N   1 
ATOM   1438 C CA  . GLY A 1 185 ? 1.255   -2.870  -12.385 1.00 15.00 ? 185 GLY A CA  1 
ATOM   1439 C C   . GLY A 1 185 ? 2.205   -2.790  -11.215 1.00 15.00 ? 185 GLY A C   1 
ATOM   1440 O O   . GLY A 1 185 ? 1.828   -2.188  -10.225 1.00 15.00 ? 185 GLY A O   1 
ATOM   1441 N N   . TYR A 1 186 ? 3.383   -3.414  -11.290 1.00 15.00 ? 186 TYR A N   1 
ATOM   1442 C CA  . TYR A 1 186 ? 4.427   -3.459  -10.272 1.00 15.00 ? 186 TYR A CA  1 
ATOM   1443 C C   . TYR A 1 186 ? 5.661   -2.665  -10.681 1.00 15.00 ? 186 TYR A C   1 
ATOM   1444 O O   . TYR A 1 186 ? 5.799   -2.314  -11.857 1.00 15.00 ? 186 TYR A O   1 
ATOM   1445 C CB  . TYR A 1 186 ? 4.852   -4.886  -10.006 1.00 15.00 ? 186 TYR A CB  1 
ATOM   1446 C CG  . TYR A 1 186 ? 3.749   -5.678  -9.328  1.00 15.00 ? 186 TYR A CG  1 
ATOM   1447 C CD1 . TYR A 1 186 ? 2.737   -6.256  -10.084 1.00 15.00 ? 186 TYR A CD1 1 
ATOM   1448 C CD2 . TYR A 1 186 ? 3.759   -5.796  -7.953  1.00 15.00 ? 186 TYR A CD2 1 
ATOM   1449 C CE1 . TYR A 1 186 ? 1.720   -6.951  -9.461  1.00 15.00 ? 186 TYR A CE1 1 
ATOM   1450 C CE2 . TYR A 1 186 ? 2.745   -6.489  -7.321  1.00 15.00 ? 186 TYR A CE2 1 
ATOM   1451 C CZ  . TYR A 1 186 ? 1.737   -7.053  -8.086  1.00 15.00 ? 186 TYR A CZ  1 
ATOM   1452 O OH  . TYR A 1 186 ? 0.716   -7.723  -7.448  1.00 15.00 ? 186 TYR A OH  1 
ATOM   1453 N N   . ILE A 1 187 ? 6.562   -2.357  -9.731  1.00 15.00 ? 187 ILE A N   1 
ATOM   1454 C CA  . ILE A 1 187 ? 7.803   -1.623  -9.929  1.00 15.00 ? 187 ILE A CA  1 
ATOM   1455 C C   . ILE A 1 187 ? 8.791   -2.188  -8.922  1.00 15.00 ? 187 ILE A C   1 
ATOM   1456 O O   . ILE A 1 187 ? 8.479   -2.524  -7.789  1.00 15.00 ? 187 ILE A O   1 
ATOM   1457 C CB  . ILE A 1 187 ? 7.415   -0.085  -9.770  1.00 15.00 ? 187 ILE A CB  1 
ATOM   1458 C CG1 . ILE A 1 187 ? 8.477   0.838   -10.353 1.00 15.00 ? 187 ILE A CG1 1 
ATOM   1459 C CG2 . ILE A 1 187 ? 7.106   0.233   -8.329  1.00 15.00 ? 187 ILE A CG2 1 
ATOM   1460 C CD1 . ILE A 1 187 ? 9.732   1.057   -9.641  1.00 15.00 ? 187 ILE A CD1 1 
ATOM   1461 N N   . ARG A 1 188 ? 10.000  -2.448  -9.393  1.00 15.00 ? 188 ARG A N   1 
ATOM   1462 C CA  . ARG A 1 188 ? 11.107  -2.890  -8.568  1.00 15.00 ? 188 ARG A CA  1 
ATOM   1463 C C   . ARG A 1 188 ? 11.985  -1.662  -8.469  1.00 15.00 ? 188 ARG A C   1 
ATOM   1464 O O   . ARG A 1 188 ? 12.450  -1.150  -9.490  1.00 15.00 ? 188 ARG A O   1 
ATOM   1465 C CB  . ARG A 1 188 ? 11.832  -3.998  -9.251  1.00 15.00 ? 188 ARG A CB  1 
ATOM   1466 C CG  . ARG A 1 188 ? 10.962  -5.241  -9.352  1.00 15.00 ? 188 ARG A CG  1 
ATOM   1467 C CD  . ARG A 1 188 ? 11.666  -6.324  -10.159 1.00 15.00 ? 188 ARG A CD  1 
ATOM   1468 N NE  . ARG A 1 188 ? 11.835  -5.947  -11.564 1.00 15.00 ? 188 ARG A NE  1 
ATOM   1469 C CZ  . ARG A 1 188 ? 12.848  -6.366  -12.321 1.00 15.00 ? 188 ARG A CZ  1 
ATOM   1470 N NH1 . ARG A 1 188 ? 13.862  -7.045  -11.803 1.00 15.00 ? 188 ARG A NH1 1 
ATOM   1471 N NH2 . ARG A 1 188 ? 12.923  -6.004  -13.593 1.00 15.00 ? 188 ARG A NH2 1 
ATOM   1472 N N   . ILE A 1 189 ? 12.120  -1.117  -7.258  1.00 15.00 ? 189 ILE A N   1 
ATOM   1473 C CA  . ILE A 1 189 ? 12.898  0.093   -6.943  1.00 15.00 ? 189 ILE A CA  1 
ATOM   1474 C C   . ILE A 1 189 ? 14.226  -0.358  -6.367  1.00 15.00 ? 189 ILE A C   1 
ATOM   1475 O O   . ILE A 1 189 ? 14.247  -1.214  -5.472  1.00 15.00 ? 189 ILE A O   1 
ATOM   1476 C CB  . ILE A 1 189 ? 12.236  1.002   -5.859  1.00 15.00 ? 189 ILE A CB  1 
ATOM   1477 C CG1 . ILE A 1 189 ? 10.781  1.284   -6.204  1.00 15.00 ? 189 ILE A CG1 1 
ATOM   1478 C CG2 . ILE A 1 189 ? 13.030  2.298   -5.747  1.00 15.00 ? 189 ILE A CG2 1 
ATOM   1479 C CD1 . ILE A 1 189 ? 10.364  2.701   -6.660  1.00 15.00 ? 189 ILE A CD1 1 
ATOM   1480 N N   . LYS A 1 190 ? 15.303  0.219   -6.885  1.00 15.00 ? 190 LYS A N   1 
ATOM   1481 C CA  . LYS A 1 190 ? 16.636  -0.023  -6.378  1.00 15.00 ? 190 LYS A CA  1 
ATOM   1482 C C   . LYS A 1 190 ? 16.742  0.138   -4.850  1.00 15.00 ? 190 LYS A C   1 
ATOM   1483 O O   . LYS A 1 190 ? 16.199  1.106   -4.296  1.00 15.00 ? 190 LYS A O   1 
ATOM   1484 C CB  . LYS A 1 190 ? 17.565  0.961   -7.079  1.00 15.00 ? 190 LYS A CB  1 
ATOM   1485 C CG  . LYS A 1 190 ? 18.919  0.397   -7.572  1.00 15.00 ? 190 LYS A CG  1 
ATOM   1486 C CD  . LYS A 1 190 ? 19.954  0.133   -6.482  1.00 15.00 ? 190 LYS A CD  1 
ATOM   1487 C CE  . LYS A 1 190 ? 21.237  -0.570  -6.931  1.00 15.00 ? 190 LYS A CE  1 
ATOM   1488 N NZ  . LYS A 1 190 ? 21.918  0.215   -7.932  1.00 15.00 ? 190 LYS A NZ  1 
ATOM   1489 N N   . ARG A 1 191 ? 17.415  -0.784  -4.140  1.00 15.00 ? 191 ARG A N   1 
ATOM   1490 C CA  . ARG A 1 191 ? 17.684  -0.657  -2.709  1.00 15.00 ? 191 ARG A CA  1 
ATOM   1491 C C   . ARG A 1 191 ? 19.186  -0.788  -2.453  1.00 15.00 ? 191 ARG A C   1 
ATOM   1492 O O   . ARG A 1 191 ? 19.907  -1.197  -3.346  1.00 15.00 ? 191 ARG A O   1 
ATOM   1493 C CB  . ARG A 1 191 ? 17.010  -1.747  -1.884  1.00 15.00 ? 191 ARG A CB  1 
ATOM   1494 C CG  . ARG A 1 191 ? 17.564  -3.161  -2.024  1.00 15.00 ? 191 ARG A CG  1 
ATOM   1495 C CD  . ARG A 1 191 ? 16.934  -3.992  -0.937  1.00 15.00 ? 191 ARG A CD  1 
ATOM   1496 N NE  . ARG A 1 191 ? 17.435  -5.360  -0.854  1.00 15.00 ? 191 ARG A NE  1 
ATOM   1497 C CZ  . ARG A 1 191 ? 18.519  -5.745  -0.147  1.00 15.00 ? 191 ARG A CZ  1 
ATOM   1498 N NH1 . ARG A 1 191 ? 19.234  -4.857  0.515   1.00 15.00 ? 191 ARG A NH1 1 
ATOM   1499 N NH2 . ARG A 1 191 ? 18.905  -7.021  -0.103  1.00 15.00 ? 191 ARG A NH2 1 
ATOM   1500 N N   . GLY A 1 192 ? 19.724  -0.500  -1.275  1.00 15.00 ? 192 GLY A N   1 
ATOM   1501 C CA  . GLY A 1 192 ? 21.122  -0.764  -0.966  1.00 15.00 ? 192 GLY A CA  1 
ATOM   1502 C C   . GLY A 1 192 ? 22.025  0.302   -1.511  1.00 15.00 ? 192 GLY A C   1 
ATOM   1503 O O   . GLY A 1 192 ? 23.225  0.112   -1.624  1.00 15.00 ? 192 GLY A O   1 
ATOM   1504 N N   . THR A 1 193 ? 21.415  1.447   -1.761  1.00 15.00 ? 193 THR A N   1 
ATOM   1505 C CA  . THR A 1 193 ? 22.020  2.639   -2.333  1.00 15.00 ? 193 THR A CA  1 
ATOM   1506 C C   . THR A 1 193 ? 22.805  3.430   -1.246  1.00 15.00 ? 193 THR A C   1 
ATOM   1507 O O   . THR A 1 193 ? 23.549  4.368   -1.562  1.00 15.00 ? 193 THR A O   1 
ATOM   1508 C CB  . THR A 1 193 ? 20.752  3.303   -2.960  1.00 15.00 ? 193 THR A CB  1 
ATOM   1509 O OG1 . THR A 1 193 ? 20.922  3.294   -4.366  1.00 15.00 ? 193 THR A OG1 1 
ATOM   1510 C CG2 . THR A 1 193 ? 20.452  4.661   -2.423  1.00 15.00 ? 193 THR A CG2 1 
ATOM   1511 N N   . GLY A 1 194 ? 22.564  3.142   0.054   1.00 15.00 ? 194 GLY A N   1 
ATOM   1512 C CA  . GLY A 1 194 ? 23.230  3.810   1.156   1.00 15.00 ? 194 GLY A CA  1 
ATOM   1513 C C   . GLY A 1 194 ? 22.506  5.097   1.554   1.00 15.00 ? 194 GLY A C   1 
ATOM   1514 O O   . GLY A 1 194 ? 22.816  5.694   2.596   1.00 15.00 ? 194 GLY A O   1 
ATOM   1515 N N   . ASN A 1 195 ? 21.527  5.539   0.729   1.00 15.00 ? 195 ASN A N   1 
ATOM   1516 C CA  . ASN A 1 195 ? 20.705  6.728   0.969   1.00 15.00 ? 195 ASN A CA  1 
ATOM   1517 C C   . ASN A 1 195 ? 19.668  6.259   1.987   1.00 15.00 ? 195 ASN A C   1 
ATOM   1518 O O   . ASN A 1 195 ? 18.961  5.251   1.811   1.00 15.00 ? 195 ASN A O   1 
ATOM   1519 C CB  . ASN A 1 195 ? 20.008  7.195   -0.334  1.00 15.00 ? 195 ASN A CB  1 
ATOM   1520 C CG  . ASN A 1 195 ? 19.205  8.487   -0.239  1.00 15.00 ? 195 ASN A CG  1 
ATOM   1521 O OD1 . ASN A 1 195 ? 19.234  9.180   0.780   1.00 15.00 ? 195 ASN A OD1 1 
ATOM   1522 N ND2 . ASN A 1 195 ? 18.447  8.845   -1.267  1.00 15.00 ? 195 ASN A ND2 1 
ATOM   1523 N N   . SER A 1 196 ? 19.646  6.981   3.094   1.00 15.00 ? 196 SER A N   1 
ATOM   1524 C CA  . SER A 1 196 ? 18.782  6.680   4.216   1.00 15.00 ? 196 SER A CA  1 
ATOM   1525 C C   . SER A 1 196 ? 17.344  6.993   3.858   1.00 15.00 ? 196 SER A C   1 
ATOM   1526 O O   . SER A 1 196 ? 16.443  6.307   4.314   1.00 15.00 ? 196 SER A O   1 
ATOM   1527 C CB  . SER A 1 196 ? 19.324  7.507   5.384   1.00 15.00 ? 196 SER A CB  1 
ATOM   1528 O OG  . SER A 1 196 ? 18.564  7.566   6.581   1.00 15.00 ? 196 SER A OG  1 
ATOM   1529 N N   . TYR A 1 197 ? 17.097  7.996   3.029   1.00 15.00 ? 197 TYR A N   1 
ATOM   1530 C CA  . TYR A 1 197 ? 15.764  8.293   2.543   1.00 15.00 ? 197 TYR A CA  1 
ATOM   1531 C C   . TYR A 1 197 ? 15.138  7.171   1.717   1.00 15.00 ? 197 TYR A C   1 
ATOM   1532 O O   . TYR A 1 197 ? 13.910  7.005   1.699   1.00 15.00 ? 197 TYR A O   1 
ATOM   1533 C CB  . TYR A 1 197 ? 15.779  9.529   1.666   1.00 15.00 ? 197 TYR A CB  1 
ATOM   1534 C CG  . TYR A 1 197 ? 16.040  10.810  2.427   1.00 15.00 ? 197 TYR A CG  1 
ATOM   1535 C CD1 . TYR A 1 197 ? 15.236  11.103  3.509   1.00 15.00 ? 197 TYR A CD1 1 
ATOM   1536 C CD2 . TYR A 1 197 ? 17.053  11.670  2.053   1.00 15.00 ? 197 TYR A CD2 1 
ATOM   1537 C CE1 . TYR A 1 197 ? 15.425  12.249  4.240   1.00 15.00 ? 197 TYR A CE1 1 
ATOM   1538 C CE2 . TYR A 1 197 ? 17.244  12.829  2.787   1.00 15.00 ? 197 TYR A CE2 1 
ATOM   1539 C CZ  . TYR A 1 197 ? 16.432  13.107  3.878   1.00 15.00 ? 197 TYR A CZ  1 
ATOM   1540 O OH  . TYR A 1 197 ? 16.621  14.244  4.649   1.00 15.00 ? 197 TYR A OH  1 
ATOM   1541 N N   . GLY A 1 198 ? 16.015  6.414   1.038   1.00 15.00 ? 198 GLY A N   1 
ATOM   1542 C CA  . GLY A 1 198 ? 15.655  5.371   0.087   1.00 15.00 ? 198 GLY A CA  1 
ATOM   1543 C C   . GLY A 1 198 ? 15.481  5.976   -1.280  1.00 15.00 ? 198 GLY A C   1 
ATOM   1544 O O   . GLY A 1 198 ? 15.270  7.182   -1.350  1.00 15.00 ? 198 GLY A O   1 
ATOM   1545 N N   . VAL A 1 199 ? 15.552  5.251   -2.379  1.00 15.00 ? 199 VAL A N   1 
ATOM   1546 C CA  . VAL A 1 199 ? 15.355  5.864   -3.686  1.00 15.00 ? 199 VAL A CA  1 
ATOM   1547 C C   . VAL A 1 199 ? 13.914  6.402   -3.743  1.00 15.00 ? 199 VAL A C   1 
ATOM   1548 O O   . VAL A 1 199 ? 12.992  5.732   -3.270  1.00 15.00 ? 199 VAL A O   1 
ATOM   1549 C CB  . VAL A 1 199 ? 15.636  4.816   -4.803  1.00 15.00 ? 199 VAL A CB  1 
ATOM   1550 C CG1 . VAL A 1 199 ? 15.398  5.331   -6.221  1.00 15.00 ? 199 VAL A CG1 1 
ATOM   1551 C CG2 . VAL A 1 199 ? 17.102  4.451   -4.668  1.00 15.00 ? 199 VAL A CG2 1 
ATOM   1552 N N   . CYS A 1 200 ? 13.734  7.648   -4.211  1.00 15.00 ? 200 CYS A N   1 
ATOM   1553 C CA  . CYS A 1 200 ? 12.461  8.383   -4.253  1.00 15.00 ? 200 CYS A CA  1 
ATOM   1554 C C   . CYS A 1 200 ? 11.791  8.600   -2.889  1.00 15.00 ? 200 CYS A C   1 
ATOM   1555 O O   . CYS A 1 200 ? 10.588  8.860   -2.811  1.00 15.00 ? 200 CYS A O   1 
ATOM   1556 C CB  . CYS A 1 200 ? 11.462  7.673   -5.200  1.00 15.00 ? 200 CYS A CB  1 
ATOM   1557 S SG  . CYS A 1 200 ? 12.096  7.323   -6.861  1.00 15.00 ? 200 CYS A SG  1 
ATOM   1558 N N   . GLY A 1 201 ? 12.555  8.508   -1.784  1.00 15.00 ? 201 GLY A N   1 
ATOM   1559 C CA  . GLY A 1 201 ? 12.068  8.740   -0.438  1.00 15.00 ? 201 GLY A CA  1 
ATOM   1560 C C   . GLY A 1 201 ? 11.362  7.542   0.133   1.00 15.00 ? 201 GLY A C   1 
ATOM   1561 O O   . GLY A 1 201 ? 10.651  7.682   1.127   1.00 15.00 ? 201 GLY A O   1 
ATOM   1562 N N   . LEU A 1 202 ? 11.626  6.333   -0.393  1.00 15.00 ? 202 LEU A N   1 
ATOM   1563 C CA  . LEU A 1 202 ? 10.887  5.115   -0.017  1.00 15.00 ? 202 LEU A CA  1 
ATOM   1564 C C   . LEU A 1 202 ? 10.916  4.720   1.447   1.00 15.00 ? 202 LEU A C   1 
ATOM   1565 O O   . LEU A 1 202 ? 10.028  3.981   1.888   1.00 15.00 ? 202 LEU A O   1 
ATOM   1566 C CB  . LEU A 1 202 ? 11.379  3.887   -0.844  1.00 15.00 ? 202 LEU A CB  1 
ATOM   1567 C CG  . LEU A 1 202 ? 10.578  2.558   -0.825  1.00 15.00 ? 202 LEU A CG  1 
ATOM   1568 C CD1 . LEU A 1 202 ? 9.229   2.710   -1.550  1.00 15.00 ? 202 LEU A CD1 1 
ATOM   1569 C CD2 . LEU A 1 202 ? 11.431  1.480   -1.485  1.00 15.00 ? 202 LEU A CD2 1 
ATOM   1570 N N   . TYR A 1 203 ? 11.907  5.137   2.255   1.00 15.00 ? 203 TYR A N   1 
ATOM   1571 C CA  . TYR A 1 203 ? 11.946  4.760   3.661   1.00 15.00 ? 203 TYR A CA  1 
ATOM   1572 C C   . TYR A 1 203 ? 11.387  5.879   4.534   1.00 15.00 ? 203 TYR A C   1 
ATOM   1573 O O   . TYR A 1 203 ? 11.544  5.845   5.756   1.00 15.00 ? 203 TYR A O   1 
ATOM   1574 C CB  . TYR A 1 203 ? 13.419  4.393   4.098   1.00 15.00 ? 203 TYR A CB  1 
ATOM   1575 C CG  . TYR A 1 203 ? 14.190  3.398   3.198   1.00 15.00 ? 203 TYR A CG  1 
ATOM   1576 C CD1 . TYR A 1 203 ? 13.511  2.464   2.440   1.00 15.00 ? 203 TYR A CD1 1 
ATOM   1577 C CD2 . TYR A 1 203 ? 15.564  3.491   3.053   1.00 15.00 ? 203 TYR A CD2 1 
ATOM   1578 C CE1 . TYR A 1 203 ? 14.179  1.662   1.539   1.00 15.00 ? 203 TYR A CE1 1 
ATOM   1579 C CE2 . TYR A 1 203 ? 16.247  2.696   2.158   1.00 15.00 ? 203 TYR A CE2 1 
ATOM   1580 C CZ  . TYR A 1 203 ? 15.540  1.786   1.393   1.00 15.00 ? 203 TYR A CZ  1 
ATOM   1581 O OH  . TYR A 1 203 ? 16.147  1.020   0.415   1.00 15.00 ? 203 TYR A OH  1 
ATOM   1582 N N   . THR A 1 204 ? 10.676  6.876   3.994   1.00 15.00 ? 204 THR A N   1 
ATOM   1583 C CA  . THR A 1 204 ? 10.102  7.926   4.824   1.00 15.00 ? 204 THR A CA  1 
ATOM   1584 C C   . THR A 1 204 ? 9.011   7.486   5.812   1.00 15.00 ? 204 THR A C   1 
ATOM   1585 O O   . THR A 1 204 ? 9.089   7.822   7.006   1.00 15.00 ? 204 THR A O   1 
ATOM   1586 C CB  . THR A 1 204 ? 9.588   8.983   3.878   1.00 15.00 ? 204 THR A CB  1 
ATOM   1587 O OG1 . THR A 1 204 ? 10.687  9.402   3.059   1.00 15.00 ? 204 THR A OG1 1 
ATOM   1588 C CG2 . THR A 1 204 ? 9.015   10.175  4.619   1.00 15.00 ? 204 THR A CG2 1 
ATOM   1589 N N   . SER A 1 205 ? 7.999   6.694   5.467   1.00 15.00 ? 205 SER A N   1 
ATOM   1590 C CA  . SER A 1 205 ? 6.947   6.371   6.439   1.00 15.00 ? 205 SER A CA  1 
ATOM   1591 C C   . SER A 1 205 ? 6.247   5.078   6.031   1.00 15.00 ? 205 SER A C   1 
ATOM   1592 O O   . SER A 1 205 ? 5.472   5.099   5.066   1.00 15.00 ? 205 SER A O   1 
ATOM   1593 C CB  . SER A 1 205 ? 5.922   7.552   6.487   1.00 15.00 ? 205 SER A CB  1 
ATOM   1594 O OG  . SER A 1 205 ? 4.874   7.530   7.468   1.00 15.00 ? 205 SER A OG  1 
ATOM   1595 N N   . SER A 1 206 ? 6.422   4.004   6.782   1.00 15.00 ? 206 SER A N   1 
ATOM   1596 C CA  . SER A 1 206 ? 5.914   2.717   6.390   1.00 15.00 ? 206 SER A CA  1 
ATOM   1597 C C   . SER A 1 206 ? 5.142   2.115   7.543   1.00 15.00 ? 206 SER A C   1 
ATOM   1598 O O   . SER A 1 206 ? 5.660   2.119   8.672   1.00 15.00 ? 206 SER A O   1 
ATOM   1599 C CB  . SER A 1 206 ? 7.103   1.867   6.010   1.00 15.00 ? 206 SER A CB  1 
ATOM   1600 O OG  . SER A 1 206 ? 7.883   2.594   5.059   1.00 15.00 ? 206 SER A OG  1 
ATOM   1601 N N   . PHE A 1 207 ? 3.912   1.612   7.314   1.00 15.00 ? 207 PHE A N   1 
ATOM   1602 C CA  . PHE A 1 207 ? 3.083   1.054   8.373   1.00 15.00 ? 207 PHE A CA  1 
ATOM   1603 C C   . PHE A 1 207 ? 2.578   -0.316  7.997   1.00 15.00 ? 207 PHE A C   1 
ATOM   1604 O O   . PHE A 1 207 ? 2.473   -0.666  6.818   1.00 15.00 ? 207 PHE A O   1 
ATOM   1605 C CB  . PHE A 1 207 ? 1.898   1.998   8.654   1.00 15.00 ? 207 PHE A CB  1 
ATOM   1606 C CG  . PHE A 1 207 ? 2.245   3.341   9.319   1.00 15.00 ? 207 PHE A CG  1 
ATOM   1607 C CD1 . PHE A 1 207 ? 2.761   4.390   8.562   1.00 15.00 ? 207 PHE A CD1 1 
ATOM   1608 C CD2 . PHE A 1 207 ? 2.061   3.517   10.681  1.00 15.00 ? 207 PHE A CD2 1 
ATOM   1609 C CE1 . PHE A 1 207 ? 3.086   5.593   9.145   1.00 15.00 ? 207 PHE A CE1 1 
ATOM   1610 C CE2 . PHE A 1 207 ? 2.393   4.728   11.261  1.00 15.00 ? 207 PHE A CE2 1 
ATOM   1611 C CZ  . PHE A 1 207 ? 2.897   5.763   10.501  1.00 15.00 ? 207 PHE A CZ  1 
ATOM   1612 N N   . TYR A 1 208 ? 2.282   -1.120  8.984   1.00 15.00 ? 208 TYR A N   1 
ATOM   1613 C CA  . TYR A 1 208 ? 1.695   -2.414  8.735   1.00 15.00 ? 208 TYR A CA  1 
ATOM   1614 C C   . TYR A 1 208 ? 0.650   -2.738  9.803   1.00 15.00 ? 208 TYR A C   1 
ATOM   1615 O O   . TYR A 1 208 ? 0.767   -2.278  10.945  1.00 15.00 ? 208 TYR A O   1 
ATOM   1616 C CB  . TYR A 1 208 ? 2.751   -3.540  8.706   1.00 15.00 ? 208 TYR A CB  1 
ATOM   1617 C CG  . TYR A 1 208 ? 3.580   -3.777  9.950   1.00 15.00 ? 208 TYR A CG  1 
ATOM   1618 C CD1 . TYR A 1 208 ? 3.135   -4.563  10.993  1.00 15.00 ? 208 TYR A CD1 1 
ATOM   1619 C CD2 . TYR A 1 208 ? 4.813   -3.194  10.007  1.00 15.00 ? 208 TYR A CD2 1 
ATOM   1620 C CE1 . TYR A 1 208 ? 3.921   -4.778  12.101  1.00 15.00 ? 208 TYR A CE1 1 
ATOM   1621 C CE2 . TYR A 1 208 ? 5.609   -3.392  11.110  1.00 15.00 ? 208 TYR A CE2 1 
ATOM   1622 C CZ  . TYR A 1 208 ? 5.156   -4.178  12.141  1.00 15.00 ? 208 TYR A CZ  1 
ATOM   1623 O OH  . TYR A 1 208 ? 5.981   -4.325  13.240  1.00 15.00 ? 208 TYR A OH  1 
ATOM   1624 N N   . PRO A 1 209 ? -0.397  -3.494  9.426   1.00 15.00 ? 209 PRO A N   1 
ATOM   1625 C CA  . PRO A 1 209 ? -1.449  -4.001  10.293  1.00 15.00 ? 209 PRO A CA  1 
ATOM   1626 C C   . PRO A 1 209 ? -0.984  -5.109  11.208  1.00 15.00 ? 209 PRO A C   1 
ATOM   1627 O O   . PRO A 1 209 ? -0.233  -5.981  10.799  1.00 15.00 ? 209 PRO A O   1 
ATOM   1628 C CB  . PRO A 1 209 ? -2.522  -4.432  9.309   1.00 15.00 ? 209 PRO A CB  1 
ATOM   1629 C CG  . PRO A 1 209 ? -1.731  -4.925  8.144   1.00 15.00 ? 209 PRO A CG  1 
ATOM   1630 C CD  . PRO A 1 209 ? -0.749  -3.786  8.034   1.00 15.00 ? 209 PRO A CD  1 
ATOM   1631 N N   . VAL A 1 210 ? -1.413  -5.172  12.436  1.00 15.00 ? 210 VAL A N   1 
ATOM   1632 C CA  . VAL A 1 210 ? -1.057  -6.227  13.360  1.00 15.00 ? 210 VAL A CA  1 
ATOM   1633 C C   . VAL A 1 210 ? -2.355  -7.034  13.444  1.00 15.00 ? 210 VAL A C   1 
ATOM   1634 O O   . VAL A 1 210 ? -3.440  -6.473  13.591  1.00 15.00 ? 210 VAL A O   1 
ATOM   1635 C CB  . VAL A 1 210 ? -0.659  -5.581  14.714  1.00 15.00 ? 210 VAL A CB  1 
ATOM   1636 C CG1 . VAL A 1 210 ? -0.544  -6.557  15.845  1.00 15.00 ? 210 VAL A CG1 1 
ATOM   1637 C CG2 . VAL A 1 210 ? 0.715   -5.022  14.555  1.00 15.00 ? 210 VAL A CG2 1 
ATOM   1638 N N   . LYS A 1 211 ? -2.347  -8.341  13.328  1.00 15.00 ? 211 LYS A N   1 
ATOM   1639 C CA  . LYS A 1 211 ? -3.530  -9.171  13.396  1.00 15.00 ? 211 LYS A CA  1 
ATOM   1640 C C   . LYS A 1 211 ? -2.998  -10.292 14.256  1.00 15.00 ? 211 LYS A C   1 
ATOM   1641 O O   . LYS A 1 211 ? -1.836  -10.700 14.192  1.00 15.00 ? 211 LYS A O   1 
ATOM   1642 C CB  . LYS A 1 211 ? -3.927  -9.645  11.978  1.00 15.00 ? 211 LYS A CB  1 
ATOM   1643 C CG  . LYS A 1 211 ? -5.091  -10.630 11.788  1.00 15.00 ? 211 LYS A CG  1 
ATOM   1644 C CD  . LYS A 1 211 ? -6.392  -10.131 12.424  1.00 15.00 ? 211 LYS A CD  1 
ATOM   1645 C CE  . LYS A 1 211 ? -7.539  -11.157 12.567  1.00 15.00 ? 211 LYS A CE  1 
ATOM   1646 N NZ  . LYS A 1 211 ? -8.447  -10.735 13.634  1.00 15.00 ? 211 LYS A NZ  1 
ATOM   1647 N N   . ASN A 1 212 ? -3.870  -10.706 15.130  1.00 15.00 ? 212 ASN A N   1 
ATOM   1648 C CA  . ASN A 1 212 ? -3.588  -11.740 16.092  1.00 15.00 ? 212 ASN A CA  1 
ATOM   1649 C C   . ASN A 1 212 ? -4.667  -12.757 15.778  1.00 15.00 ? 212 ASN A C   1 
ATOM   1650 O O   . ASN A 1 212 ? -4.287  -13.929 15.730  1.00 15.00 ? 212 ASN A O   1 
ATOM   1651 C CB  . ASN A 1 212 ? -3.727  -11.172 17.517  1.00 15.00 ? 212 ASN A CB  1 
ATOM   1652 C CG  . ASN A 1 212 ? -3.988  -12.110 18.707  1.00 15.00 ? 212 ASN A CG  1 
ATOM   1653 O OD1 . ASN A 1 212 ? -4.075  -11.615 19.842  1.00 15.00 ? 212 ASN A OD1 1 
ATOM   1654 N ND2 . ASN A 1 212 ? -4.120  -13.436 18.643  1.00 15.00 ? 212 ASN A ND2 1 
ATOM   1655 O OXT . ASN A 1 212 ? -5.840  -12.374 15.604  1.00 15.00 ? 212 ASN A OXT 1 
HETATM 1656 N NE2 . ZKO B 2 1   ? 2.879   22.513  -8.806  1.00 15.00 ? 400 ZKO B NE2 1 
HETATM 1657 C CD  . ZKO B 2 1   ? 3.054   21.335  -8.220  1.00 15.00 ? 400 ZKO B CD  1 
HETATM 1658 O OE1 . ZKO B 2 1   ? 2.762   20.345  -8.879  1.00 15.00 ? 400 ZKO B OE1 1 
HETATM 1659 C CG  . ZKO B 2 1   ? 3.583   21.150  -6.802  1.00 15.00 ? 400 ZKO B CG  1 
HETATM 1660 C CB  . ZKO B 2 1   ? 5.038   21.632  -6.555  1.00 15.00 ? 400 ZKO B CB  1 
HETATM 1661 C CA  . ZKO B 2 1   ? 5.650   21.169  -5.223  1.00 15.00 ? 400 ZKO B CA  1 
HETATM 1662 N N   . ZKO B 2 1   ? 7.065   21.486  -5.036  1.00 15.00 ? 400 ZKO B N   1 
HETATM 1663 C C5  . ZKO B 2 1   ? 7.420   21.735  -3.751  1.00 15.00 ? 400 ZKO B C5  1 
HETATM 1664 O O2  . ZKO B 2 1   ? 6.997   21.120  -2.800  1.00 15.00 ? 400 ZKO B O2  1 
HETATM 1665 C C6  . ZKO B 2 1   ? 8.956   21.677  -4.037  1.00 15.00 ? 400 ZKO B C6  1 
HETATM 1666 C C7  . ZKO B 2 1   ? 9.790   20.411  -3.636  1.00 15.00 ? 400 ZKO B C7  1 
HETATM 1667 C C8  . ZKO B 2 1   ? 11.296  20.556  -3.312  1.00 15.00 ? 400 ZKO B C8  1 
HETATM 1668 O O3  . ZKO B 2 1   ? 11.955  19.571  -3.028  1.00 15.00 ? 400 ZKO B O3  1 
HETATM 1669 O O4  . ZKO B 2 1   ? 11.805  21.652  -3.360  1.00 15.00 ? 400 ZKO B O4  1 
HETATM 1670 C C   . ZKO B 2 1   ? 5.758   19.676  -5.319  1.00 15.00 ? 400 ZKO B C   1 
HETATM 1671 O O   . ZKO B 2 1   ? 6.699   19.273  -6.002  1.00 15.00 ? 400 ZKO B O   1 
ATOM   1672 N N   . VAL B 2 2   ? 4.792   19.000  -4.664  1.00 15.00 ? 401 VAL B N   1 
ATOM   1673 C CA  . VAL B 2 2   ? 4.564   17.553  -4.475  1.00 15.00 ? 401 VAL B CA  1 
ATOM   1674 C C   . VAL B 2 2   ? 4.867   17.181  -3.006  1.00 15.00 ? 401 VAL B C   1 
ATOM   1675 O O   . VAL B 2 2   ? 5.822   17.623  -2.357  1.00 15.00 ? 401 VAL B O   1 
ATOM   1676 C CB  . VAL B 2 2   ? 5.388   16.775  -5.549  1.00 15.00 ? 401 VAL B CB  1 
ATOM   1677 C CG1 . VAL B 2 2   ? 6.100   15.495  -5.158  1.00 15.00 ? 401 VAL B CG1 1 
ATOM   1678 C CG2 . VAL B 2 2   ? 4.290   16.601  -6.598  1.00 15.00 ? 401 VAL B CG2 1 
ATOM   1679 N N   . VAL B 2 3   ? 3.773   16.550  -2.542  1.00 15.00 ? 402 VAL B N   1 
ATOM   1680 C CA  . VAL B 2 3   ? 3.389   16.322  -1.139  1.00 15.00 ? 402 VAL B CA  1 
ATOM   1681 C C   . VAL B 2 3   ? 2.184   15.337  -1.167  1.00 15.00 ? 402 VAL B C   1 
ATOM   1682 O O   . VAL B 2 3   ? 1.715   15.039  -2.263  1.00 15.00 ? 402 VAL B O   1 
ATOM   1683 C CB  . VAL B 2 3   ? 2.974   17.708  -0.572  1.00 15.00 ? 402 VAL B CB  1 
ATOM   1684 C CG1 . VAL B 2 3   ? 1.692   18.106  -1.353  1.00 15.00 ? 402 VAL B CG1 1 
ATOM   1685 C CG2 . VAL B 2 3   ? 2.757   17.718  0.951   1.00 15.00 ? 402 VAL B CG2 1 
ATOM   1686 N N   . ALA B 2 4   ? 1.599   14.870  -0.051  1.00 15.00 ? 403 ALA B N   1 
ATOM   1687 C CA  . ALA B 2 4   ? 0.450   13.946  0.027   1.00 15.00 ? 403 ALA B CA  1 
ATOM   1688 C C   . ALA B 2 4   ? -0.772  13.836  -0.943  1.00 15.00 ? 403 ALA B C   1 
ATOM   1689 O O   . ALA B 2 4   ? -1.927  14.080  -0.544  1.00 15.00 ? 403 ALA B O   1 
ATOM   1690 C CB  . ALA B 2 4   ? -0.093  14.093  1.465   1.00 15.00 ? 403 ALA B CB  1 
ATOM   1691 N N   . ALA B 2 5   ? -0.464  13.351  -2.165  1.00 15.00 ? 404 ALA B N   1 
ATOM   1692 C CA  . ALA B 2 5   ? -1.315  12.983  -3.326  1.00 15.00 ? 404 ALA B CA  1 
ATOM   1693 C C   . ALA B 2 5   ? -1.038  13.864  -4.561  1.00 15.00 ? 404 ALA B C   1 
ATOM   1694 O O   . ALA B 2 5   ? -1.201  15.096  -4.512  1.00 15.00 ? 404 ALA B O   1 
ATOM   1695 C CB  . ALA B 2 5   ? -2.853  13.085  -3.119  1.00 15.00 ? 404 ALA B CB  1 
HETATM 1696 N N1  . NIT B 2 6   ? -1.495  13.283  -5.770  1.00 15.00 ? 219 NIT B N1  1 
HETATM 1697 C C1  . NIT B 2 6   ? -0.604  12.813  -6.644  1.00 15.00 ? 219 NIT B C1  1 
HETATM 1698 C C2  . NIT B 2 6   ? 0.473   13.586  -7.103  1.00 15.00 ? 219 NIT B C2  1 
HETATM 1699 C C3  . NIT B 2 6   ? 1.416   13.090  -8.015  1.00 15.00 ? 219 NIT B C3  1 
HETATM 1700 C C4  . NIT B 2 6   ? 1.335   11.800  -8.567  1.00 15.00 ? 219 NIT B C4  1 
HETATM 1701 N N4  . NIT B 2 6   ? 2.244   11.335  -9.422  1.00 15.00 ? 219 NIT B N4  1 
HETATM 1702 O ON1 . NIT B 2 6   ? 3.271   12.113  -9.761  1.00 15.00 ? 219 NIT B ON1 1 
HETATM 1703 O ON2 . NIT B 2 6   ? 2.102   10.105  -9.912  1.00 15.00 ? 219 NIT B ON2 1 
HETATM 1704 C C5  . NIT B 2 6   ? 0.219   11.043  -8.169  1.00 15.00 ? 219 NIT B C5  1 
HETATM 1705 C C6  . NIT B 2 6   ? -0.714  11.542  -7.246  1.00 15.00 ? 219 NIT B C6  1 
# 
